data_5HWN
#
_entry.id   5HWN
#
_cell.length_a   169.800
_cell.length_b   120.140
_cell.length_c   74.070
_cell.angle_alpha   90.00
_cell.angle_beta   112.01
_cell.angle_gamma   90.00
#
_symmetry.space_group_name_H-M   'C 1 2 1'
#
loop_
_entity.id
_entity.type
_entity.pdbx_description
1 polymer 'Probable 5-dehydro-4-deoxyglucarate dehydratase'
2 non-polymer 'PYRUVIC ACID'
3 non-polymer GLYCEROL
4 non-polymer 'FORMIC ACID'
5 water water
#
_entity_poly.entity_id   1
_entity_poly.type   'polypeptide(L)'
_entity_poly.pdbx_seq_one_letter_code
;MDPEQIKTALGSGLLSFPVTHFDAEGRFAADSYREHVEWLAGYKAPVLFAAGGTGEFFSLKPDEIPTIVAAAKEVAGETA
IVSGCGYGTEIAVDIARSVEKVGADGILLLPHYLIDAPQEGLYAHIKKVCQSVGIGVMVYNRDNSVLQADTLARLCDECP
NLVGFKDGTGDIGLVRQITAKMGDRLMYLGGMPTAELFAEAYLGAGFTTYSSAVFNFVPGLANEFYAALRAGERATCERI
LVDFFYPFMAIRNRAKGYAVSAVKAGVRLQGFNAGPVRAPLKDLTNEEIGMLEALIGTHKRKAWSHPQFEK
;
_entity_poly.pdbx_strand_id   A,B,C,D
#
loop_
_chem_comp.id
_chem_comp.type
_chem_comp.name
_chem_comp.formula
FMT non-polymer 'FORMIC ACID' 'C H2 O2'
GOL non-polymer GLYCEROL 'C3 H8 O3'
PYR non-polymer 'PYRUVIC ACID' 'C3 H4 O3'
#
# COMPACT_ATOMS: atom_id res chain seq x y z
N MET A 1 -24.13 -29.25 15.72
CA MET A 1 -25.30 -28.38 16.00
C MET A 1 -25.71 -27.65 14.73
N ASP A 2 -26.89 -27.03 14.76
CA ASP A 2 -27.35 -26.30 13.60
C ASP A 2 -26.78 -24.87 13.57
N PRO A 3 -26.85 -24.22 12.41
CA PRO A 3 -26.23 -22.88 12.32
C PRO A 3 -26.74 -21.88 13.33
N GLU A 4 -28.01 -21.93 13.70
CA GLU A 4 -28.48 -20.97 14.71
C GLU A 4 -27.89 -21.24 16.09
N GLN A 5 -27.57 -22.50 16.38
CA GLN A 5 -26.95 -22.84 17.65
C GLN A 5 -25.51 -22.39 17.70
N ILE A 6 -24.79 -22.54 16.60
CA ILE A 6 -23.41 -22.04 16.58
C ILE A 6 -23.42 -20.51 16.62
N LYS A 7 -24.42 -19.90 15.99
CA LYS A 7 -24.55 -18.45 16.04
C LYS A 7 -24.70 -17.98 17.48
N THR A 8 -25.59 -18.62 18.24
CA THR A 8 -25.75 -18.28 19.65
C THR A 8 -24.44 -18.44 20.44
N ALA A 9 -23.71 -19.52 20.18
CA ALA A 9 -22.46 -19.75 20.88
C ALA A 9 -21.44 -18.62 20.60
N LEU A 10 -21.40 -18.15 19.37
CA LEU A 10 -20.48 -17.07 19.01
C LEU A 10 -20.72 -15.80 19.79
N GLY A 11 -21.96 -15.60 20.27
CA GLY A 11 -22.30 -14.44 21.03
C GLY A 11 -22.26 -14.63 22.54
N SER A 12 -21.66 -15.73 23.01
CA SER A 12 -21.72 -16.06 24.42
CA SER A 12 -21.70 -16.12 24.41
C SER A 12 -20.39 -15.95 25.17
N GLY A 13 -19.38 -15.35 24.55
CA GLY A 13 -18.11 -15.21 25.23
C GLY A 13 -16.94 -15.01 24.29
N LEU A 14 -15.76 -15.31 24.81
CA LEU A 14 -14.49 -15.12 24.11
C LEU A 14 -14.20 -16.29 23.16
N LEU A 15 -13.47 -16.06 22.07
CA LEU A 15 -13.20 -17.11 21.09
C LEU A 15 -11.78 -17.61 21.19
N SER A 16 -11.62 -18.93 21.25
CA SER A 16 -10.32 -19.56 21.38
C SER A 16 -9.86 -20.15 20.04
N PHE A 17 -8.60 -19.89 19.66
CA PHE A 17 -8.01 -20.39 18.41
C PHE A 17 -6.72 -21.12 18.74
N PRO A 18 -6.80 -22.40 19.13
CA PRO A 18 -5.57 -23.08 19.57
CA PRO A 18 -5.57 -23.06 19.56
C PRO A 18 -4.53 -23.23 18.47
N VAL A 19 -3.26 -23.11 18.85
CA VAL A 19 -2.17 -23.45 17.96
C VAL A 19 -2.23 -24.93 17.69
N THR A 20 -1.78 -25.32 16.49
CA THR A 20 -1.71 -26.73 16.15
C THR A 20 -0.34 -27.28 16.54
N HIS A 21 -0.30 -28.33 17.34
CA HIS A 21 0.96 -28.84 17.85
C HIS A 21 1.60 -29.76 16.84
N PHE A 22 2.92 -29.61 16.67
CA PHE A 22 3.69 -30.47 15.77
C PHE A 22 4.83 -31.13 16.54
N ASP A 23 5.23 -32.33 16.11
CA ASP A 23 6.45 -32.94 16.62
C ASP A 23 7.67 -32.34 15.96
N ALA A 24 8.85 -32.82 16.30
CA ALA A 24 10.09 -32.18 15.82
C ALA A 24 10.21 -32.28 14.32
N GLU A 25 9.56 -33.30 13.78
CA GLU A 25 9.57 -33.58 12.33
C GLU A 25 8.47 -32.83 11.59
N GLY A 26 7.69 -32.05 12.32
CA GLY A 26 6.64 -31.24 11.71
C GLY A 26 5.28 -31.91 11.59
N ARG A 27 5.15 -33.16 12.03
CA ARG A 27 3.87 -33.89 11.96
C ARG A 27 2.92 -33.46 13.07
N PHE A 28 1.61 -33.58 12.81
CA PHE A 28 0.62 -33.30 13.86
C PHE A 28 0.87 -34.19 15.08
N ALA A 29 0.91 -33.54 16.24
CA ALA A 29 1.12 -34.21 17.54
C ALA A 29 -0.17 -34.15 18.35
N ALA A 30 -1.02 -35.14 18.14
CA ALA A 30 -2.37 -35.14 18.67
C ALA A 30 -2.40 -35.22 20.18
N ASP A 31 -1.51 -36.01 20.77
N ASP A 31 -1.51 -36.02 20.76
CA ASP A 31 -1.55 -36.13 22.22
CA ASP A 31 -1.46 -36.16 22.22
C ASP A 31 -1.22 -34.82 22.91
C ASP A 31 -1.23 -34.81 22.88
N SER A 32 -0.20 -34.12 22.44
CA SER A 32 0.13 -32.80 23.00
C SER A 32 -0.99 -31.78 22.76
N TYR A 33 -1.57 -31.82 21.55
CA TYR A 33 -2.68 -30.93 21.23
C TYR A 33 -3.83 -31.12 22.19
N ARG A 34 -4.20 -32.38 22.42
CA ARG A 34 -5.34 -32.64 23.30
C ARG A 34 -5.04 -32.22 24.75
N GLU A 35 -3.81 -32.42 25.21
N GLU A 35 -3.80 -32.41 25.20
CA GLU A 35 -3.45 -31.98 26.56
CA GLU A 35 -3.39 -32.01 26.54
C GLU A 35 -3.70 -30.48 26.71
C GLU A 35 -3.58 -30.49 26.73
N HIS A 36 -3.23 -29.73 25.71
CA HIS A 36 -3.36 -28.28 25.76
C HIS A 36 -4.82 -27.85 25.65
N VAL A 37 -5.57 -28.44 24.72
CA VAL A 37 -6.98 -28.15 24.61
C VAL A 37 -7.73 -28.48 25.90
N GLU A 38 -7.39 -29.60 26.53
CA GLU A 38 -8.05 -29.95 27.79
C GLU A 38 -7.76 -28.89 28.88
N TRP A 39 -6.50 -28.42 28.96
CA TRP A 39 -6.15 -27.38 29.91
C TRP A 39 -6.93 -26.08 29.63
N LEU A 40 -7.02 -25.68 28.35
CA LEU A 40 -7.76 -24.50 27.99
C LEU A 40 -9.24 -24.62 28.32
N ALA A 41 -9.78 -25.83 28.29
CA ALA A 41 -11.22 -26.01 28.50
C ALA A 41 -11.66 -25.52 29.90
N GLY A 42 -10.74 -25.49 30.85
CA GLY A 42 -11.03 -25.01 32.18
C GLY A 42 -11.39 -23.53 32.24
N TYR A 43 -11.04 -22.82 31.17
CA TYR A 43 -11.28 -21.39 31.08
CA TYR A 43 -11.27 -21.39 31.08
C TYR A 43 -12.53 -21.03 30.27
N LYS A 44 -13.24 -22.04 29.81
CA LYS A 44 -14.63 -21.92 29.36
C LYS A 44 -14.95 -20.98 28.18
N ALA A 45 -14.05 -20.89 27.21
CA ALA A 45 -14.39 -20.23 25.96
C ALA A 45 -15.53 -21.03 25.30
N PRO A 46 -16.58 -20.35 24.79
CA PRO A 46 -17.72 -21.12 24.27
C PRO A 46 -17.51 -21.70 22.87
N VAL A 47 -16.52 -21.19 22.16
CA VAL A 47 -16.22 -21.67 20.81
C VAL A 47 -14.72 -21.81 20.66
N LEU A 48 -14.33 -22.93 20.07
CA LEU A 48 -12.95 -23.28 19.80
C LEU A 48 -12.84 -23.41 18.28
N PHE A 49 -11.91 -22.67 17.70
CA PHE A 49 -11.64 -22.70 16.27
C PHE A 49 -10.38 -23.53 16.06
N ALA A 50 -10.57 -24.76 15.60
CA ALA A 50 -9.47 -25.66 15.31
C ALA A 50 -8.93 -25.38 13.91
N ALA A 51 -7.61 -25.35 13.77
CA ALA A 51 -6.99 -25.15 12.47
C ALA A 51 -7.46 -23.83 11.86
N GLY A 52 -7.49 -22.77 12.66
CA GLY A 52 -7.62 -21.42 12.19
C GLY A 52 -6.25 -20.88 11.79
N GLY A 53 -6.16 -19.58 11.61
CA GLY A 53 -4.88 -18.95 11.32
C GLY A 53 -3.84 -19.16 12.42
N THR A 54 -4.23 -18.92 13.66
CA THR A 54 -3.34 -19.16 14.79
C THR A 54 -2.94 -20.63 14.86
N GLY A 55 -3.82 -21.49 14.37
CA GLY A 55 -3.56 -22.93 14.23
C GLY A 55 -2.83 -23.34 12.94
N GLU A 56 -2.28 -22.36 12.24
CA GLU A 56 -1.46 -22.63 11.05
C GLU A 56 -2.24 -23.33 9.93
N PHE A 57 -3.52 -22.97 9.78
CA PHE A 57 -4.33 -23.50 8.69
C PHE A 57 -3.58 -23.49 7.38
N PHE A 58 -2.93 -22.36 7.12
CA PHE A 58 -2.23 -22.10 5.83
C PHE A 58 -1.03 -22.99 5.57
N SER A 59 -0.63 -23.82 6.55
CA SER A 59 0.45 -24.80 6.38
C SER A 59 0.03 -26.26 6.53
N LEU A 60 -1.28 -26.50 6.64
CA LEU A 60 -1.81 -27.85 6.80
C LEU A 60 -2.15 -28.44 5.45
N LYS A 61 -1.94 -29.75 5.31
CA LYS A 61 -2.50 -30.46 4.16
C LYS A 61 -3.97 -30.61 4.40
N PRO A 62 -4.82 -30.52 3.37
CA PRO A 62 -6.27 -30.72 3.57
C PRO A 62 -6.59 -31.98 4.37
N ASP A 63 -5.86 -33.07 4.14
CA ASP A 63 -6.18 -34.31 4.85
C ASP A 63 -5.88 -34.29 6.35
N GLU A 64 -5.08 -33.33 6.79
CA GLU A 64 -4.78 -33.18 8.21
C GLU A 64 -5.91 -32.51 8.98
N ILE A 65 -6.71 -31.71 8.31
CA ILE A 65 -7.68 -30.85 9.00
C ILE A 65 -8.73 -31.63 9.76
N PRO A 66 -9.35 -32.66 9.15
CA PRO A 66 -10.31 -33.42 9.95
C PRO A 66 -9.71 -34.14 11.15
N THR A 67 -8.46 -34.59 11.06
CA THR A 67 -7.81 -35.27 12.17
C THR A 67 -7.62 -34.30 13.35
N ILE A 68 -7.28 -33.06 13.03
CA ILE A 68 -7.09 -32.04 14.06
C ILE A 68 -8.42 -31.68 14.70
N VAL A 69 -9.45 -31.47 13.88
CA VAL A 69 -10.79 -31.22 14.40
C VAL A 69 -11.25 -32.38 15.32
N ALA A 70 -11.09 -33.61 14.87
CA ALA A 70 -11.51 -34.75 15.68
C ALA A 70 -10.74 -34.78 17.01
N ALA A 71 -9.45 -34.43 16.99
CA ALA A 71 -8.66 -34.41 18.22
C ALA A 71 -9.23 -33.40 19.20
N ALA A 72 -9.52 -32.19 18.73
CA ALA A 72 -10.09 -31.16 19.58
C ALA A 72 -11.42 -31.63 20.16
N LYS A 73 -12.25 -32.27 19.34
CA LYS A 73 -13.56 -32.72 19.77
C LYS A 73 -13.49 -33.75 20.89
N GLU A 74 -12.44 -34.55 20.91
CA GLU A 74 -12.28 -35.55 21.97
C GLU A 74 -12.31 -34.91 23.36
N VAL A 75 -11.72 -33.71 23.50
CA VAL A 75 -11.43 -33.17 24.83
C VAL A 75 -12.01 -31.79 25.12
N ALA A 76 -12.71 -31.22 24.14
CA ALA A 76 -13.19 -29.86 24.31
C ALA A 76 -14.49 -29.73 25.12
N GLY A 77 -15.14 -30.86 25.43
N GLY A 77 -15.19 -30.85 25.33
CA GLY A 77 -16.32 -30.84 26.27
CA GLY A 77 -16.46 -30.85 26.03
C GLY A 77 -17.48 -30.16 25.57
C GLY A 77 -17.66 -30.54 25.14
N GLU A 78 -18.34 -29.49 26.34
N GLU A 78 -18.60 -29.75 25.67
CA GLU A 78 -19.54 -28.84 25.82
CA GLU A 78 -19.79 -29.36 24.93
C GLU A 78 -19.18 -27.51 25.18
C GLU A 78 -19.56 -28.08 24.12
N THR A 79 -18.48 -27.59 24.06
N THR A 79 -18.37 -27.49 24.28
CA THR A 79 -17.88 -26.43 23.42
CA THR A 79 -17.94 -26.33 23.49
C THR A 79 -18.11 -26.56 21.94
C THR A 79 -18.15 -26.54 21.99
N ALA A 80 -18.52 -25.47 21.30
CA ALA A 80 -18.71 -25.52 19.85
C ALA A 80 -17.33 -25.57 19.21
N ILE A 81 -17.19 -26.40 18.18
CA ILE A 81 -15.92 -26.56 17.45
C ILE A 81 -16.10 -26.11 16.01
N VAL A 82 -15.36 -25.08 15.65
CA VAL A 82 -15.38 -24.54 14.29
C VAL A 82 -14.05 -24.88 13.64
N SER A 83 -14.10 -25.35 12.39
CA SER A 83 -12.87 -25.61 11.64
C SER A 83 -12.48 -24.49 10.70
N GLY A 84 -11.19 -24.27 10.54
CA GLY A 84 -10.72 -23.50 9.41
C GLY A 84 -11.06 -24.16 8.08
N CYS A 85 -11.20 -23.30 7.07
CA CYS A 85 -11.44 -23.73 5.70
C CYS A 85 -10.85 -22.61 4.84
N GLY A 86 -10.61 -22.86 3.57
CA GLY A 86 -9.97 -21.85 2.74
C GLY A 86 -9.60 -22.40 1.38
N TYR A 87 -8.81 -21.57 0.70
CA TYR A 87 -8.29 -21.80 -0.65
C TYR A 87 -9.39 -21.55 -1.65
N GLY A 88 -9.09 -21.85 -2.91
CA GLY A 88 -10.09 -21.73 -3.97
C GLY A 88 -11.25 -22.68 -3.76
N THR A 89 -12.31 -22.51 -4.53
CA THR A 89 -13.58 -23.17 -4.29
C THR A 89 -13.49 -24.69 -4.26
N GLU A 90 -12.77 -25.28 -5.22
CA GLU A 90 -12.69 -26.72 -5.32
C GLU A 90 -12.11 -27.34 -4.05
N ILE A 91 -11.00 -26.77 -3.59
CA ILE A 91 -10.37 -27.25 -2.35
C ILE A 91 -11.24 -26.94 -1.14
N ALA A 92 -11.77 -25.73 -1.08
CA ALA A 92 -12.58 -25.28 0.07
C ALA A 92 -13.79 -26.18 0.28
N VAL A 93 -14.51 -26.52 -0.78
CA VAL A 93 -15.67 -27.39 -0.64
C VAL A 93 -15.30 -28.77 -0.10
N ASP A 94 -14.21 -29.34 -0.57
CA ASP A 94 -13.77 -30.66 -0.11
C ASP A 94 -13.38 -30.56 1.38
N ILE A 95 -12.69 -29.50 1.77
CA ILE A 95 -12.34 -29.34 3.20
C ILE A 95 -13.61 -29.20 4.01
N ALA A 96 -14.50 -28.32 3.59
CA ALA A 96 -15.73 -28.09 4.32
C ALA A 96 -16.50 -29.39 4.56
N ARG A 97 -16.69 -30.18 3.49
CA ARG A 97 -17.43 -31.41 3.64
C ARG A 97 -16.70 -32.40 4.53
N SER A 98 -15.38 -32.40 4.47
CA SER A 98 -14.61 -33.35 5.29
C SER A 98 -14.71 -33.04 6.78
N VAL A 99 -14.76 -31.77 7.15
CA VAL A 99 -14.87 -31.44 8.57
C VAL A 99 -16.29 -31.52 9.06
N GLU A 100 -17.26 -31.25 8.20
CA GLU A 100 -18.66 -31.53 8.56
C GLU A 100 -18.82 -33.02 8.90
N LYS A 101 -18.16 -33.88 8.14
N LYS A 101 -18.18 -33.88 8.12
CA LYS A 101 -18.27 -35.33 8.35
CA LYS A 101 -18.26 -35.32 8.34
C LYS A 101 -17.67 -35.82 9.67
C LYS A 101 -17.78 -35.71 9.74
N VAL A 102 -16.68 -35.11 10.21
CA VAL A 102 -16.11 -35.46 11.52
C VAL A 102 -16.78 -34.73 12.68
N GLY A 103 -17.80 -33.96 12.39
CA GLY A 103 -18.66 -33.38 13.39
C GLY A 103 -18.35 -31.95 13.79
N ALA A 104 -17.67 -31.21 12.92
CA ALA A 104 -17.48 -29.78 13.18
C ALA A 104 -18.83 -29.12 13.27
N ASP A 105 -18.91 -28.07 14.09
CA ASP A 105 -20.13 -27.29 14.26
C ASP A 105 -20.20 -26.08 13.33
N GLY A 106 -19.12 -25.82 12.61
CA GLY A 106 -19.10 -24.70 11.68
C GLY A 106 -17.78 -24.64 10.98
N ILE A 107 -17.69 -23.75 9.98
CA ILE A 107 -16.41 -23.44 9.33
C ILE A 107 -16.17 -21.93 9.32
N LEU A 108 -14.90 -21.58 9.50
CA LEU A 108 -14.41 -20.21 9.32
C LEU A 108 -13.70 -20.21 7.98
N LEU A 109 -14.26 -19.44 7.04
CA LEU A 109 -13.73 -19.43 5.68
C LEU A 109 -12.69 -18.37 5.47
N LEU A 110 -11.45 -18.81 5.45
CA LEU A 110 -10.30 -17.97 5.16
C LEU A 110 -10.29 -17.62 3.68
N PRO A 111 -9.47 -16.64 3.30
CA PRO A 111 -9.45 -16.19 1.89
C PRO A 111 -9.13 -17.29 0.92
N HIS A 112 -9.61 -17.10 -0.31
CA HIS A 112 -9.16 -17.91 -1.40
C HIS A 112 -7.66 -17.61 -1.64
N TYR A 113 -7.02 -18.43 -2.47
CA TYR A 113 -5.58 -18.33 -2.69
C TYR A 113 -5.18 -17.33 -3.76
N LEU A 114 -4.19 -16.49 -3.40
CA LEU A 114 -3.35 -15.69 -4.31
C LEU A 114 -3.98 -14.46 -4.96
N ILE A 115 -5.10 -14.63 -5.65
CA ILE A 115 -5.51 -13.57 -6.57
C ILE A 115 -6.42 -12.55 -5.98
N ASP A 116 -6.33 -11.32 -6.50
N ASP A 116 -6.40 -11.34 -6.56
CA ASP A 116 -7.36 -10.35 -6.26
CA ASP A 116 -7.36 -10.31 -6.21
C ASP A 116 -8.55 -10.76 -7.10
C ASP A 116 -8.57 -10.37 -7.15
N ALA A 117 -9.74 -10.55 -6.55
CA ALA A 117 -10.96 -10.94 -7.23
C ALA A 117 -12.03 -9.86 -7.18
N PRO A 118 -12.88 -9.81 -8.20
CA PRO A 118 -14.02 -8.91 -8.19
C PRO A 118 -15.09 -9.31 -7.16
N GLN A 119 -15.88 -8.38 -6.67
CA GLN A 119 -16.94 -8.70 -5.69
C GLN A 119 -17.89 -9.79 -6.17
N GLU A 120 -18.24 -9.76 -7.45
N GLU A 120 -18.26 -9.79 -7.44
CA GLU A 120 -19.13 -10.77 -8.03
CA GLU A 120 -19.19 -10.79 -7.94
C GLU A 120 -18.53 -12.17 -7.89
C GLU A 120 -18.55 -12.19 -7.93
N GLY A 121 -17.22 -12.24 -8.01
CA GLY A 121 -16.49 -13.48 -7.95
C GLY A 121 -16.38 -13.96 -6.52
N LEU A 122 -16.14 -13.05 -5.59
CA LEU A 122 -16.16 -13.40 -4.16
C LEU A 122 -17.51 -13.96 -3.78
N TYR A 123 -18.56 -13.27 -4.19
CA TYR A 123 -19.92 -13.76 -3.96
C TYR A 123 -20.10 -15.19 -4.47
N ALA A 124 -19.71 -15.47 -5.70
CA ALA A 124 -19.93 -16.79 -6.25
C ALA A 124 -19.15 -17.87 -5.54
N HIS A 125 -17.92 -17.55 -5.15
CA HIS A 125 -17.07 -18.50 -4.43
C HIS A 125 -17.63 -18.78 -3.04
N ILE A 126 -17.94 -17.74 -2.30
CA ILE A 126 -18.42 -17.95 -0.94
C ILE A 126 -19.82 -18.64 -0.93
N LYS A 127 -20.69 -18.29 -1.87
CA LYS A 127 -22.01 -18.95 -1.95
C LYS A 127 -21.83 -20.44 -2.19
N LYS A 128 -20.94 -20.81 -3.11
N LYS A 128 -20.94 -20.80 -3.12
CA LYS A 128 -20.72 -22.23 -3.40
CA LYS A 128 -20.70 -22.22 -3.41
C LYS A 128 -20.20 -22.98 -2.17
C LYS A 128 -20.23 -22.95 -2.15
N VAL A 129 -19.32 -22.36 -1.40
CA VAL A 129 -18.82 -23.01 -0.18
C VAL A 129 -19.96 -23.15 0.83
N CYS A 130 -20.72 -22.08 1.07
CA CYS A 130 -21.84 -22.16 2.02
C CYS A 130 -22.86 -23.20 1.64
N GLN A 131 -23.13 -23.35 0.35
CA GLN A 131 -24.16 -24.28 -0.08
C GLN A 131 -23.69 -25.72 -0.08
N SER A 132 -22.40 -25.94 0.17
CA SER A 132 -21.86 -27.28 0.13
C SER A 132 -22.02 -28.06 1.43
N VAL A 133 -22.39 -27.37 2.51
CA VAL A 133 -22.54 -27.95 3.83
C VAL A 133 -23.79 -27.41 4.51
N GLY A 134 -24.24 -28.10 5.55
CA GLY A 134 -25.37 -27.64 6.35
C GLY A 134 -24.98 -26.93 7.62
N ILE A 135 -23.70 -26.99 7.97
CA ILE A 135 -23.25 -26.34 9.20
C ILE A 135 -23.02 -24.84 9.00
N GLY A 136 -22.86 -24.12 10.11
CA GLY A 136 -22.70 -22.69 10.09
C GLY A 136 -21.40 -22.26 9.44
N VAL A 137 -21.43 -21.08 8.82
CA VAL A 137 -20.25 -20.50 8.17
C VAL A 137 -20.00 -19.09 8.70
N MET A 138 -18.73 -18.81 9.00
CA MET A 138 -18.32 -17.44 9.29
C MET A 138 -17.39 -17.01 8.18
N VAL A 139 -17.65 -15.86 7.56
CA VAL A 139 -16.71 -15.33 6.59
C VAL A 139 -15.68 -14.48 7.27
N TYR A 140 -14.61 -14.17 6.55
N TYR A 140 -14.51 -14.36 6.64
CA TYR A 140 -13.40 -13.64 7.16
CA TYR A 140 -13.38 -13.63 7.21
C TYR A 140 -12.77 -12.61 6.22
C TYR A 140 -12.93 -12.62 6.15
N ASN A 141 -13.07 -11.34 6.49
CA ASN A 141 -12.60 -10.26 5.66
C ASN A 141 -11.17 -9.99 5.99
N ARG A 142 -10.28 -10.30 5.04
N ARG A 142 -10.29 -10.27 5.04
CA ARG A 142 -8.84 -10.28 5.26
CA ARG A 142 -8.90 -9.98 5.22
C ARG A 142 -8.06 -10.37 3.93
C ARG A 142 -8.20 -10.15 3.89
N ASP A 143 -7.02 -9.56 3.81
CA ASP A 143 -6.11 -9.67 2.65
C ASP A 143 -6.85 -9.57 1.30
N ASN A 144 -6.83 -10.64 0.50
CA ASN A 144 -7.41 -10.62 -0.82
C ASN A 144 -8.88 -11.01 -0.89
N SER A 145 -9.54 -11.10 0.25
CA SER A 145 -10.97 -11.33 0.28
C SER A 145 -11.63 -10.34 1.23
N VAL A 146 -12.06 -9.20 0.69
CA VAL A 146 -12.74 -8.17 1.46
C VAL A 146 -14.11 -7.90 0.85
N LEU A 147 -15.15 -8.44 1.48
CA LEU A 147 -16.54 -8.20 1.05
C LEU A 147 -16.98 -6.81 1.41
N GLN A 148 -17.62 -6.13 0.45
CA GLN A 148 -18.32 -4.89 0.74
C GLN A 148 -19.68 -5.21 1.38
N ALA A 149 -20.29 -4.23 2.05
CA ALA A 149 -21.55 -4.44 2.74
C ALA A 149 -22.66 -4.98 1.82
N ASP A 150 -22.77 -4.46 0.60
CA ASP A 150 -23.82 -4.92 -0.30
C ASP A 150 -23.64 -6.39 -0.72
N THR A 151 -22.40 -6.79 -0.96
CA THR A 151 -22.10 -8.16 -1.36
C THR A 151 -22.41 -9.11 -0.22
N LEU A 152 -22.00 -8.72 0.97
CA LEU A 152 -22.29 -9.53 2.15
C LEU A 152 -23.79 -9.66 2.38
N ALA A 153 -24.54 -8.58 2.17
CA ALA A 153 -25.99 -8.63 2.35
C ALA A 153 -26.60 -9.64 1.38
N ARG A 154 -26.12 -9.68 0.15
N ARG A 154 -26.13 -9.65 0.14
CA ARG A 154 -26.64 -10.62 -0.84
CA ARG A 154 -26.60 -10.59 -0.86
C ARG A 154 -26.34 -12.06 -0.43
C ARG A 154 -26.35 -12.03 -0.38
N LEU A 155 -25.14 -12.28 0.12
CA LEU A 155 -24.81 -13.61 0.64
C LEU A 155 -25.70 -14.02 1.81
N CYS A 156 -25.99 -13.09 2.70
CA CYS A 156 -26.83 -13.37 3.85
C CYS A 156 -28.25 -13.74 3.43
N ASP A 157 -28.75 -13.06 2.39
CA ASP A 157 -30.08 -13.34 1.87
C ASP A 157 -30.17 -14.72 1.21
N GLU A 158 -29.07 -15.21 0.67
N GLU A 158 -29.06 -15.15 0.61
CA GLU A 158 -29.14 -16.46 -0.08
CA GLU A 158 -29.00 -16.40 -0.16
C GLU A 158 -28.54 -17.66 0.64
C GLU A 158 -28.65 -17.61 0.70
N CYS A 159 -27.83 -17.39 1.73
CA CYS A 159 -27.21 -18.46 2.50
C CYS A 159 -27.56 -18.38 3.98
N PRO A 160 -28.63 -19.09 4.38
CA PRO A 160 -29.07 -18.96 5.77
C PRO A 160 -28.04 -19.45 6.80
N ASN A 161 -27.17 -20.36 6.37
CA ASN A 161 -26.15 -20.91 7.27
C ASN A 161 -24.95 -20.00 7.47
N LEU A 162 -24.85 -18.93 6.67
N LEU A 162 -24.88 -18.93 6.67
CA LEU A 162 -23.81 -17.92 6.89
CA LEU A 162 -23.91 -17.88 6.90
C LEU A 162 -24.27 -17.03 8.06
C LEU A 162 -24.39 -17.12 8.13
N VAL A 163 -23.61 -17.18 9.22
CA VAL A 163 -24.06 -16.61 10.50
C VAL A 163 -23.05 -15.72 11.20
N GLY A 164 -21.81 -15.69 10.71
CA GLY A 164 -20.79 -14.86 11.33
C GLY A 164 -19.91 -14.13 10.33
N PHE A 165 -19.31 -13.06 10.84
CA PHE A 165 -18.42 -12.17 10.08
C PHE A 165 -17.23 -11.82 10.95
N LYS A 166 -16.05 -12.23 10.52
CA LYS A 166 -14.79 -11.95 11.22
CA LYS A 166 -14.81 -11.94 11.22
C LYS A 166 -14.01 -10.91 10.45
N ASP A 167 -13.54 -9.87 11.13
CA ASP A 167 -12.75 -8.83 10.48
C ASP A 167 -11.28 -8.90 10.79
N GLY A 168 -10.47 -8.94 9.74
CA GLY A 168 -9.02 -8.87 9.86
C GLY A 168 -8.42 -7.68 9.13
N THR A 169 -9.27 -6.75 8.71
CA THR A 169 -8.80 -5.57 7.93
C THR A 169 -8.46 -4.38 8.82
N GLY A 170 -9.18 -4.20 9.92
CA GLY A 170 -8.96 -3.03 10.77
C GLY A 170 -9.61 -1.82 10.17
N ASP A 171 -10.42 -2.01 9.13
CA ASP A 171 -11.08 -0.91 8.45
C ASP A 171 -12.36 -0.59 9.22
N ILE A 172 -12.22 0.28 10.22
N ILE A 172 -12.26 0.27 10.23
CA ILE A 172 -13.32 0.68 11.09
CA ILE A 172 -13.43 0.55 11.08
C ILE A 172 -14.51 1.25 10.33
C ILE A 172 -14.55 1.27 10.33
N GLY A 173 -14.22 2.05 9.31
CA GLY A 173 -15.26 2.68 8.53
C GLY A 173 -16.15 1.65 7.87
N LEU A 174 -15.52 0.66 7.23
CA LEU A 174 -16.24 -0.40 6.55
C LEU A 174 -17.01 -1.30 7.53
N VAL A 175 -16.38 -1.70 8.62
CA VAL A 175 -17.06 -2.67 9.48
C VAL A 175 -18.27 -2.04 10.17
N ARG A 176 -18.21 -0.74 10.49
CA ARG A 176 -19.39 -0.11 11.07
C ARG A 176 -20.54 -0.07 10.06
N GLN A 177 -20.21 0.12 8.78
CA GLN A 177 -21.22 0.14 7.73
C GLN A 177 -21.87 -1.24 7.63
N ILE A 178 -21.04 -2.28 7.74
CA ILE A 178 -21.53 -3.66 7.69
C ILE A 178 -22.46 -3.96 8.88
N THR A 179 -22.09 -3.59 10.10
CA THR A 179 -22.99 -3.83 11.22
C THR A 179 -24.28 -3.02 11.12
N ALA A 180 -24.19 -1.79 10.62
CA ALA A 180 -25.40 -0.99 10.43
C ALA A 180 -26.33 -1.64 9.42
N LYS A 181 -25.76 -2.23 8.37
CA LYS A 181 -26.57 -2.82 7.31
C LYS A 181 -27.20 -4.16 7.70
N MET A 182 -26.43 -5.03 8.36
CA MET A 182 -26.91 -6.36 8.68
C MET A 182 -27.53 -6.51 10.06
N GLY A 183 -27.12 -5.68 11.02
CA GLY A 183 -27.69 -5.79 12.35
C GLY A 183 -27.50 -7.16 12.94
N ASP A 184 -28.55 -7.72 13.54
CA ASP A 184 -28.42 -8.99 14.24
C ASP A 184 -28.48 -10.21 13.35
N ARG A 185 -28.47 -9.99 12.04
CA ARG A 185 -28.40 -11.11 11.08
C ARG A 185 -27.08 -11.89 11.24
N LEU A 186 -26.02 -11.20 11.61
CA LEU A 186 -24.70 -11.81 11.79
C LEU A 186 -24.16 -11.56 13.18
N MET A 187 -23.31 -12.48 13.66
CA MET A 187 -22.44 -12.24 14.80
C MET A 187 -21.11 -11.70 14.30
N TYR A 188 -20.66 -10.62 14.94
CA TYR A 188 -19.46 -9.87 14.52
C TYR A 188 -18.27 -10.22 15.40
N LEU A 189 -17.22 -10.75 14.77
CA LEU A 189 -16.05 -11.26 15.47
C LEU A 189 -14.81 -10.44 15.14
N GLY A 190 -14.20 -9.80 16.14
CA GLY A 190 -12.91 -9.18 15.92
C GLY A 190 -11.85 -10.20 15.55
N GLY A 191 -11.05 -9.86 14.55
CA GLY A 191 -10.06 -10.77 14.02
C GLY A 191 -8.70 -10.17 13.71
N MET A 192 -8.37 -9.00 14.25
CA MET A 192 -7.02 -8.49 14.08
C MET A 192 -6.05 -9.35 14.85
N PRO A 193 -4.81 -9.31 14.38
N PRO A 193 -4.77 -9.45 14.48
CA PRO A 193 -3.62 -9.63 15.14
CA PRO A 193 -3.95 -10.55 15.05
C PRO A 193 -3.65 -8.88 16.44
C PRO A 193 -3.85 -10.79 16.64
N THR A 194 -3.55 -9.73 17.40
CA THR A 194 -3.63 -9.48 18.83
C THR A 194 -4.84 -8.58 19.10
N ALA A 195 -6.02 -9.19 19.07
CA ALA A 195 -7.25 -8.43 18.96
C ALA A 195 -7.64 -7.54 20.15
N GLU A 196 -7.07 -7.80 21.31
CA GLU A 196 -7.32 -6.96 22.48
C GLU A 196 -6.90 -5.50 22.23
N LEU A 197 -5.94 -5.30 21.33
N LEU A 197 -5.94 -5.27 21.34
CA LEU A 197 -5.47 -3.95 20.98
CA LEU A 197 -5.52 -3.89 21.02
C LEU A 197 -6.54 -3.12 20.29
C LEU A 197 -6.67 -3.08 20.41
N PHE A 198 -7.58 -3.79 19.78
CA PHE A 198 -8.65 -3.20 19.00
C PHE A 198 -10.01 -3.30 19.65
N ALA A 199 -10.10 -4.08 20.74
CA ALA A 199 -11.41 -4.49 21.23
C ALA A 199 -12.30 -3.39 21.75
N GLU A 200 -11.72 -2.42 22.46
CA GLU A 200 -12.50 -1.31 22.99
C GLU A 200 -13.10 -0.45 21.87
N ALA A 201 -12.30 -0.16 20.84
CA ALA A 201 -12.81 0.54 19.66
C ALA A 201 -13.84 -0.27 18.91
N TYR A 202 -13.60 -1.57 18.76
CA TYR A 202 -14.53 -2.40 18.03
CA TYR A 202 -14.52 -2.41 18.03
C TYR A 202 -15.91 -2.54 18.70
N LEU A 203 -16.00 -2.34 20.02
CA LEU A 203 -17.33 -2.29 20.67
C LEU A 203 -18.26 -1.30 20.01
N GLY A 204 -17.73 -0.09 19.78
CA GLY A 204 -18.49 0.98 19.12
C GLY A 204 -18.86 0.65 17.70
N ALA A 205 -18.00 -0.14 17.03
CA ALA A 205 -18.31 -0.59 15.69
C ALA A 205 -19.40 -1.67 15.67
N GLY A 206 -19.67 -2.26 16.82
CA GLY A 206 -20.72 -3.28 16.97
C GLY A 206 -20.24 -4.69 17.24
N PHE A 207 -18.98 -4.82 17.62
CA PHE A 207 -18.34 -6.13 17.88
C PHE A 207 -18.10 -6.29 19.37
N THR A 208 -18.64 -7.37 19.96
CA THR A 208 -18.45 -7.62 21.39
C THR A 208 -17.64 -8.88 21.69
N THR A 209 -17.06 -9.50 20.68
CA THR A 209 -16.10 -10.57 20.90
C THR A 209 -15.04 -10.57 19.82
N TYR A 210 -14.07 -11.47 19.96
CA TYR A 210 -12.90 -11.52 19.11
C TYR A 210 -12.13 -12.80 19.38
N SER A 211 -11.28 -13.16 18.43
CA SER A 211 -10.28 -14.19 18.66
CA SER A 211 -10.26 -14.18 18.67
C SER A 211 -9.20 -13.65 19.61
N SER A 212 -8.96 -14.34 20.71
CA SER A 212 -7.86 -13.99 21.60
C SER A 212 -6.71 -14.97 21.40
N ALA A 213 -5.78 -14.67 20.52
CA ALA A 213 -4.68 -15.58 20.32
C ALA A 213 -3.89 -15.83 21.60
N VAL A 214 -3.74 -14.80 22.43
CA VAL A 214 -2.91 -15.00 23.63
C VAL A 214 -3.60 -15.88 24.67
N PHE A 215 -4.90 -16.09 24.54
CA PHE A 215 -5.62 -17.08 25.37
C PHE A 215 -4.96 -18.44 25.30
N ASN A 216 -4.24 -18.75 24.21
CA ASN A 216 -3.48 -19.96 24.12
C ASN A 216 -2.53 -20.19 25.30
N PHE A 217 -1.96 -19.12 25.83
CA PHE A 217 -0.91 -19.28 26.85
C PHE A 217 -1.14 -18.46 28.13
N VAL A 218 -1.98 -17.43 28.08
CA VAL A 218 -2.37 -16.71 29.30
C VAL A 218 -3.90 -16.56 29.29
N PRO A 219 -4.61 -17.71 29.32
CA PRO A 219 -6.07 -17.61 29.29
C PRO A 219 -6.68 -16.86 30.46
N GLY A 220 -6.07 -16.92 31.65
CA GLY A 220 -6.60 -16.15 32.77
C GLY A 220 -6.55 -14.66 32.50
N LEU A 221 -5.47 -14.24 31.86
CA LEU A 221 -5.27 -12.83 31.55
C LEU A 221 -6.26 -12.40 30.46
N ALA A 222 -6.36 -13.23 29.41
CA ALA A 222 -7.33 -12.95 28.38
C ALA A 222 -8.78 -12.89 28.88
N ASN A 223 -9.15 -13.83 29.74
CA ASN A 223 -10.50 -13.80 30.30
C ASN A 223 -10.74 -12.55 31.12
N GLU A 224 -9.74 -12.11 31.87
CA GLU A 224 -9.90 -10.91 32.70
C GLU A 224 -10.03 -9.66 31.85
N PHE A 225 -9.26 -9.56 30.76
CA PHE A 225 -9.39 -8.42 29.88
C PHE A 225 -10.81 -8.41 29.27
N TYR A 226 -11.27 -9.58 28.83
CA TYR A 226 -12.59 -9.66 28.24
C TYR A 226 -13.69 -9.25 29.23
N ALA A 227 -13.59 -9.75 30.47
CA ALA A 227 -14.60 -9.39 31.46
C ALA A 227 -14.62 -7.87 31.72
N ALA A 228 -13.44 -7.27 31.83
CA ALA A 228 -13.31 -5.82 32.05
C ALA A 228 -13.90 -5.07 30.87
N LEU A 229 -13.58 -5.53 29.66
CA LEU A 229 -14.15 -4.96 28.46
C LEU A 229 -15.68 -4.90 28.50
N ARG A 230 -16.32 -6.05 28.76
CA ARG A 230 -17.76 -6.11 28.72
C ARG A 230 -18.40 -5.39 29.90
N ALA A 231 -17.66 -5.24 30.99
CA ALA A 231 -18.13 -4.48 32.16
C ALA A 231 -17.90 -2.98 32.05
N GLY A 232 -17.18 -2.54 31.02
CA GLY A 232 -16.86 -1.13 30.91
C GLY A 232 -15.79 -0.65 31.88
N GLU A 233 -14.97 -1.57 32.38
CA GLU A 233 -13.91 -1.27 33.31
C GLU A 233 -12.63 -0.84 32.57
N ARG A 234 -12.66 0.39 32.11
CA ARG A 234 -11.58 0.92 31.25
C ARG A 234 -10.21 0.89 31.91
N ALA A 235 -10.11 1.28 33.17
CA ALA A 235 -8.79 1.28 33.80
C ALA A 235 -8.17 -0.11 33.86
N THR A 236 -8.99 -1.14 34.02
CA THR A 236 -8.50 -2.50 34.06
C THR A 236 -7.99 -2.92 32.66
N CYS A 237 -8.80 -2.64 31.65
CA CYS A 237 -8.40 -2.92 30.26
C CYS A 237 -7.09 -2.20 29.97
N GLU A 238 -7.01 -0.92 30.34
CA GLU A 238 -5.84 -0.13 30.02
C GLU A 238 -4.58 -0.63 30.71
N ARG A 239 -4.71 -1.02 31.98
CA ARG A 239 -3.59 -1.55 32.71
C ARG A 239 -3.03 -2.80 32.02
N ILE A 240 -3.92 -3.68 31.59
CA ILE A 240 -3.51 -4.91 30.91
C ILE A 240 -2.89 -4.61 29.53
N LEU A 241 -3.42 -3.62 28.81
CA LEU A 241 -2.77 -3.18 27.56
C LEU A 241 -1.33 -2.72 27.81
N VAL A 242 -1.17 -1.83 28.80
CA VAL A 242 0.12 -1.23 29.06
C VAL A 242 1.14 -2.23 29.59
N ASP A 243 0.69 -3.11 30.49
CA ASP A 243 1.62 -4.00 31.18
C ASP A 243 1.88 -5.31 30.41
N PHE A 244 0.92 -5.73 29.59
CA PHE A 244 1.05 -6.98 28.86
C PHE A 244 1.00 -6.82 27.33
N PHE A 245 -0.07 -6.25 26.80
CA PHE A 245 -0.24 -6.27 25.35
C PHE A 245 0.74 -5.41 24.55
N TYR A 246 1.02 -4.19 24.95
CA TYR A 246 2.01 -3.41 24.18
C TYR A 246 3.39 -4.02 24.28
N PRO A 247 3.79 -4.54 25.46
CA PRO A 247 5.06 -5.27 25.46
C PRO A 247 5.04 -6.52 24.57
N PHE A 248 3.92 -7.23 24.53
CA PHE A 248 3.82 -8.40 23.65
C PHE A 248 3.92 -7.99 22.20
N MET A 249 3.23 -6.90 21.87
CA MET A 249 3.29 -6.35 20.51
CA MET A 249 3.27 -6.35 20.50
C MET A 249 4.71 -6.02 20.08
N ALA A 250 5.51 -5.49 20.99
CA ALA A 250 6.91 -5.20 20.67
C ALA A 250 7.70 -6.44 20.28
N ILE A 251 7.41 -7.58 20.92
CA ILE A 251 8.05 -8.83 20.55
C ILE A 251 7.52 -9.30 19.22
N ARG A 252 6.20 -9.30 19.05
N ARG A 252 6.19 -9.24 19.09
CA ARG A 252 5.65 -9.81 17.80
CA ARG A 252 5.45 -9.65 17.90
C ARG A 252 6.13 -8.97 16.60
C ARG A 252 5.89 -8.93 16.64
N ASN A 253 6.24 -7.65 16.77
CA ASN A 253 6.59 -6.83 15.62
C ASN A 253 8.04 -7.03 15.17
N ARG A 254 8.82 -7.87 15.84
CA ARG A 254 10.21 -8.07 15.48
C ARG A 254 10.41 -8.81 14.16
N ALA A 255 9.43 -9.60 13.74
CA ALA A 255 9.54 -10.38 12.49
C ALA A 255 8.16 -10.71 11.92
N LYS A 256 8.11 -10.87 10.60
CA LYS A 256 6.87 -11.33 9.96
C LYS A 256 6.43 -12.69 10.48
N GLY A 257 5.12 -12.84 10.63
CA GLY A 257 4.57 -14.11 11.07
C GLY A 257 4.56 -14.32 12.57
N TYR A 258 5.15 -13.42 13.34
CA TYR A 258 5.25 -13.64 14.78
C TYR A 258 3.89 -13.54 15.47
N ALA A 259 2.87 -13.04 14.81
CA ALA A 259 1.52 -13.12 15.40
C ALA A 259 1.13 -14.56 15.71
N VAL A 260 1.70 -15.51 14.94
CA VAL A 260 1.53 -16.93 15.19
C VAL A 260 2.75 -17.45 15.96
N SER A 261 3.98 -17.18 15.51
CA SER A 261 5.15 -17.80 16.15
C SER A 261 5.30 -17.41 17.63
N ALA A 262 4.98 -16.17 17.97
CA ALA A 262 5.16 -15.74 19.37
C ALA A 262 4.13 -16.42 20.23
N VAL A 263 2.93 -16.61 19.70
CA VAL A 263 1.89 -17.30 20.46
C VAL A 263 2.28 -18.75 20.72
N LYS A 264 2.83 -19.42 19.72
CA LYS A 264 3.26 -20.80 19.86
C LYS A 264 4.43 -20.89 20.85
N ALA A 265 5.33 -19.92 20.83
CA ALA A 265 6.42 -19.89 21.82
C ALA A 265 5.85 -19.76 23.22
N GLY A 266 4.80 -18.96 23.39
CA GLY A 266 4.21 -18.80 24.72
C GLY A 266 3.62 -20.10 25.20
N VAL A 267 2.99 -20.88 24.31
CA VAL A 267 2.42 -22.18 24.68
C VAL A 267 3.54 -23.11 25.14
N ARG A 268 4.67 -23.12 24.45
CA ARG A 268 5.81 -23.95 24.83
C ARG A 268 6.37 -23.52 26.20
N LEU A 269 6.41 -22.21 26.44
CA LEU A 269 6.93 -21.69 27.71
C LEU A 269 6.04 -22.10 28.87
N GLN A 270 4.75 -22.33 28.61
CA GLN A 270 3.82 -22.78 29.65
C GLN A 270 3.84 -24.30 29.81
N GLY A 271 4.78 -24.97 29.14
CA GLY A 271 5.03 -26.38 29.36
C GLY A 271 4.25 -27.34 28.48
N PHE A 272 3.64 -26.85 27.40
CA PHE A 272 3.01 -27.72 26.42
C PHE A 272 3.94 -27.96 25.24
N ASN A 273 3.94 -29.18 24.76
CA ASN A 273 4.86 -29.60 23.71
CA ASN A 273 4.86 -29.59 23.69
C ASN A 273 4.35 -29.21 22.31
N ALA A 274 4.10 -27.93 22.08
CA ALA A 274 3.50 -27.50 20.81
C ALA A 274 4.45 -27.63 19.63
N GLY A 275 5.74 -27.71 19.87
CA GLY A 275 6.68 -27.92 18.79
C GLY A 275 6.95 -26.70 17.95
N PRO A 276 7.64 -26.92 16.82
CA PRO A 276 8.02 -25.85 15.91
C PRO A 276 6.83 -25.35 15.10
N VAL A 277 6.99 -24.14 14.55
CA VAL A 277 6.13 -23.72 13.43
C VAL A 277 6.59 -24.40 12.17
N ARG A 278 5.68 -24.52 11.22
CA ARG A 278 6.05 -24.95 9.85
C ARG A 278 6.50 -23.77 9.04
N ALA A 279 7.53 -23.98 8.21
CA ALA A 279 7.89 -22.97 7.23
C ALA A 279 6.65 -22.70 6.36
N PRO A 280 6.49 -21.47 5.89
CA PRO A 280 7.47 -20.38 5.94
C PRO A 280 7.40 -19.46 7.15
N LEU A 281 6.70 -19.86 8.20
CA LEU A 281 6.93 -19.15 9.47
C LEU A 281 8.30 -19.56 10.01
N LYS A 282 8.82 -18.76 10.95
N LYS A 282 8.83 -18.76 10.94
CA LYS A 282 10.04 -19.08 11.68
CA LYS A 282 9.99 -19.19 11.70
C LYS A 282 9.85 -18.89 13.17
C LYS A 282 9.69 -19.06 13.17
N ASP A 283 10.46 -19.78 13.96
CA ASP A 283 10.33 -19.68 15.41
C ASP A 283 11.15 -18.53 15.96
N LEU A 284 10.76 -18.07 17.15
CA LEU A 284 11.49 -17.04 17.87
C LEU A 284 12.90 -17.50 18.18
N THR A 285 13.81 -16.54 18.23
CA THR A 285 15.19 -16.80 18.64
C THR A 285 15.21 -17.06 20.14
N ASN A 286 16.30 -17.63 20.63
CA ASN A 286 16.47 -17.81 22.06
C ASN A 286 16.32 -16.49 22.80
N GLU A 287 16.88 -15.43 22.23
CA GLU A 287 16.79 -14.12 22.87
C GLU A 287 15.30 -13.71 23.03
N GLU A 288 14.54 -13.90 21.97
CA GLU A 288 13.15 -13.50 21.95
C GLU A 288 12.30 -14.39 22.87
N ILE A 289 12.63 -15.66 22.96
N ILE A 289 12.63 -15.67 22.93
CA ILE A 289 11.91 -16.57 23.85
CA ILE A 289 11.99 -16.59 23.87
C ILE A 289 12.16 -16.12 25.29
C ILE A 289 12.15 -16.01 25.26
N GLY A 290 13.37 -15.66 25.58
CA GLY A 290 13.67 -15.11 26.91
C GLY A 290 12.88 -13.87 27.23
N MET A 291 12.74 -12.97 26.26
CA MET A 291 11.88 -11.80 26.40
C MET A 291 10.45 -12.19 26.73
N LEU A 292 9.92 -13.18 26.02
CA LEU A 292 8.54 -13.56 26.23
C LEU A 292 8.35 -14.22 27.61
N GLU A 293 9.31 -15.06 27.99
CA GLU A 293 9.28 -15.72 29.29
C GLU A 293 9.23 -14.67 30.40
N ALA A 294 10.08 -13.65 30.27
CA ALA A 294 10.10 -12.58 31.26
C ALA A 294 8.75 -11.87 31.32
N LEU A 295 8.15 -11.62 30.16
CA LEU A 295 6.86 -10.94 30.10
C LEU A 295 5.73 -11.77 30.74
N ILE A 296 5.72 -13.07 30.49
CA ILE A 296 4.72 -13.94 31.07
C ILE A 296 4.78 -13.85 32.61
N GLY A 297 6.00 -13.93 33.14
CA GLY A 297 6.25 -13.56 34.53
C GLY A 297 5.33 -14.21 35.56
N THR A 298 4.58 -13.35 36.24
CA THR A 298 3.68 -13.83 37.29
C THR A 298 2.60 -14.77 36.78
N HIS A 299 2.40 -14.81 35.45
CA HIS A 299 1.36 -15.65 34.87
C HIS A 299 1.84 -17.06 34.47
N LYS A 300 3.07 -17.43 34.81
CA LYS A 300 3.54 -18.78 34.52
CA LYS A 300 3.54 -18.78 34.52
C LYS A 300 2.64 -19.86 35.14
N ARG A 301 2.45 -20.94 34.37
CA ARG A 301 1.59 -22.07 34.70
CA ARG A 301 1.59 -22.08 34.72
C ARG A 301 2.29 -23.09 35.61
N LYS A 302 3.62 -23.06 35.57
CA LYS A 302 4.49 -23.97 36.30
C LYS A 302 5.84 -23.27 36.46
N ALA A 303 6.81 -23.93 37.09
CA ALA A 303 8.13 -23.38 37.18
C ALA A 303 8.92 -23.72 35.93
N MET B 1 13.33 -33.92 -18.86
CA MET B 1 14.76 -33.50 -19.04
C MET B 1 15.34 -33.08 -17.70
N ASP B 2 16.64 -32.82 -17.69
CA ASP B 2 17.30 -32.46 -16.44
C ASP B 2 17.28 -30.94 -16.26
N PRO B 3 17.61 -30.45 -15.06
CA PRO B 3 17.46 -29.00 -14.83
C PRO B 3 18.29 -28.12 -15.76
N GLU B 4 19.48 -28.55 -16.14
CA GLU B 4 20.27 -27.74 -17.05
C GLU B 4 19.64 -27.67 -18.44
N GLN B 5 18.88 -28.71 -18.80
CA GLN B 5 18.22 -28.73 -20.11
C GLN B 5 17.01 -27.78 -20.09
N ILE B 6 16.21 -27.78 -19.01
CA ILE B 6 15.11 -26.80 -18.96
C ILE B 6 15.67 -25.36 -18.83
N LYS B 7 16.79 -25.19 -18.12
CA LYS B 7 17.43 -23.89 -18.01
C LYS B 7 17.77 -23.38 -19.42
N THR B 8 18.38 -24.23 -20.24
CA THR B 8 18.69 -23.84 -21.61
C THR B 8 17.43 -23.47 -22.38
N ALA B 9 16.38 -24.26 -22.24
CA ALA B 9 15.12 -23.99 -22.95
C ALA B 9 14.53 -22.62 -22.56
N LEU B 10 14.63 -22.25 -21.29
CA LEU B 10 14.12 -20.98 -20.81
C LEU B 10 14.80 -19.79 -21.46
N GLY B 11 16.04 -19.96 -21.90
CA GLY B 11 16.76 -18.88 -22.56
C GLY B 11 16.65 -18.89 -24.07
N SER B 12 15.77 -19.72 -24.62
CA SER B 12 15.75 -19.92 -26.08
CA SER B 12 15.72 -19.99 -26.06
C SER B 12 14.55 -19.30 -26.78
N GLY B 13 13.78 -18.48 -26.08
CA GLY B 13 12.67 -17.81 -26.71
C GLY B 13 11.60 -17.30 -25.76
N LEU B 14 10.43 -17.07 -26.34
CA LEU B 14 9.26 -16.56 -25.64
C LEU B 14 8.60 -17.66 -24.83
N LEU B 15 8.00 -17.32 -23.69
CA LEU B 15 7.34 -18.31 -22.86
C LEU B 15 5.82 -18.28 -22.97
N SER B 16 5.25 -19.48 -23.12
CA SER B 16 3.82 -19.70 -23.30
C SER B 16 3.15 -20.22 -22.01
N PHE B 17 2.07 -19.55 -21.58
CA PHE B 17 1.26 -19.95 -20.40
C PHE B 17 -0.23 -20.16 -20.79
N PRO B 18 -0.56 -21.35 -21.29
CA PRO B 18 -1.91 -21.54 -21.81
C PRO B 18 -3.00 -21.46 -20.74
N VAL B 19 -4.13 -20.86 -21.09
CA VAL B 19 -5.31 -20.92 -20.25
C VAL B 19 -5.72 -22.39 -20.10
N THR B 20 -6.33 -22.73 -18.95
CA THR B 20 -6.86 -24.08 -18.73
C THR B 20 -8.32 -24.10 -19.14
N HIS B 21 -8.68 -25.03 -20.02
CA HIS B 21 -10.03 -25.09 -20.58
C HIS B 21 -10.98 -25.87 -19.70
N PHE B 22 -12.16 -25.32 -19.48
CA PHE B 22 -13.19 -26.01 -18.69
C PHE B 22 -14.45 -26.20 -19.52
N ASP B 23 -15.19 -27.28 -19.24
CA ASP B 23 -16.47 -27.53 -19.90
C ASP B 23 -17.57 -26.77 -19.15
N ALA B 24 -18.81 -26.95 -19.57
CA ALA B 24 -19.90 -26.21 -18.97
C ALA B 24 -20.12 -26.67 -17.53
N GLU B 25 -19.79 -27.93 -17.25
CA GLU B 25 -19.91 -28.49 -15.90
C GLU B 25 -18.71 -28.09 -15.02
N GLY B 26 -17.81 -27.27 -15.57
CA GLY B 26 -16.68 -26.73 -14.81
C GLY B 26 -15.45 -27.63 -14.79
N ARG B 27 -15.57 -28.82 -15.40
CA ARG B 27 -14.52 -29.83 -15.42
C ARG B 27 -13.45 -29.48 -16.44
N PHE B 28 -12.22 -29.91 -16.18
CA PHE B 28 -11.16 -29.81 -17.18
C PHE B 28 -11.64 -30.45 -18.50
N ALA B 29 -11.47 -29.72 -19.59
CA ALA B 29 -11.83 -30.19 -20.92
C ALA B 29 -10.59 -30.47 -21.75
N ALA B 30 -10.08 -31.69 -21.67
CA ALA B 30 -8.80 -32.00 -22.25
C ALA B 30 -8.82 -31.88 -23.78
N ASP B 31 -9.90 -32.28 -24.44
CA ASP B 31 -9.92 -32.23 -25.89
CA ASP B 31 -9.91 -32.22 -25.90
C ASP B 31 -9.74 -30.79 -26.39
N SER B 32 -10.50 -29.88 -25.79
CA SER B 32 -10.39 -28.46 -26.15
C SER B 32 -8.99 -27.89 -25.84
N TYR B 33 -8.47 -28.21 -24.66
CA TYR B 33 -7.14 -27.77 -24.27
C TYR B 33 -6.11 -28.22 -25.27
N ARG B 34 -6.15 -29.51 -25.64
CA ARG B 34 -5.16 -30.04 -26.58
C ARG B 34 -5.28 -29.36 -27.96
N GLU B 35 -6.49 -29.10 -28.41
CA GLU B 35 -6.67 -28.44 -29.72
C GLU B 35 -5.97 -27.06 -29.71
N HIS B 36 -6.18 -26.32 -28.63
CA HIS B 36 -5.59 -25.00 -28.49
C HIS B 36 -4.06 -25.08 -28.37
N VAL B 37 -3.56 -25.98 -27.54
CA VAL B 37 -2.11 -26.17 -27.38
C VAL B 37 -1.46 -26.59 -28.71
N GLU B 38 -2.13 -27.44 -29.47
CA GLU B 38 -1.60 -27.87 -30.75
CA GLU B 38 -1.60 -27.87 -30.76
C GLU B 38 -1.50 -26.71 -31.74
N TRP B 39 -2.49 -25.82 -31.74
CA TRP B 39 -2.40 -24.61 -32.55
C TRP B 39 -1.24 -23.71 -32.11
N LEU B 40 -1.11 -23.49 -30.80
CA LEU B 40 -0.02 -22.69 -30.30
C LEU B 40 1.34 -23.27 -30.68
N ALA B 41 1.41 -24.59 -30.83
CA ALA B 41 2.68 -25.26 -31.07
C ALA B 41 3.30 -24.84 -32.38
N GLY B 42 2.47 -24.42 -33.31
CA GLY B 42 2.99 -23.99 -34.59
C GLY B 42 3.77 -22.69 -34.47
N TYR B 43 3.65 -22.00 -33.33
CA TYR B 43 4.37 -20.76 -33.10
C TYR B 43 5.69 -20.93 -32.31
N LYS B 44 5.97 -22.18 -31.92
CA LYS B 44 7.31 -22.60 -31.50
CA LYS B 44 7.31 -22.61 -31.51
C LYS B 44 7.88 -21.91 -30.27
N ALA B 45 7.03 -21.63 -29.29
CA ALA B 45 7.55 -21.20 -27.97
C ALA B 45 8.33 -22.39 -27.41
N PRO B 46 9.55 -22.14 -26.87
CA PRO B 46 10.34 -23.27 -26.37
C PRO B 46 9.88 -23.90 -25.05
N VAL B 47 9.11 -23.16 -24.27
CA VAL B 47 8.61 -23.66 -22.99
C VAL B 47 7.16 -23.29 -22.88
N LEU B 48 6.39 -24.27 -22.43
CA LEU B 48 4.98 -24.15 -22.16
C LEU B 48 4.80 -24.38 -20.67
N PHE B 49 4.14 -23.45 -20.01
CA PHE B 49 3.85 -23.55 -18.57
C PHE B 49 2.38 -23.93 -18.43
N ALA B 50 2.13 -25.19 -18.11
CA ALA B 50 0.79 -25.67 -17.89
C ALA B 50 0.35 -25.39 -16.47
N ALA B 51 -0.89 -24.96 -16.32
CA ALA B 51 -1.46 -24.73 -14.98
C ALA B 51 -0.63 -23.69 -14.24
N GLY B 52 -0.22 -22.64 -14.95
CA GLY B 52 0.33 -21.46 -14.32
C GLY B 52 -0.76 -20.49 -13.89
N GLY B 53 -0.40 -19.25 -13.60
CA GLY B 53 -1.40 -18.28 -13.20
C GLY B 53 -2.43 -18.00 -14.29
N THR B 54 -1.97 -17.78 -15.53
CA THR B 54 -2.88 -17.59 -16.64
C THR B 54 -3.73 -18.85 -16.85
N GLY B 55 -3.18 -20.00 -16.46
CA GLY B 55 -3.92 -21.26 -16.46
C GLY B 55 -4.76 -21.57 -15.22
N GLU B 56 -4.99 -20.54 -14.41
CA GLU B 56 -5.87 -20.63 -13.25
C GLU B 56 -5.40 -21.64 -12.20
N PHE B 57 -4.08 -21.74 -12.04
CA PHE B 57 -3.49 -22.61 -11.04
C PHE B 57 -4.22 -22.51 -9.70
N PHE B 58 -4.50 -21.28 -9.31
CA PHE B 58 -5.07 -20.96 -8.01
C PHE B 58 -6.51 -21.41 -7.82
N SER B 59 -7.14 -21.94 -8.88
CA SER B 59 -8.49 -22.50 -8.80
C SER B 59 -8.59 -23.99 -9.12
N LEU B 60 -7.45 -24.65 -9.31
CA LEU B 60 -7.44 -26.08 -9.59
C LEU B 60 -7.35 -26.89 -8.33
N LYS B 61 -8.00 -28.03 -8.33
CA LYS B 61 -7.79 -29.01 -7.26
C LYS B 61 -6.45 -29.64 -7.57
N PRO B 62 -5.61 -29.89 -6.56
CA PRO B 62 -4.29 -30.45 -6.82
C PRO B 62 -4.31 -31.72 -7.69
N ASP B 63 -5.33 -32.57 -7.58
CA ASP B 63 -5.40 -33.76 -8.43
C ASP B 63 -5.65 -33.48 -9.90
N GLU B 64 -6.08 -32.27 -10.25
CA GLU B 64 -6.27 -31.90 -11.66
C GLU B 64 -4.96 -31.56 -12.33
N ILE B 65 -3.96 -31.14 -11.57
CA ILE B 65 -2.76 -30.58 -12.16
C ILE B 65 -1.98 -31.60 -13.01
N PRO B 66 -1.75 -32.82 -12.51
CA PRO B 66 -1.05 -33.78 -13.37
C PRO B 66 -1.80 -34.13 -14.65
N THR B 67 -3.12 -34.12 -14.56
CA THR B 67 -3.96 -34.45 -15.70
C THR B 67 -3.78 -33.38 -16.80
N ILE B 68 -3.72 -32.12 -16.38
CA ILE B 68 -3.52 -31.02 -17.30
C ILE B 68 -2.13 -31.07 -17.92
N VAL B 69 -1.11 -31.34 -17.11
CA VAL B 69 0.25 -31.43 -17.60
C VAL B 69 0.35 -32.57 -18.63
N ALA B 70 -0.24 -33.71 -18.34
CA ALA B 70 -0.19 -34.85 -19.26
C ALA B 70 -0.89 -34.52 -20.57
N ALA B 71 -2.01 -33.79 -20.53
CA ALA B 71 -2.69 -33.40 -21.75
C ALA B 71 -1.83 -32.49 -22.60
N ALA B 72 -1.19 -31.50 -21.99
CA ALA B 72 -0.29 -30.64 -22.74
C ALA B 72 0.86 -31.43 -23.37
N LYS B 73 1.39 -32.41 -22.64
CA LYS B 73 2.52 -33.19 -23.13
C LYS B 73 2.16 -34.00 -24.37
N GLU B 74 0.89 -34.38 -24.51
CA GLU B 74 0.44 -35.17 -25.66
C GLU B 74 0.65 -34.43 -26.97
N VAL B 75 0.56 -33.11 -26.95
CA VAL B 75 0.52 -32.34 -28.19
C VAL B 75 1.54 -31.21 -28.28
N ALA B 76 2.38 -31.05 -27.27
CA ALA B 76 3.30 -29.94 -27.23
C ALA B 76 4.54 -30.16 -28.11
N GLY B 77 4.79 -31.41 -28.51
CA GLY B 77 5.91 -31.72 -29.39
C GLY B 77 7.26 -31.58 -28.70
N GLU B 78 8.19 -30.95 -29.40
CA GLU B 78 9.56 -30.79 -28.91
C GLU B 78 9.61 -29.51 -28.10
N THR B 79 8.85 -29.50 -27.01
CA THR B 79 8.69 -28.32 -26.18
C THR B 79 8.78 -28.76 -24.77
N ALA B 80 9.46 -27.96 -23.97
CA ALA B 80 9.57 -28.24 -22.55
C ALA B 80 8.25 -27.87 -21.90
N ILE B 81 7.80 -28.73 -20.98
CA ILE B 81 6.56 -28.49 -20.25
C ILE B 81 6.87 -28.27 -18.78
N VAL B 82 6.56 -27.08 -18.29
CA VAL B 82 6.73 -26.72 -16.87
C VAL B 82 5.36 -26.67 -16.23
N SER B 83 5.22 -27.22 -15.02
CA SER B 83 3.95 -27.18 -14.30
C SER B 83 3.93 -26.09 -13.23
N GLY B 84 2.79 -25.44 -13.04
CA GLY B 84 2.59 -24.64 -11.84
C GLY B 84 2.67 -25.51 -10.59
N CYS B 85 3.04 -24.84 -9.51
CA CYS B 85 3.09 -25.44 -8.17
C CYS B 85 2.90 -24.28 -7.21
N GLY B 86 2.57 -24.58 -5.96
CA GLY B 86 2.31 -23.52 -5.01
C GLY B 86 1.71 -24.01 -3.73
N TYR B 87 1.18 -23.05 -2.96
CA TYR B 87 0.62 -23.26 -1.61
C TYR B 87 1.72 -23.47 -0.60
N GLY B 88 1.31 -23.78 0.63
CA GLY B 88 2.29 -24.09 1.65
C GLY B 88 3.07 -25.36 1.34
N THR B 89 4.12 -25.60 2.11
CA THR B 89 5.10 -26.61 1.77
C THR B 89 4.52 -27.98 1.58
N GLU B 90 3.63 -28.42 2.46
CA GLU B 90 3.14 -29.77 2.37
C GLU B 90 2.38 -30.01 1.07
N ILE B 91 1.50 -29.07 0.73
CA ILE B 91 0.73 -29.19 -0.50
C ILE B 91 1.68 -29.05 -1.70
N ALA B 92 2.60 -28.09 -1.65
CA ALA B 92 3.50 -27.85 -2.79
C ALA B 92 4.35 -29.08 -3.12
N VAL B 93 4.88 -29.74 -2.10
CA VAL B 93 5.68 -30.94 -2.32
C VAL B 93 4.86 -32.05 -2.97
N ASP B 94 3.61 -32.23 -2.54
CA ASP B 94 2.78 -33.26 -3.13
C ASP B 94 2.51 -32.92 -4.61
N ILE B 95 2.23 -31.67 -4.89
CA ILE B 95 2.00 -31.28 -6.30
C ILE B 95 3.27 -31.50 -7.10
N ALA B 96 4.40 -31.01 -6.61
CA ALA B 96 5.68 -31.16 -7.32
C ALA B 96 5.98 -32.59 -7.66
N ARG B 97 5.84 -33.48 -6.69
CA ARG B 97 6.12 -34.88 -6.94
C ARG B 97 5.14 -35.47 -7.94
N SER B 98 3.87 -35.07 -7.89
CA SER B 98 2.87 -35.65 -8.76
C SER B 98 3.13 -35.23 -10.21
N VAL B 99 3.61 -34.01 -10.44
CA VAL B 99 3.88 -33.59 -11.81
C VAL B 99 5.22 -34.09 -12.32
N GLU B 100 6.19 -34.28 -11.45
CA GLU B 100 7.41 -34.96 -11.84
C GLU B 100 7.06 -36.38 -12.33
N LYS B 101 6.16 -37.05 -11.63
CA LYS B 101 5.77 -38.41 -11.97
C LYS B 101 5.16 -38.50 -13.36
N VAL B 102 4.36 -37.52 -13.76
N VAL B 102 4.42 -37.47 -13.76
CA VAL B 102 3.73 -37.59 -15.08
CA VAL B 102 3.70 -37.51 -15.03
C VAL B 102 4.66 -37.17 -16.20
C VAL B 102 4.57 -36.92 -16.17
N GLY B 103 5.81 -36.58 -15.85
CA GLY B 103 6.79 -36.21 -16.84
C GLY B 103 6.97 -34.73 -17.09
N ALA B 104 6.57 -33.89 -16.13
CA ALA B 104 6.90 -32.49 -16.26
C ALA B 104 8.40 -32.28 -16.34
N ASP B 105 8.80 -31.25 -17.07
CA ASP B 105 10.21 -30.90 -17.19
C ASP B 105 10.69 -29.88 -16.16
N GLY B 106 9.76 -29.35 -15.39
CA GLY B 106 10.08 -28.41 -14.35
C GLY B 106 8.84 -27.96 -13.63
N ILE B 107 9.07 -27.21 -12.53
CA ILE B 107 7.97 -26.55 -11.80
C ILE B 107 8.23 -25.06 -11.67
N LEU B 108 7.16 -24.27 -11.77
CA LEU B 108 7.15 -22.87 -11.47
C LEU B 108 6.45 -22.73 -10.12
N LEU B 109 7.21 -22.28 -9.12
CA LEU B 109 6.70 -22.25 -7.75
C LEU B 109 6.05 -20.90 -7.43
N LEU B 110 4.72 -20.89 -7.45
CA LEU B 110 3.94 -19.72 -7.05
C LEU B 110 4.04 -19.54 -5.54
N PRO B 111 3.59 -18.40 -5.05
CA PRO B 111 3.68 -18.14 -3.61
C PRO B 111 2.99 -19.16 -2.73
N HIS B 112 3.47 -19.24 -1.50
CA HIS B 112 2.72 -19.97 -0.48
C HIS B 112 1.41 -19.22 -0.21
N TYR B 113 0.52 -19.85 0.53
CA TYR B 113 -0.80 -19.33 0.78
C TYR B 113 -0.86 -18.35 1.96
N LEU B 114 -1.50 -17.21 1.71
CA LEU B 114 -2.03 -16.26 2.71
C LEU B 114 -1.05 -15.37 3.42
N ILE B 115 -0.08 -15.96 4.11
CA ILE B 115 0.66 -15.18 5.09
C ILE B 115 1.86 -14.41 4.57
N ASP B 116 2.17 -13.31 5.25
N ASP B 116 2.24 -13.37 5.31
CA ASP B 116 3.48 -12.72 5.07
CA ASP B 116 3.48 -12.65 5.07
C ASP B 116 4.47 -13.58 5.86
C ASP B 116 4.58 -13.27 5.93
N ALA B 117 5.66 -13.74 5.29
CA ALA B 117 6.66 -14.58 5.92
C ALA B 117 8.01 -13.95 5.94
N PRO B 118 8.82 -14.28 6.95
CA PRO B 118 10.20 -13.79 7.02
C PRO B 118 11.10 -14.47 5.98
N GLN B 119 12.19 -13.81 5.60
CA GLN B 119 13.11 -14.38 4.62
C GLN B 119 13.59 -15.78 4.98
N GLU B 120 13.91 -16.02 6.26
N GLU B 120 13.89 -16.03 6.25
CA GLU B 120 14.38 -17.32 6.69
CA GLU B 120 14.41 -17.33 6.64
C GLU B 120 13.35 -18.41 6.44
C GLU B 120 13.36 -18.42 6.45
N GLY B 121 12.08 -18.04 6.58
CA GLY B 121 10.99 -18.95 6.35
C GLY B 121 10.79 -19.22 4.87
N LEU B 122 10.88 -18.16 4.07
CA LEU B 122 10.80 -18.37 2.63
C LEU B 122 11.91 -19.31 2.17
N TYR B 123 13.11 -19.07 2.67
CA TYR B 123 14.22 -19.98 2.42
C TYR B 123 13.91 -21.44 2.74
N ALA B 124 13.41 -21.68 3.95
CA ALA B 124 13.14 -23.03 4.37
C ALA B 124 12.06 -23.70 3.53
N HIS B 125 11.02 -22.95 3.20
CA HIS B 125 9.94 -23.45 2.35
C HIS B 125 10.41 -23.82 0.93
N ILE B 126 11.08 -22.87 0.28
CA ILE B 126 11.51 -23.08 -1.10
C ILE B 126 12.56 -24.19 -1.16
N LYS B 127 13.46 -24.25 -0.18
CA LYS B 127 14.46 -25.30 -0.16
CA LYS B 127 14.46 -25.30 -0.16
C LYS B 127 13.81 -26.68 -0.09
N LYS B 128 12.81 -26.83 0.79
CA LYS B 128 12.13 -28.11 0.93
C LYS B 128 11.41 -28.53 -0.35
N VAL B 129 10.78 -27.58 -1.02
CA VAL B 129 10.14 -27.92 -2.29
C VAL B 129 11.22 -28.32 -3.31
N CYS B 130 12.27 -27.52 -3.46
CA CYS B 130 13.31 -27.87 -4.45
C CYS B 130 13.92 -29.24 -4.18
N GLN B 131 14.13 -29.58 -2.91
CA GLN B 131 14.77 -30.85 -2.59
C GLN B 131 13.84 -32.05 -2.72
N SER B 132 12.54 -31.83 -2.93
CA SER B 132 11.57 -32.92 -3.06
C SER B 132 11.53 -33.58 -4.44
N VAL B 133 12.15 -32.91 -5.41
CA VAL B 133 12.16 -33.37 -6.81
C VAL B 133 13.53 -33.20 -7.45
N GLY B 134 13.73 -33.89 -8.58
CA GLY B 134 14.95 -33.76 -9.34
C GLY B 134 14.84 -32.84 -10.53
N ILE B 135 13.62 -32.46 -10.88
CA ILE B 135 13.43 -31.55 -12.01
C ILE B 135 13.71 -30.10 -11.63
N GLY B 136 13.84 -29.27 -12.66
CA GLY B 136 14.17 -27.87 -12.54
C GLY B 136 13.06 -27.07 -11.88
N VAL B 137 13.47 -26.06 -11.11
CA VAL B 137 12.52 -25.18 -10.42
C VAL B 137 12.80 -23.72 -10.80
N MET B 138 11.73 -22.97 -11.04
CA MET B 138 11.77 -21.54 -11.18
C MET B 138 10.99 -20.93 -10.01
N VAL B 139 11.61 -20.01 -9.27
CA VAL B 139 10.89 -19.28 -8.23
C VAL B 139 10.21 -18.07 -8.82
N TYR B 140 9.11 -17.65 -8.20
N TYR B 140 9.32 -17.46 -8.07
CA TYR B 140 8.31 -16.52 -8.68
CA TYR B 140 8.39 -16.54 -8.66
C TYR B 140 8.21 -15.50 -7.54
C TYR B 140 8.09 -15.46 -7.63
N ASN B 141 8.82 -14.35 -7.72
CA ASN B 141 8.70 -13.26 -6.78
C ASN B 141 7.44 -12.48 -7.09
N ARG B 142 6.46 -12.54 -6.19
CA ARG B 142 5.22 -11.83 -6.37
C ARG B 142 4.44 -11.88 -5.05
N ASP B 143 3.57 -10.90 -4.87
CA ASP B 143 2.64 -10.86 -3.73
C ASP B 143 3.35 -11.13 -2.40
N ASN B 144 2.96 -12.20 -1.71
CA ASN B 144 3.49 -12.48 -0.38
C ASN B 144 4.76 -13.33 -0.35
N SER B 145 5.39 -13.51 -1.51
CA SER B 145 6.66 -14.22 -1.55
C SER B 145 7.67 -13.45 -2.37
N VAL B 146 8.43 -12.59 -1.71
CA VAL B 146 9.45 -11.78 -2.39
C VAL B 146 10.80 -12.04 -1.76
N LEU B 147 11.62 -12.82 -2.47
CA LEU B 147 12.98 -13.09 -2.06
C LEU B 147 13.88 -11.90 -2.26
N GLN B 148 14.67 -11.59 -1.24
CA GLN B 148 15.77 -10.64 -1.38
C GLN B 148 16.95 -11.34 -2.07
N ALA B 149 17.85 -10.55 -2.64
CA ALA B 149 19.01 -11.10 -3.35
C ALA B 149 19.87 -12.06 -2.53
N ASP B 150 20.11 -11.75 -1.26
CA ASP B 150 20.94 -12.64 -0.44
C ASP B 150 20.26 -13.98 -0.16
N THR B 151 18.95 -13.96 0.10
CA THR B 151 18.22 -15.18 0.32
C THR B 151 18.20 -16.08 -0.93
N LEU B 152 17.97 -15.46 -2.07
CA LEU B 152 17.98 -16.18 -3.33
C LEU B 152 19.37 -16.78 -3.59
N ALA B 153 20.43 -16.03 -3.29
CA ALA B 153 21.79 -16.54 -3.44
C ALA B 153 22.00 -17.80 -2.58
N ARG B 154 21.51 -17.79 -1.34
CA ARG B 154 21.64 -18.97 -0.49
C ARG B 154 20.89 -20.16 -1.06
N LEU B 155 19.71 -19.90 -1.62
CA LEU B 155 18.94 -20.98 -2.25
C LEU B 155 19.69 -21.56 -3.44
N CYS B 156 20.31 -20.68 -4.23
CA CYS B 156 21.03 -21.11 -5.44
C CYS B 156 22.22 -21.99 -5.06
N ASP B 157 22.86 -21.62 -3.94
CA ASP B 157 24.04 -22.35 -3.48
C ASP B 157 23.67 -23.75 -2.97
N GLU B 158 22.46 -23.90 -2.45
N GLU B 158 22.47 -23.87 -2.41
CA GLU B 158 22.08 -25.17 -1.83
CA GLU B 158 21.99 -25.09 -1.77
C GLU B 158 21.09 -26.03 -2.62
C GLU B 158 21.26 -26.04 -2.72
N CYS B 159 20.57 -25.47 -3.73
CA CYS B 159 19.64 -26.22 -4.60
C CYS B 159 20.03 -26.10 -6.09
N PRO B 160 20.82 -27.06 -6.58
CA PRO B 160 21.31 -26.93 -7.96
C PRO B 160 20.18 -26.96 -9.00
N ASN B 161 19.06 -27.59 -8.66
CA ASN B 161 17.92 -27.64 -9.59
C ASN B 161 17.10 -26.35 -9.66
N LEU B 162 17.37 -25.43 -8.76
N LEU B 162 17.37 -25.40 -8.78
CA LEU B 162 16.79 -24.11 -8.89
CA LEU B 162 16.76 -24.07 -8.87
C LEU B 162 17.54 -23.44 -10.03
C LEU B 162 17.47 -23.24 -9.95
N VAL B 163 16.83 -23.13 -11.12
CA VAL B 163 17.47 -22.58 -12.33
C VAL B 163 16.83 -21.34 -12.92
N GLY B 164 15.67 -20.95 -12.42
CA GLY B 164 14.97 -19.79 -12.97
C GLY B 164 14.40 -18.86 -11.93
N PHE B 165 14.25 -17.60 -12.31
CA PHE B 165 13.66 -16.58 -11.45
C PHE B 165 12.67 -15.77 -12.27
N LYS B 166 11.41 -15.79 -11.87
CA LYS B 166 10.36 -15.03 -12.52
CA LYS B 166 10.34 -15.04 -12.53
C LYS B 166 9.93 -13.87 -11.65
N ASP B 167 9.85 -12.66 -12.20
CA ASP B 167 9.42 -11.51 -11.44
C ASP B 167 8.01 -11.06 -11.72
N GLY B 168 7.20 -10.95 -10.68
CA GLY B 168 5.89 -10.33 -10.77
C GLY B 168 5.72 -9.08 -9.91
N THR B 169 6.82 -8.51 -9.42
CA THR B 169 6.72 -7.35 -8.53
C THR B 169 6.78 -6.02 -9.27
N GLY B 170 7.52 -6.00 -10.37
CA GLY B 170 7.74 -4.77 -11.11
C GLY B 170 8.76 -3.86 -10.44
N ASP B 171 9.45 -4.41 -9.45
CA ASP B 171 10.45 -3.66 -8.65
C ASP B 171 11.81 -3.72 -9.37
N ILE B 172 12.06 -2.74 -10.23
CA ILE B 172 13.28 -2.72 -11.03
C ILE B 172 14.53 -2.66 -10.20
N GLY B 173 14.48 -1.90 -9.12
CA GLY B 173 15.63 -1.78 -8.26
C GLY B 173 16.06 -3.12 -7.74
N LEU B 174 15.09 -3.90 -7.25
CA LEU B 174 15.39 -5.20 -6.71
C LEU B 174 15.81 -6.21 -7.77
N VAL B 175 15.12 -6.26 -8.90
CA VAL B 175 15.45 -7.30 -9.86
C VAL B 175 16.82 -7.06 -10.49
N ARG B 176 17.21 -5.80 -10.68
CA ARG B 176 18.56 -5.53 -11.19
C ARG B 176 19.63 -5.98 -10.17
N GLN B 177 19.36 -5.81 -8.88
CA GLN B 177 20.29 -6.31 -7.84
C GLN B 177 20.44 -7.81 -7.91
N ILE B 178 19.32 -8.50 -8.14
CA ILE B 178 19.30 -9.94 -8.24
C ILE B 178 20.15 -10.41 -9.43
N THR B 179 20.00 -9.81 -10.60
CA THR B 179 20.75 -10.27 -11.77
C THR B 179 22.24 -9.96 -11.61
N ALA B 180 22.54 -8.82 -10.99
CA ALA B 180 23.94 -8.47 -10.69
C ALA B 180 24.58 -9.51 -9.76
N LYS B 181 23.83 -9.96 -8.78
CA LYS B 181 24.35 -10.92 -7.81
C LYS B 181 24.50 -12.32 -8.35
N MET B 182 23.51 -12.80 -9.10
CA MET B 182 23.51 -14.19 -9.53
C MET B 182 24.09 -14.40 -10.92
N GLY B 183 24.01 -13.39 -11.77
CA GLY B 183 24.55 -13.52 -13.11
C GLY B 183 23.89 -14.67 -13.84
N ASP B 184 24.68 -15.45 -14.57
CA ASP B 184 24.13 -16.54 -15.37
C ASP B 184 23.77 -17.80 -14.58
N ARG B 185 23.83 -17.73 -13.25
CA ARG B 185 23.40 -18.85 -12.43
C ARG B 185 21.91 -19.16 -12.64
N LEU B 186 21.14 -18.12 -12.96
CA LEU B 186 19.69 -18.25 -13.17
C LEU B 186 19.28 -17.68 -14.51
N MET B 187 18.21 -18.20 -15.07
CA MET B 187 17.50 -17.53 -16.16
C MET B 187 16.41 -16.63 -15.62
N TYR B 188 16.39 -15.40 -16.11
CA TYR B 188 15.49 -14.35 -15.65
C TYR B 188 14.28 -14.19 -16.54
N LEU B 189 13.09 -14.38 -15.96
CA LEU B 189 11.83 -14.41 -16.69
C LEU B 189 10.91 -13.27 -16.28
N GLY B 190 10.56 -12.37 -17.19
CA GLY B 190 9.57 -11.38 -16.88
C GLY B 190 8.22 -11.98 -16.60
N GLY B 191 7.56 -11.48 -15.59
CA GLY B 191 6.32 -12.07 -15.12
C GLY B 191 5.20 -11.11 -14.76
N MET B 192 5.25 -9.87 -15.22
CA MET B 192 4.15 -8.93 -14.97
C MET B 192 2.96 -9.37 -15.79
N PRO B 193 1.76 -8.91 -15.35
N PRO B 193 1.73 -9.03 -15.36
CA PRO B 193 0.57 -8.90 -16.18
CA PRO B 193 0.59 -9.74 -15.99
C PRO B 193 0.84 -8.12 -17.46
C PRO B 193 0.45 -9.56 -17.52
N THR B 194 0.57 -8.75 -18.60
N THR B 194 0.75 -8.38 -18.04
CA THR B 194 0.82 -8.10 -19.89
CA THR B 194 0.87 -8.18 -19.48
C THR B 194 2.29 -7.67 -19.98
C THR B 194 2.30 -7.69 -19.73
N ALA B 195 3.19 -8.65 -19.91
CA ALA B 195 4.60 -8.41 -19.74
C ALA B 195 5.25 -7.58 -20.82
N GLU B 196 4.64 -7.54 -22.00
CA GLU B 196 5.19 -6.70 -23.06
C GLU B 196 5.29 -5.23 -22.65
N LEU B 197 4.43 -4.78 -21.75
N LEU B 197 4.43 -4.79 -21.73
CA LEU B 197 4.49 -3.38 -21.28
CA LEU B 197 4.44 -3.41 -21.26
C LEU B 197 5.80 -3.07 -20.57
C LEU B 197 5.73 -3.08 -20.49
N PHE B 198 6.46 -4.12 -20.08
CA PHE B 198 7.65 -4.02 -19.27
C PHE B 198 8.92 -4.52 -19.94
N ALA B 199 8.79 -5.18 -21.10
CA ALA B 199 9.87 -5.95 -21.65
C ALA B 199 11.09 -5.11 -22.05
N GLU B 200 10.87 -3.94 -22.63
CA GLU B 200 12.02 -3.12 -23.06
C GLU B 200 12.81 -2.64 -21.86
N ALA B 201 12.13 -2.19 -20.81
CA ALA B 201 12.82 -1.81 -19.59
C ALA B 201 13.51 -3.00 -18.93
N TYR B 202 12.85 -4.16 -18.93
CA TYR B 202 13.43 -5.36 -18.32
C TYR B 202 14.70 -5.86 -19.00
N LEU B 203 14.87 -5.58 -20.31
CA LEU B 203 16.16 -5.92 -20.96
C LEU B 203 17.32 -5.36 -20.21
N GLY B 204 17.24 -4.07 -19.86
CA GLY B 204 18.30 -3.42 -19.10
C GLY B 204 18.51 -4.02 -17.73
N ALA B 205 17.43 -4.48 -17.11
CA ALA B 205 17.54 -5.15 -15.83
C ALA B 205 18.20 -6.52 -15.93
N GLY B 206 18.27 -7.08 -17.14
CA GLY B 206 18.93 -8.34 -17.38
C GLY B 206 18.00 -9.48 -17.82
N PHE B 207 16.75 -9.15 -18.19
CA PHE B 207 15.76 -10.15 -18.57
C PHE B 207 15.52 -10.08 -20.07
N THR B 208 15.68 -11.21 -20.76
CA THR B 208 15.46 -11.20 -22.21
C THR B 208 14.28 -12.07 -22.64
N THR B 209 13.50 -12.58 -21.69
CA THR B 209 12.25 -13.26 -21.99
C THR B 209 11.23 -12.99 -20.91
N TYR B 210 10.02 -13.48 -21.13
CA TYR B 210 8.87 -13.22 -20.27
C TYR B 210 7.74 -14.15 -20.69
N SER B 211 6.76 -14.31 -19.81
CA SER B 211 5.52 -14.94 -20.18
C SER B 211 4.69 -13.94 -20.96
N SER B 212 4.24 -14.35 -22.15
CA SER B 212 3.30 -13.54 -22.92
C SER B 212 1.92 -14.13 -22.80
N ALA B 213 1.11 -13.60 -21.89
CA ALA B 213 -0.25 -14.09 -21.75
C ALA B 213 -1.05 -13.96 -23.06
N VAL B 214 -0.85 -12.85 -23.78
CA VAL B 214 -1.64 -12.65 -25.01
C VAL B 214 -1.23 -13.61 -26.11
N PHE B 215 -0.05 -14.25 -26.01
CA PHE B 215 0.33 -15.31 -26.96
C PHE B 215 -0.77 -16.38 -27.03
N ASN B 216 -1.56 -16.53 -25.97
CA ASN B 216 -2.69 -17.46 -25.99
C ASN B 216 -3.64 -17.26 -27.17
N PHE B 217 -3.81 -16.01 -27.61
CA PHE B 217 -4.82 -15.71 -28.62
C PHE B 217 -4.32 -14.87 -29.80
N VAL B 218 -3.23 -14.13 -29.65
CA VAL B 218 -2.57 -13.46 -30.80
C VAL B 218 -1.08 -13.82 -30.83
N PRO B 219 -0.79 -15.13 -30.92
CA PRO B 219 0.61 -15.55 -30.94
C PRO B 219 1.46 -14.91 -32.04
N GLY B 220 0.86 -14.63 -33.19
CA GLY B 220 1.65 -14.02 -34.24
C GLY B 220 2.11 -12.64 -33.88
N LEU B 221 1.24 -11.90 -33.19
CA LEU B 221 1.53 -10.55 -32.71
C LEU B 221 2.57 -10.60 -31.57
N ALA B 222 2.37 -11.53 -30.65
CA ALA B 222 3.33 -11.69 -29.57
C ALA B 222 4.69 -12.11 -30.08
N ASN B 223 4.75 -13.00 -31.07
N ASN B 223 4.72 -12.99 -31.07
CA ASN B 223 6.05 -13.40 -31.61
CA ASN B 223 5.96 -13.43 -31.68
C ASN B 223 6.74 -12.23 -32.32
C ASN B 223 6.70 -12.26 -32.34
N GLU B 224 5.96 -11.38 -33.02
CA GLU B 224 6.54 -10.23 -33.69
C GLU B 224 7.10 -9.22 -32.72
N PHE B 225 6.37 -8.98 -31.63
CA PHE B 225 6.86 -8.04 -30.63
C PHE B 225 8.17 -8.56 -30.05
N TYR B 226 8.19 -9.84 -29.73
CA TYR B 226 9.39 -10.46 -29.16
C TYR B 226 10.59 -10.36 -30.11
N ALA B 227 10.37 -10.66 -31.38
CA ALA B 227 11.46 -10.57 -32.34
C ALA B 227 11.97 -9.12 -32.43
N ALA B 228 11.06 -8.17 -32.46
CA ALA B 228 11.44 -6.76 -32.53
C ALA B 228 12.22 -6.36 -31.28
N LEU B 229 11.77 -6.80 -30.12
CA LEU B 229 12.45 -6.53 -28.85
C LEU B 229 13.90 -7.02 -28.90
N ARG B 230 14.10 -8.26 -29.31
CA ARG B 230 15.43 -8.85 -29.28
C ARG B 230 16.33 -8.20 -30.34
N ALA B 231 15.71 -7.70 -31.41
CA ALA B 231 16.45 -7.02 -32.50
C ALA B 231 16.73 -5.56 -32.25
N GLY B 232 16.17 -4.97 -31.21
CA GLY B 232 16.35 -3.56 -30.93
C GLY B 232 15.52 -2.65 -31.82
N GLU B 233 14.47 -3.21 -32.42
N GLU B 233 14.46 -3.21 -32.41
CA GLU B 233 13.60 -2.48 -33.34
CA GLU B 233 13.61 -2.47 -33.33
C GLU B 233 12.54 -1.73 -32.53
C GLU B 233 12.53 -1.74 -32.54
N ARG B 234 12.96 -0.63 -31.93
CA ARG B 234 12.08 0.13 -31.03
C ARG B 234 10.78 0.61 -31.65
N ALA B 235 10.83 1.07 -32.89
CA ALA B 235 9.65 1.63 -33.50
C ALA B 235 8.58 0.56 -33.72
N THR B 236 9.02 -0.67 -34.01
CA THR B 236 8.09 -1.79 -34.14
C THR B 236 7.47 -2.14 -32.79
N CYS B 237 8.29 -2.26 -31.75
CA CYS B 237 7.76 -2.52 -30.41
C CYS B 237 6.75 -1.44 -30.05
N GLU B 238 7.14 -0.18 -30.27
CA GLU B 238 6.29 0.92 -29.87
C GLU B 238 4.95 0.96 -30.61
N ARG B 239 4.96 0.68 -31.92
CA ARG B 239 3.73 0.64 -32.68
C ARG B 239 2.77 -0.43 -32.09
N ILE B 240 3.30 -1.59 -31.77
CA ILE B 240 2.49 -2.69 -31.25
C ILE B 240 1.97 -2.34 -29.84
N LEU B 241 2.77 -1.63 -29.04
CA LEU B 241 2.29 -1.14 -27.74
C LEU B 241 1.11 -0.20 -27.92
N VAL B 242 1.27 0.79 -28.79
CA VAL B 242 0.27 1.81 -28.97
C VAL B 242 -1.01 1.26 -29.60
N ASP B 243 -0.86 0.39 -30.60
CA ASP B 243 -2.01 -0.09 -31.35
C ASP B 243 -2.71 -1.30 -30.71
N PHE B 244 -1.97 -2.11 -29.95
CA PHE B 244 -2.54 -3.30 -29.33
C PHE B 244 -2.49 -3.31 -27.80
N PHE B 245 -1.31 -3.18 -27.23
CA PHE B 245 -1.21 -3.41 -25.78
C PHE B 245 -1.87 -2.38 -24.90
N TYR B 246 -1.72 -1.09 -25.19
CA TYR B 246 -2.37 -0.13 -24.31
C TYR B 246 -3.91 -0.23 -24.46
N PRO B 247 -4.40 -0.48 -25.68
CA PRO B 247 -5.84 -0.68 -25.75
C PRO B 247 -6.29 -1.95 -25.00
N PHE B 248 -5.48 -2.99 -25.05
CA PHE B 248 -5.79 -4.20 -24.32
C PHE B 248 -5.80 -3.91 -22.82
N MET B 249 -4.80 -3.17 -22.35
CA MET B 249 -4.74 -2.81 -20.93
CA MET B 249 -4.69 -2.77 -20.94
C MET B 249 -5.97 -2.06 -20.48
N ALA B 250 -6.53 -1.22 -21.34
CA ALA B 250 -7.77 -0.53 -21.01
C ALA B 250 -8.96 -1.48 -20.77
N ILE B 251 -9.04 -2.57 -21.52
CA ILE B 251 -10.05 -3.58 -21.29
C ILE B 251 -9.73 -4.37 -20.01
N ARG B 252 -8.46 -4.77 -19.88
N ARG B 252 -8.47 -4.82 -19.90
CA ARG B 252 -7.97 -5.53 -18.75
CA ARG B 252 -8.01 -5.53 -18.71
C ARG B 252 -8.16 -4.81 -17.42
C ARG B 252 -8.36 -4.77 -17.44
N ASN B 253 -8.08 -3.49 -17.42
CA ASN B 253 -8.21 -2.72 -16.18
C ASN B 253 -9.66 -2.49 -15.76
N ARG B 254 -10.63 -2.97 -16.53
CA ARG B 254 -12.04 -2.73 -16.20
C ARG B 254 -12.49 -3.44 -14.94
N ALA B 255 -11.85 -4.55 -14.59
CA ALA B 255 -12.22 -5.30 -13.39
C ALA B 255 -11.05 -6.14 -12.88
N LYS B 256 -11.08 -6.44 -11.58
N LYS B 256 -11.08 -6.43 -11.57
CA LYS B 256 -10.09 -7.31 -10.97
CA LYS B 256 -10.09 -7.31 -10.97
C LYS B 256 -10.13 -8.69 -11.62
C LYS B 256 -10.13 -8.69 -11.63
N GLY B 257 -8.95 -9.26 -11.84
CA GLY B 257 -8.83 -10.59 -12.42
C GLY B 257 -8.87 -10.67 -13.93
N TYR B 258 -9.13 -9.55 -14.60
CA TYR B 258 -9.24 -9.57 -16.06
C TYR B 258 -7.92 -9.83 -16.75
N ALA B 259 -6.78 -9.75 -16.07
CA ALA B 259 -5.53 -10.20 -16.67
C ALA B 259 -5.61 -11.67 -17.10
N VAL B 260 -6.44 -12.44 -16.41
CA VAL B 260 -6.77 -13.82 -16.81
C VAL B 260 -8.05 -13.86 -17.64
N SER B 261 -9.12 -13.24 -17.15
CA SER B 261 -10.40 -13.37 -17.81
C SER B 261 -10.39 -12.84 -19.23
N ALA B 262 -9.69 -11.74 -19.47
CA ALA B 262 -9.65 -11.19 -20.83
C ALA B 262 -8.86 -12.05 -21.79
N VAL B 263 -7.79 -12.68 -21.30
CA VAL B 263 -7.04 -13.62 -22.12
C VAL B 263 -7.90 -14.84 -22.52
N LYS B 264 -8.64 -15.39 -21.57
CA LYS B 264 -9.51 -16.51 -21.83
C LYS B 264 -10.62 -16.14 -22.82
N ALA B 265 -11.16 -14.91 -22.72
CA ALA B 265 -12.12 -14.42 -23.72
C ALA B 265 -11.48 -14.36 -25.09
N GLY B 266 -10.22 -13.92 -25.17
CA GLY B 266 -9.55 -13.86 -26.46
C GLY B 266 -9.41 -15.21 -27.11
N VAL B 267 -9.08 -16.21 -26.29
CA VAL B 267 -8.94 -17.57 -26.76
C VAL B 267 -10.28 -18.04 -27.33
N ARG B 268 -11.36 -17.81 -26.60
CA ARG B 268 -12.70 -18.16 -27.10
C ARG B 268 -13.00 -17.47 -28.43
N LEU B 269 -12.66 -16.19 -28.49
CA LEU B 269 -12.89 -15.42 -29.73
C LEU B 269 -12.17 -16.00 -30.96
N GLN B 270 -11.00 -16.60 -30.74
CA GLN B 270 -10.21 -17.20 -31.82
C GLN B 270 -10.67 -18.61 -32.18
N GLY B 271 -11.75 -19.07 -31.54
CA GLY B 271 -12.39 -20.32 -31.88
C GLY B 271 -12.08 -21.54 -31.06
N PHE B 272 -11.48 -21.33 -29.90
N PHE B 272 -11.37 -21.35 -29.95
CA PHE B 272 -11.24 -22.40 -28.95
CA PHE B 272 -11.02 -22.46 -29.07
C PHE B 272 -12.13 -22.16 -27.75
C PHE B 272 -11.81 -22.33 -27.79
N ASN B 273 -13.14 -22.99 -27.55
N ASN B 273 -12.75 -23.27 -27.57
CA ASN B 273 -14.05 -22.72 -26.44
CA ASN B 273 -13.79 -23.11 -26.55
C ASN B 273 -13.47 -23.23 -25.12
C ASN B 273 -13.28 -23.39 -25.14
N ALA B 274 -12.56 -22.42 -24.58
CA ALA B 274 -11.89 -22.63 -23.30
C ALA B 274 -12.83 -22.55 -22.12
N GLY B 275 -14.10 -22.22 -22.33
CA GLY B 275 -15.07 -22.18 -21.25
C GLY B 275 -14.91 -21.01 -20.31
N PRO B 276 -15.74 -20.98 -19.29
CA PRO B 276 -15.71 -19.92 -18.27
C PRO B 276 -14.48 -19.99 -17.37
N VAL B 277 -14.17 -18.86 -16.74
CA VAL B 277 -13.26 -18.85 -15.62
C VAL B 277 -13.98 -19.46 -14.41
N ARG B 278 -13.19 -20.00 -13.49
CA ARG B 278 -13.69 -20.43 -12.20
C ARG B 278 -13.76 -19.25 -11.23
N ALA B 279 -14.83 -19.19 -10.44
CA ALA B 279 -14.87 -18.21 -9.35
C ALA B 279 -13.67 -18.44 -8.44
N PRO B 280 -13.13 -17.37 -7.84
CA PRO B 280 -13.67 -16.00 -7.79
C PRO B 280 -13.25 -15.06 -8.92
N LEU B 281 -12.69 -15.58 -10.02
CA LEU B 281 -12.64 -14.72 -11.20
C LEU B 281 -14.06 -14.60 -11.76
N LYS B 282 -14.28 -13.56 -12.59
CA LYS B 282 -15.52 -13.46 -13.35
C LYS B 282 -15.17 -13.27 -14.82
N ASP B 283 -16.05 -13.74 -15.70
CA ASP B 283 -15.85 -13.51 -17.13
C ASP B 283 -16.22 -12.11 -17.55
N LEU B 284 -15.60 -11.68 -18.65
CA LEU B 284 -16.00 -10.45 -19.30
C LEU B 284 -17.48 -10.53 -19.71
N THR B 285 -18.15 -9.38 -19.67
CA THR B 285 -19.52 -9.28 -20.20
C THR B 285 -19.48 -9.43 -21.73
N ASN B 286 -20.62 -9.77 -22.32
CA ASN B 286 -20.69 -9.88 -23.77
C ASN B 286 -20.24 -8.56 -24.43
N GLU B 287 -20.57 -7.41 -23.83
CA GLU B 287 -20.10 -6.13 -24.36
C GLU B 287 -18.58 -6.02 -24.36
N GLU B 288 -17.96 -6.42 -23.25
CA GLU B 288 -16.50 -6.37 -23.13
C GLU B 288 -15.83 -7.35 -24.09
N ILE B 289 -16.43 -8.51 -24.27
CA ILE B 289 -15.92 -9.46 -25.25
C ILE B 289 -15.95 -8.85 -26.64
N GLY B 290 -17.02 -8.10 -26.92
CA GLY B 290 -17.12 -7.40 -28.21
C GLY B 290 -16.01 -6.37 -28.38
N MET B 291 -15.65 -5.65 -27.31
CA MET B 291 -14.55 -4.71 -27.34
C MET B 291 -13.24 -5.43 -27.71
N LEU B 292 -13.03 -6.59 -27.10
CA LEU B 292 -11.81 -7.34 -27.36
C LEU B 292 -11.82 -7.87 -28.78
N GLU B 293 -12.98 -8.31 -29.25
CA GLU B 293 -13.10 -8.82 -30.63
C GLU B 293 -12.70 -7.73 -31.63
N ALA B 294 -13.21 -6.52 -31.40
CA ALA B 294 -12.88 -5.41 -32.28
C ALA B 294 -11.40 -5.10 -32.25
N LEU B 295 -10.78 -5.20 -31.08
CA LEU B 295 -9.35 -4.93 -30.96
C LEU B 295 -8.54 -6.00 -31.73
N ILE B 296 -8.92 -7.27 -31.59
CA ILE B 296 -8.19 -8.35 -32.24
C ILE B 296 -8.19 -8.07 -33.75
N GLY B 297 -9.35 -7.71 -34.29
CA GLY B 297 -9.39 -7.06 -35.62
C GLY B 297 -8.75 -7.88 -36.73
N THR B 298 -7.71 -7.31 -37.32
CA THR B 298 -7.01 -7.96 -38.44
C THR B 298 -6.28 -9.26 -38.04
N HIS B 299 -6.13 -9.48 -36.74
CA HIS B 299 -5.46 -10.67 -36.21
C HIS B 299 -6.41 -11.83 -35.90
N LYS B 300 -7.67 -11.72 -36.31
CA LYS B 300 -8.59 -12.85 -36.14
C LYS B 300 -8.14 -14.06 -36.96
N ARG B 301 -8.27 -15.24 -36.36
CA ARG B 301 -7.93 -16.48 -37.05
C ARG B 301 -9.11 -17.21 -37.65
N LYS B 302 -10.30 -16.62 -37.55
CA LYS B 302 -11.50 -17.19 -38.14
C LYS B 302 -12.51 -16.09 -38.38
N ALA B 303 -13.60 -16.46 -39.02
CA ALA B 303 -14.81 -15.67 -39.01
C ALA B 303 -15.89 -16.49 -38.35
N TRP B 304 -16.76 -15.81 -37.62
CA TRP B 304 -17.93 -16.42 -37.01
C TRP B 304 -19.17 -16.26 -37.88
N SER B 305 -20.05 -17.27 -37.83
N SER B 305 -20.04 -17.25 -37.82
CA SER B 305 -21.37 -17.17 -38.45
CA SER B 305 -21.35 -17.16 -38.47
C SER B 305 -22.37 -16.95 -37.35
C SER B 305 -22.40 -16.95 -37.39
N HIS B 306 -22.78 -15.70 -37.16
CA HIS B 306 -23.70 -15.36 -36.07
C HIS B 306 -25.13 -15.68 -36.46
N PRO B 307 -25.93 -16.15 -35.49
CA PRO B 307 -27.27 -16.61 -35.89
C PRO B 307 -28.16 -15.47 -36.39
N GLN B 308 -28.87 -15.70 -37.50
CA GLN B 308 -29.84 -14.72 -38.01
C GLN B 308 -30.91 -15.40 -38.89
N PHE B 309 -32.13 -14.90 -38.81
CA PHE B 309 -33.25 -15.43 -39.61
C PHE B 309 -34.06 -14.31 -40.23
N GLU B 310 -35.01 -14.68 -41.09
CA GLU B 310 -35.94 -13.73 -41.69
C GLU B 310 -37.27 -14.40 -42.04
N MET C 1 17.97 31.31 -20.74
CA MET C 1 17.76 30.74 -22.09
C MET C 1 16.28 30.43 -22.32
N ASP C 2 15.93 30.11 -23.56
CA ASP C 2 14.54 29.83 -23.88
C ASP C 2 14.28 28.34 -23.63
N PRO C 3 13.00 27.93 -23.59
CA PRO C 3 12.67 26.54 -23.23
C PRO C 3 13.33 25.48 -24.12
N GLU C 4 13.47 25.78 -25.41
CA GLU C 4 14.11 24.83 -26.30
C GLU C 4 15.58 24.65 -26.00
N GLN C 5 16.22 25.70 -25.50
CA GLN C 5 17.62 25.60 -25.15
C GLN C 5 17.85 24.80 -23.86
N ILE C 6 16.99 24.98 -22.86
CA ILE C 6 17.10 24.15 -21.67
C ILE C 6 16.77 22.70 -22.04
N LYS C 7 15.79 22.52 -22.92
CA LYS C 7 15.43 21.19 -23.39
C LYS C 7 16.65 20.48 -23.99
N THR C 8 17.37 21.18 -24.85
CA THR C 8 18.57 20.62 -25.45
C THR C 8 19.61 20.29 -24.38
N ALA C 9 19.71 21.14 -23.37
CA ALA C 9 20.70 20.91 -22.35
C ALA C 9 20.38 19.65 -21.52
N LEU C 10 19.09 19.43 -21.26
CA LEU C 10 18.65 18.25 -20.50
C LEU C 10 19.05 16.96 -21.19
N GLY C 11 19.22 17.02 -22.51
CA GLY C 11 19.62 15.86 -23.28
C GLY C 11 21.10 15.72 -23.55
N SER C 12 21.92 16.54 -22.89
CA SER C 12 23.34 16.58 -23.20
CA SER C 12 23.35 16.63 -23.18
C SER C 12 24.24 15.95 -22.14
N GLY C 13 23.65 15.26 -21.16
CA GLY C 13 24.45 14.57 -20.17
C GLY C 13 23.77 14.34 -18.82
N LEU C 14 24.59 14.20 -17.78
CA LEU C 14 24.14 13.84 -16.44
C LEU C 14 23.62 15.04 -15.67
N LEU C 15 22.63 14.85 -14.81
CA LEU C 15 22.00 15.98 -14.12
C LEU C 15 22.50 16.07 -12.68
N SER C 16 22.88 17.28 -12.31
CA SER C 16 23.39 17.63 -10.99
C SER C 16 22.35 18.34 -10.13
N PHE C 17 22.18 17.82 -8.91
CA PHE C 17 21.27 18.38 -7.88
C PHE C 17 22.01 18.66 -6.57
N PRO C 18 22.66 19.83 -6.49
CA PRO C 18 23.48 20.12 -5.30
C PRO C 18 22.68 20.22 -3.99
N VAL C 19 23.26 19.67 -2.94
CA VAL C 19 22.75 19.89 -1.58
C VAL C 19 22.82 21.37 -1.26
N THR C 20 21.90 21.83 -0.43
CA THR C 20 21.90 23.23 0.00
C THR C 20 22.64 23.34 1.33
N HIS C 21 23.62 24.24 1.36
CA HIS C 21 24.49 24.37 2.52
C HIS C 21 23.89 25.33 3.55
N PHE C 22 23.93 24.92 4.82
CA PHE C 22 23.41 25.75 5.91
C PHE C 22 24.51 26.02 6.94
N ASP C 23 24.53 27.24 7.48
CA ASP C 23 25.55 27.62 8.46
C ASP C 23 25.09 27.34 9.89
N ALA C 24 25.92 27.75 10.85
CA ALA C 24 25.67 27.47 12.26
C ALA C 24 24.33 28.03 12.75
N GLU C 25 23.99 29.22 12.30
CA GLU C 25 22.74 29.86 12.69
C GLU C 25 21.57 29.36 11.84
N GLY C 26 21.81 28.31 11.05
CA GLY C 26 20.76 27.66 10.27
C GLY C 26 20.47 28.31 8.92
N ARG C 27 21.24 29.34 8.58
CA ARG C 27 20.99 30.16 7.39
C ARG C 27 21.72 29.54 6.20
N PHE C 28 21.22 29.87 5.00
CA PHE C 28 21.90 29.50 3.76
C PHE C 28 23.34 30.00 3.81
N ALA C 29 24.28 29.08 3.62
CA ALA C 29 25.71 29.38 3.66
C ALA C 29 26.21 29.55 2.23
N ALA C 30 26.14 30.77 1.71
CA ALA C 30 26.39 31.04 0.30
C ALA C 30 27.84 30.83 -0.14
N ASP C 31 28.81 31.20 0.70
CA ASP C 31 30.21 30.97 0.33
C ASP C 31 30.50 29.49 0.18
N SER C 32 30.06 28.69 1.14
CA SER C 32 30.30 27.24 1.12
C SER C 32 29.61 26.61 -0.07
N TYR C 33 28.38 27.03 -0.33
CA TYR C 33 27.61 26.53 -1.47
C TYR C 33 28.35 26.81 -2.76
N ARG C 34 28.76 28.07 -2.93
CA ARG C 34 29.45 28.48 -4.16
C ARG C 34 30.77 27.72 -4.33
N GLU C 35 31.45 27.44 -3.22
CA GLU C 35 32.68 26.70 -3.28
C GLU C 35 32.42 25.28 -3.77
N HIS C 36 31.37 24.66 -3.25
CA HIS C 36 31.01 23.30 -3.63
C HIS C 36 30.55 23.25 -5.09
N VAL C 37 29.73 24.21 -5.50
CA VAL C 37 29.26 24.25 -6.88
C VAL C 37 30.42 24.45 -7.84
N GLU C 38 31.38 25.29 -7.47
CA GLU C 38 32.53 25.53 -8.34
C GLU C 38 33.36 24.27 -8.54
N TRP C 39 33.51 23.47 -7.50
CA TRP C 39 34.21 22.20 -7.62
C TRP C 39 33.42 21.25 -8.53
N LEU C 40 32.12 21.15 -8.29
CA LEU C 40 31.28 20.28 -9.11
C LEU C 40 31.34 20.67 -10.60
N ALA C 41 31.53 21.96 -10.88
CA ALA C 41 31.49 22.45 -12.25
C ALA C 41 32.62 21.84 -13.08
N GLY C 42 33.69 21.42 -12.41
CA GLY C 42 34.80 20.81 -13.09
C GLY C 42 34.45 19.44 -13.65
N TYR C 43 33.33 18.89 -13.19
CA TYR C 43 32.90 17.55 -13.61
C TYR C 43 31.81 17.59 -14.69
N LYS C 44 31.53 18.79 -15.17
CA LYS C 44 30.85 19.08 -16.44
C LYS C 44 29.42 18.59 -16.62
N ALA C 45 28.63 18.52 -15.57
CA ALA C 45 27.20 18.27 -15.75
C ALA C 45 26.60 19.45 -16.51
N PRO C 46 25.79 19.19 -17.55
CA PRO C 46 25.23 20.30 -18.32
C PRO C 46 24.10 21.08 -17.67
N VAL C 47 23.47 20.49 -16.66
CA VAL C 47 22.36 21.13 -15.97
C VAL C 47 22.52 20.93 -14.49
N LEU C 48 22.31 22.02 -13.77
CA LEU C 48 22.42 22.06 -12.33
C LEU C 48 21.04 22.42 -11.80
N PHE C 49 20.48 21.56 -10.95
CA PHE C 49 19.20 21.84 -10.33
C PHE C 49 19.41 22.35 -8.92
N ALA C 50 19.21 23.66 -8.75
CA ALA C 50 19.39 24.31 -7.47
C ALA C 50 18.10 24.23 -6.68
N ALA C 51 18.21 23.89 -5.40
CA ALA C 51 17.05 23.81 -4.52
C ALA C 51 16.03 22.81 -5.05
N GLY C 52 16.51 21.66 -5.51
CA GLY C 52 15.66 20.52 -5.79
C GLY C 52 15.46 19.69 -4.52
N GLY C 53 14.92 18.48 -4.66
CA GLY C 53 14.77 17.57 -3.54
C GLY C 53 16.05 17.31 -2.76
N THR C 54 17.12 16.96 -3.47
CA THR C 54 18.39 16.73 -2.82
C THR C 54 18.90 18.02 -2.17
N GLY C 55 18.48 19.16 -2.71
CA GLY C 55 18.80 20.48 -2.15
C GLY C 55 17.82 20.95 -1.09
N GLU C 56 17.06 20.00 -0.56
CA GLU C 56 16.11 20.28 0.51
C GLU C 56 15.06 21.34 0.20
N PHE C 57 14.57 21.37 -1.04
CA PHE C 57 13.52 22.31 -1.44
C PHE C 57 12.39 22.41 -0.40
N PHE C 58 11.98 21.24 0.08
CA PHE C 58 10.84 21.09 1.00
C PHE C 58 11.08 21.67 2.41
N SER C 59 12.29 22.18 2.66
CA SER C 59 12.62 22.80 3.94
C SER C 59 13.04 24.26 3.80
N LEU C 60 12.92 24.80 2.59
CA LEU C 60 13.31 26.20 2.34
C LEU C 60 12.13 27.15 2.47
N LYS C 61 12.38 28.33 3.04
CA LYS C 61 11.41 29.40 2.95
C LYS C 61 11.40 29.83 1.51
N PRO C 62 10.24 30.23 0.99
CA PRO C 62 10.22 30.65 -0.42
C PRO C 62 11.19 31.79 -0.78
N ASP C 63 11.45 32.69 0.17
CA ASP C 63 12.35 33.80 -0.14
C ASP C 63 13.82 33.36 -0.20
N GLU C 64 14.13 32.18 0.33
CA GLU C 64 15.48 31.64 0.25
C GLU C 64 15.80 31.10 -1.15
N ILE C 65 14.78 30.69 -1.90
CA ILE C 65 15.02 29.96 -3.14
C ILE C 65 15.72 30.85 -4.20
N PRO C 66 15.25 32.10 -4.42
CA PRO C 66 15.97 32.92 -5.40
C PRO C 66 17.42 33.21 -5.00
N THR C 67 17.68 33.34 -3.70
CA THR C 67 19.03 33.57 -3.19
C THR C 67 19.94 32.40 -3.56
N ILE C 68 19.41 31.17 -3.42
CA ILE C 68 20.18 29.98 -3.70
C ILE C 68 20.42 29.84 -5.21
N VAL C 69 19.38 30.11 -6.01
CA VAL C 69 19.50 30.03 -7.46
C VAL C 69 20.54 31.03 -7.92
N ALA C 70 20.49 32.25 -7.37
CA ALA C 70 21.40 33.30 -7.81
C ALA C 70 22.84 32.92 -7.46
N ALA C 71 23.03 32.34 -6.29
CA ALA C 71 24.35 31.86 -5.85
C ALA C 71 24.91 30.80 -6.78
N ALA C 72 24.09 29.83 -7.19
CA ALA C 72 24.58 28.81 -8.09
C ALA C 72 24.97 29.43 -9.43
N LYS C 73 24.14 30.33 -9.94
CA LYS C 73 24.34 30.91 -11.26
C LYS C 73 25.66 31.69 -11.31
N GLU C 74 26.07 32.25 -10.18
CA GLU C 74 27.29 33.06 -10.08
C GLU C 74 28.52 32.30 -10.50
N VAL C 75 28.58 31.03 -10.10
CA VAL C 75 29.80 30.24 -10.20
C VAL C 75 29.65 28.97 -11.03
N ALA C 76 28.49 28.77 -11.65
CA ALA C 76 28.22 27.52 -12.37
C ALA C 76 28.80 27.52 -13.79
N GLY C 77 29.16 28.69 -14.28
CA GLY C 77 29.76 28.77 -15.61
C GLY C 77 28.72 28.66 -16.70
N GLU C 78 29.09 28.01 -17.79
CA GLU C 78 28.18 27.81 -18.92
C GLU C 78 27.41 26.53 -18.65
N THR C 79 26.45 26.64 -17.75
CA THR C 79 25.68 25.50 -17.27
C THR C 79 24.26 25.98 -17.07
N ALA C 80 23.30 25.17 -17.47
CA ALA C 80 21.91 25.56 -17.32
C ALA C 80 21.56 25.45 -15.85
N ILE C 81 20.79 26.41 -15.34
CA ILE C 81 20.38 26.42 -13.95
C ILE C 81 18.88 26.29 -13.85
N VAL C 82 18.42 25.18 -13.24
CA VAL C 82 16.99 24.97 -13.03
C VAL C 82 16.73 25.07 -11.55
N SER C 83 15.62 25.72 -11.20
CA SER C 83 15.25 25.88 -9.81
C SER C 83 14.12 24.91 -9.45
N GLY C 84 14.17 24.39 -8.22
CA GLY C 84 13.00 23.76 -7.65
C GLY C 84 11.83 24.72 -7.56
N CYS C 85 10.63 24.17 -7.57
CA CYS C 85 9.39 24.90 -7.39
C CYS C 85 8.40 23.85 -6.88
N GLY C 86 7.28 24.25 -6.28
CA GLY C 86 6.38 23.28 -5.68
C GLY C 86 5.31 23.94 -4.85
N TYR C 87 4.64 23.12 -4.04
CA TYR C 87 3.48 23.52 -3.22
C TYR C 87 2.24 23.75 -4.08
N GLY C 88 1.17 24.25 -3.46
CA GLY C 88 -0.05 24.59 -4.16
C GLY C 88 0.18 25.70 -5.18
N THR C 89 -0.82 25.95 -6.02
CA THR C 89 -0.66 26.80 -7.18
C THR C 89 -0.25 28.23 -6.82
N GLU C 90 -0.90 28.81 -5.83
CA GLU C 90 -0.60 30.20 -5.48
C GLU C 90 0.85 30.40 -5.05
N ILE C 91 1.37 29.51 -4.20
CA ILE C 91 2.75 29.57 -3.79
C ILE C 91 3.69 29.24 -4.95
N ALA C 92 3.34 28.22 -5.72
CA ALA C 92 4.20 27.79 -6.80
C ALA C 92 4.45 28.89 -7.85
N VAL C 93 3.40 29.60 -8.22
CA VAL C 93 3.49 30.69 -9.19
C VAL C 93 4.41 31.79 -8.64
N ASP C 94 4.27 32.13 -7.36
CA ASP C 94 5.14 33.15 -6.79
C ASP C 94 6.58 32.70 -6.82
N ILE C 95 6.83 31.45 -6.45
CA ILE C 95 8.19 30.93 -6.47
C ILE C 95 8.74 30.96 -7.89
N ALA C 96 7.96 30.48 -8.84
CA ALA C 96 8.38 30.41 -10.24
C ALA C 96 8.78 31.79 -10.78
N ARG C 97 7.93 32.77 -10.55
CA ARG C 97 8.21 34.13 -11.01
C ARG C 97 9.45 34.72 -10.35
N SER C 98 9.63 34.44 -9.06
CA SER C 98 10.78 34.94 -8.33
C SER C 98 12.10 34.38 -8.82
N VAL C 99 12.12 33.12 -9.24
CA VAL C 99 13.36 32.54 -9.71
C VAL C 99 13.63 32.88 -11.17
N GLU C 100 12.58 33.07 -11.95
CA GLU C 100 12.74 33.56 -13.31
C GLU C 100 13.44 34.93 -13.25
N LYS C 101 13.09 35.74 -12.25
CA LYS C 101 13.61 37.11 -12.15
C LYS C 101 15.11 37.14 -11.90
N VAL C 102 15.64 36.15 -11.20
CA VAL C 102 17.09 36.07 -10.96
C VAL C 102 17.82 35.20 -11.97
N GLY C 103 17.14 34.85 -13.06
CA GLY C 103 17.81 34.26 -14.21
C GLY C 103 17.82 32.75 -14.26
N ALA C 104 16.92 32.10 -13.52
CA ALA C 104 16.75 30.65 -13.70
C ALA C 104 16.47 30.33 -15.16
N ASP C 105 17.00 29.21 -15.61
CA ASP C 105 16.78 28.74 -16.98
C ASP C 105 15.58 27.80 -17.07
N GLY C 106 15.05 27.38 -15.92
CA GLY C 106 13.87 26.54 -15.93
C GLY C 106 13.42 26.29 -14.51
N ILE C 107 12.28 25.61 -14.36
CA ILE C 107 11.84 25.16 -13.05
C ILE C 107 11.51 23.68 -13.13
N LEU C 108 11.84 22.99 -12.05
CA LEU C 108 11.39 21.60 -11.86
C LEU C 108 10.26 21.67 -10.87
N LEU C 109 9.06 21.26 -11.30
CA LEU C 109 7.87 21.41 -10.48
C LEU C 109 7.60 20.18 -9.63
N LEU C 110 7.92 20.29 -8.35
CA LEU C 110 7.68 19.24 -7.37
C LEU C 110 6.18 19.21 -7.07
N PRO C 111 5.72 18.14 -6.40
CA PRO C 111 4.28 18.01 -6.15
C PRO C 111 3.66 19.14 -5.36
N HIS C 112 2.36 19.34 -5.58
CA HIS C 112 1.61 20.21 -4.71
C HIS C 112 1.55 19.56 -3.30
N TYR C 113 1.03 20.30 -2.33
CA TYR C 113 1.14 19.93 -0.93
C TYR C 113 -0.03 19.08 -0.47
N LEU C 114 0.31 17.94 0.15
CA LEU C 114 -0.56 17.14 1.04
C LEU C 114 -1.61 16.26 0.35
N ILE C 115 -2.46 16.85 -0.48
CA ILE C 115 -3.67 16.16 -0.89
C ILE C 115 -3.55 15.30 -2.13
N ASP C 116 -4.42 14.29 -2.21
CA ASP C 116 -4.63 13.54 -3.44
C ASP C 116 -5.58 14.33 -4.30
N ALA C 117 -5.33 14.37 -5.60
CA ALA C 117 -6.12 15.21 -6.46
C ALA C 117 -6.50 14.49 -7.73
N PRO C 118 -7.67 14.87 -8.29
CA PRO C 118 -8.13 14.29 -9.54
C PRO C 118 -7.22 14.75 -10.69
N GLN C 119 -7.12 13.98 -11.77
CA GLN C 119 -6.26 14.33 -12.90
C GLN C 119 -6.56 15.71 -13.44
N GLU C 120 -7.85 16.06 -13.49
N GLU C 120 -7.83 16.09 -13.50
CA GLU C 120 -8.27 17.34 -14.06
CA GLU C 120 -8.20 17.37 -14.11
C GLU C 120 -7.71 18.48 -13.23
C GLU C 120 -7.75 18.52 -13.23
N GLY C 121 -7.61 18.25 -11.93
CA GLY C 121 -7.07 19.24 -11.01
C GLY C 121 -5.56 19.35 -11.12
N LEU C 122 -4.88 18.23 -11.31
CA LEU C 122 -3.45 18.26 -11.59
C LEU C 122 -3.20 19.06 -12.85
N TYR C 123 -4.02 18.82 -13.86
CA TYR C 123 -3.92 19.54 -15.12
C TYR C 123 -4.05 21.05 -14.90
N ALA C 124 -5.09 21.46 -14.17
CA ALA C 124 -5.35 22.87 -13.92
C ALA C 124 -4.18 23.54 -13.18
N HIS C 125 -3.67 22.86 -12.14
CA HIS C 125 -2.56 23.36 -11.34
C HIS C 125 -1.29 23.54 -12.15
N ILE C 126 -0.87 22.49 -12.84
CA ILE C 126 0.37 22.54 -13.62
C ILE C 126 0.28 23.55 -14.78
N LYS C 127 -0.86 23.60 -15.46
CA LYS C 127 -1.06 24.56 -16.53
C LYS C 127 -0.86 25.99 -16.00
N LYS C 128 -1.45 26.29 -14.85
CA LYS C 128 -1.35 27.66 -14.33
C LYS C 128 0.10 28.02 -14.02
N VAL C 129 0.85 27.08 -13.44
CA VAL C 129 2.26 27.32 -13.18
C VAL C 129 3.04 27.53 -14.47
N CYS C 130 2.83 26.70 -15.47
CA CYS C 130 3.56 26.83 -16.71
C CYS C 130 3.27 28.16 -17.37
N GLN C 131 2.02 28.60 -17.31
CA GLN C 131 1.61 29.83 -17.97
C GLN C 131 2.09 31.08 -17.24
N SER C 132 2.57 30.93 -16.01
CA SER C 132 3.00 32.07 -15.20
C SER C 132 4.42 32.56 -15.52
N VAL C 133 5.18 31.76 -16.26
CA VAL C 133 6.56 32.08 -16.60
C VAL C 133 6.82 31.76 -18.06
N GLY C 134 7.90 32.32 -18.60
CA GLY C 134 8.32 32.04 -19.97
C GLY C 134 9.44 31.02 -20.05
N ILE C 135 10.02 30.66 -18.92
CA ILE C 135 11.12 29.71 -18.92
C ILE C 135 10.59 28.26 -18.98
N GLY C 136 11.50 27.33 -19.20
CA GLY C 136 11.12 25.92 -19.38
C GLY C 136 10.71 25.26 -18.07
N VAL C 137 9.79 24.31 -18.19
CA VAL C 137 9.24 23.59 -17.03
C VAL C 137 9.46 22.10 -17.23
N MET C 138 9.90 21.45 -16.17
CA MET C 138 9.93 19.99 -16.12
C MET C 138 8.94 19.56 -15.04
N VAL C 139 7.99 18.69 -15.38
CA VAL C 139 7.09 18.12 -14.37
C VAL C 139 7.73 16.91 -13.74
N TYR C 140 7.25 16.55 -12.55
N TYR C 140 7.16 16.49 -12.63
CA TYR C 140 7.90 15.54 -11.72
CA TYR C 140 7.82 15.56 -11.76
C TYR C 140 6.87 14.59 -11.13
C TYR C 140 6.72 14.65 -11.24
N ASN C 141 6.68 13.43 -11.76
CA ASN C 141 5.73 12.44 -11.28
C ASN C 141 6.27 11.75 -10.05
N ARG C 142 5.61 11.97 -8.92
N ARG C 142 5.61 11.97 -8.92
CA ARG C 142 5.98 11.31 -7.68
CA ARG C 142 6.09 11.48 -7.63
C ARG C 142 4.93 11.58 -6.62
C ARG C 142 5.01 11.66 -6.55
N ASP C 143 4.92 10.72 -5.62
CA ASP C 143 4.02 10.83 -4.46
C ASP C 143 2.59 11.16 -4.88
N ASN C 144 2.10 12.32 -4.44
CA ASN C 144 0.70 12.71 -4.68
C ASN C 144 0.43 13.47 -5.97
N SER C 145 1.39 13.51 -6.87
CA SER C 145 1.20 14.09 -8.18
C SER C 145 1.74 13.15 -9.26
N VAL C 146 0.86 12.29 -9.75
CA VAL C 146 1.24 11.38 -10.82
C VAL C 146 0.32 11.59 -12.03
N LEU C 147 0.88 12.21 -13.08
CA LEU C 147 0.15 12.41 -14.33
C LEU C 147 0.08 11.11 -15.14
N GLN C 148 -1.11 10.85 -15.64
CA GLN C 148 -1.30 9.82 -16.64
C GLN C 148 -0.88 10.38 -18.00
N ALA C 149 -0.66 9.48 -18.96
CA ALA C 149 -0.15 9.87 -20.27
C ALA C 149 -1.09 10.82 -20.99
N ASP C 150 -2.41 10.60 -20.90
CA ASP C 150 -3.33 11.48 -21.60
C ASP C 150 -3.33 12.89 -21.02
N THR C 151 -3.25 13.00 -19.70
CA THR C 151 -3.22 14.30 -19.05
C THR C 151 -1.96 15.05 -19.43
N LEU C 152 -0.83 14.37 -19.41
CA LEU C 152 0.42 14.98 -19.81
C LEU C 152 0.42 15.42 -21.27
N ALA C 153 -0.18 14.62 -22.15
CA ALA C 153 -0.28 15.00 -23.56
C ALA C 153 -1.05 16.32 -23.71
N ARG C 154 -2.14 16.48 -22.97
CA ARG C 154 -2.94 17.70 -22.99
C ARG C 154 -2.11 18.90 -22.54
N LEU C 155 -1.34 18.71 -21.48
CA LEU C 155 -0.48 19.79 -21.00
C LEU C 155 0.59 20.18 -22.04
N CYS C 156 1.17 19.19 -22.70
CA CYS C 156 2.19 19.43 -23.71
C CYS C 156 1.61 20.20 -24.89
N ASP C 157 0.35 19.93 -25.21
CA ASP C 157 -0.27 20.59 -26.34
C ASP C 157 -0.61 22.05 -26.02
N GLU C 158 -0.75 22.37 -24.75
CA GLU C 158 -1.20 23.71 -24.37
C GLU C 158 -0.13 24.58 -23.74
N CYS C 159 0.98 23.96 -23.32
CA CYS C 159 2.07 24.67 -22.67
C CYS C 159 3.37 24.37 -23.40
N PRO C 160 3.72 25.19 -24.40
CA PRO C 160 4.95 24.94 -25.15
C PRO C 160 6.22 24.93 -24.31
N ASN C 161 6.22 25.61 -23.15
CA ASN C 161 7.43 25.67 -22.33
C ASN C 161 7.60 24.44 -21.42
N LEU C 162 6.60 23.58 -21.39
CA LEU C 162 6.72 22.30 -20.68
C LEU C 162 7.56 21.39 -21.55
N VAL C 163 8.78 21.10 -21.12
CA VAL C 163 9.74 20.41 -21.99
C VAL C 163 10.40 19.18 -21.39
N GLY C 164 10.12 18.89 -20.12
CA GLY C 164 10.76 17.77 -19.46
C GLY C 164 9.81 17.06 -18.53
N PHE C 165 10.12 15.79 -18.32
CA PHE C 165 9.37 14.88 -17.45
C PHE C 165 10.34 14.10 -16.60
N LYS C 166 10.20 14.23 -15.29
N LYS C 166 10.29 14.30 -15.28
CA LYS C 166 11.05 13.53 -14.34
CA LYS C 166 11.07 13.54 -14.31
C LYS C 166 10.25 12.52 -13.51
C LYS C 166 10.17 12.48 -13.69
N ASP C 167 10.67 11.25 -13.53
CA ASP C 167 9.92 10.21 -12.84
C ASP C 167 10.55 9.84 -11.52
N GLY C 168 9.73 9.92 -10.48
CA GLY C 168 10.10 9.40 -9.18
C GLY C 168 9.19 8.29 -8.68
N THR C 169 8.37 7.70 -9.55
CA THR C 169 7.44 6.63 -9.14
C THR C 169 8.05 5.25 -9.24
N GLY C 170 8.87 5.03 -10.25
CA GLY C 170 9.44 3.71 -10.50
C GLY C 170 8.46 2.80 -11.21
N ASP C 171 7.35 3.37 -11.67
CA ASP C 171 6.31 2.65 -12.37
C ASP C 171 6.67 2.54 -13.86
N ILE C 172 7.38 1.47 -14.20
N ILE C 172 7.36 1.47 -14.21
CA ILE C 172 7.85 1.22 -15.56
CA ILE C 172 7.88 1.35 -15.55
C ILE C 172 6.75 1.17 -16.56
C ILE C 172 6.77 1.11 -16.59
N GLY C 173 5.64 0.57 -16.17
CA GLY C 173 4.51 0.41 -17.09
C GLY C 173 4.02 1.77 -17.54
N LEU C 174 3.88 2.68 -16.57
CA LEU C 174 3.38 4.02 -16.86
C LEU C 174 4.40 4.85 -17.63
N VAL C 175 5.68 4.79 -17.24
CA VAL C 175 6.63 5.71 -17.86
C VAL C 175 6.88 5.31 -19.32
N ARG C 176 6.84 4.01 -19.61
CA ARG C 176 6.97 3.57 -21.01
C ARG C 176 5.80 4.04 -21.85
N GLN C 177 4.60 4.05 -21.28
CA GLN C 177 3.43 4.52 -21.99
C GLN C 177 3.57 6.01 -22.29
N ILE C 178 4.10 6.74 -21.31
CA ILE C 178 4.35 8.16 -21.48
C ILE C 178 5.34 8.44 -22.62
N THR C 179 6.47 7.74 -22.64
CA THR C 179 7.45 8.02 -23.70
C THR C 179 6.89 7.60 -25.06
N ALA C 180 6.13 6.52 -25.10
CA ALA C 180 5.50 6.13 -26.37
C ALA C 180 4.52 7.18 -26.88
N LYS C 181 3.79 7.83 -25.97
CA LYS C 181 2.80 8.83 -26.36
C LYS C 181 3.42 10.16 -26.80
N MET C 182 4.41 10.63 -26.05
CA MET C 182 4.99 11.95 -26.31
C MET C 182 6.22 11.93 -27.22
N GLY C 183 6.98 10.85 -27.19
CA GLY C 183 8.19 10.77 -27.99
C GLY C 183 9.12 11.94 -27.70
N ASP C 184 9.68 12.54 -28.76
CA ASP C 184 10.68 13.58 -28.51
C ASP C 184 10.10 14.93 -28.12
N ARG C 185 8.80 15.01 -27.88
CA ARG C 185 8.19 16.24 -27.38
C ARG C 185 8.73 16.62 -26.00
N LEU C 186 9.17 15.62 -25.23
CA LEU C 186 9.73 15.85 -23.92
C LEU C 186 11.07 15.17 -23.77
N MET C 187 11.89 15.72 -22.88
CA MET C 187 13.10 15.07 -22.40
C MET C 187 12.72 14.30 -21.13
N TYR C 188 13.15 13.04 -21.07
CA TYR C 188 12.80 12.14 -19.96
C TYR C 188 13.95 11.97 -18.98
N LEU C 189 13.68 12.34 -17.73
CA LEU C 189 14.68 12.36 -16.69
C LEU C 189 14.39 11.33 -15.59
N GLY C 190 15.30 10.40 -15.39
CA GLY C 190 15.19 9.48 -14.26
C GLY C 190 15.29 10.23 -12.96
N GLY C 191 14.42 9.90 -12.00
CA GLY C 191 14.39 10.63 -10.74
C GLY C 191 14.15 9.81 -9.50
N MET C 192 14.49 8.53 -9.56
CA MET C 192 14.43 7.71 -8.36
C MET C 192 15.55 8.15 -7.42
N PRO C 193 15.26 7.96 -6.13
N PRO C 193 15.44 7.99 -6.10
CA PRO C 193 16.26 7.71 -5.11
CA PRO C 193 16.41 8.67 -5.19
C PRO C 193 17.25 6.69 -5.60
C PRO C 193 17.98 8.51 -5.39
N THR C 194 18.40 7.28 -5.65
CA THR C 194 19.70 6.78 -6.06
C THR C 194 19.50 6.20 -7.47
N ALA C 195 19.45 7.07 -8.45
CA ALA C 195 18.89 6.71 -9.75
C ALA C 195 19.75 5.75 -10.54
N GLU C 196 21.02 5.61 -10.20
CA GLU C 196 21.86 4.64 -10.92
C GLU C 196 21.34 3.20 -10.78
N LEU C 197 20.62 2.92 -9.69
N LEU C 197 20.62 2.93 -9.69
CA LEU C 197 20.05 1.59 -9.47
CA LEU C 197 20.05 1.60 -9.46
C LEU C 197 19.01 1.24 -10.54
C LEU C 197 18.99 1.25 -10.51
N PHE C 198 18.49 2.26 -11.21
CA PHE C 198 17.40 2.13 -12.18
C PHE C 198 17.80 2.48 -13.60
N ALA C 199 19.02 2.99 -13.79
CA ALA C 199 19.37 3.63 -15.06
C ALA C 199 19.36 2.69 -16.27
N GLU C 200 19.87 1.47 -16.09
CA GLU C 200 19.99 0.53 -17.20
C GLU C 200 18.57 0.15 -17.66
N ALA C 201 17.68 -0.12 -16.71
CA ALA C 201 16.29 -0.43 -17.05
C ALA C 201 15.60 0.76 -17.70
N TYR C 202 15.84 1.96 -17.18
CA TYR C 202 15.18 3.15 -17.68
C TYR C 202 15.58 3.50 -19.12
N LEU C 203 16.74 3.03 -19.57
CA LEU C 203 17.13 3.19 -20.97
C LEU C 203 16.06 2.63 -21.90
N GLY C 204 15.61 1.42 -21.58
CA GLY C 204 14.60 0.77 -22.39
C GLY C 204 13.26 1.44 -22.29
N ALA C 205 13.02 2.09 -21.17
CA ALA C 205 11.78 2.86 -21.00
C ALA C 205 11.77 4.15 -21.84
N GLY C 206 12.96 4.57 -22.27
CA GLY C 206 13.15 5.76 -23.09
C GLY C 206 13.88 6.91 -22.44
N PHE C 207 14.53 6.65 -21.31
CA PHE C 207 15.24 7.67 -20.52
C PHE C 207 16.75 7.47 -20.63
N THR C 208 17.50 8.51 -21.03
CA THR C 208 18.95 8.37 -21.13
C THR C 208 19.73 9.25 -20.16
N THR C 209 19.04 9.90 -19.23
CA THR C 209 19.70 10.62 -18.15
C THR C 209 18.84 10.58 -16.91
N TYR C 210 19.37 11.15 -15.83
CA TYR C 210 18.77 11.06 -14.51
C TYR C 210 19.51 12.02 -13.60
N SER C 211 18.90 12.32 -12.46
CA SER C 211 19.59 13.02 -11.40
C SER C 211 20.52 12.04 -10.72
N SER C 212 21.81 12.38 -10.62
CA SER C 212 22.73 11.58 -9.83
C SER C 212 22.98 12.32 -8.51
N ALA C 213 22.28 11.92 -7.47
CA ALA C 213 22.45 12.60 -6.18
C ALA C 213 23.88 12.40 -5.68
N VAL C 214 24.47 11.23 -5.90
CA VAL C 214 25.80 10.98 -5.35
C VAL C 214 26.90 11.75 -6.08
N PHE C 215 26.58 12.31 -7.24
CA PHE C 215 27.49 13.21 -7.96
C PHE C 215 27.92 14.35 -7.04
N ASN C 216 27.07 14.67 -6.05
CA ASN C 216 27.44 15.69 -5.05
C ASN C 216 28.77 15.45 -4.40
N PHE C 217 29.12 14.20 -4.17
CA PHE C 217 30.33 13.87 -3.42
C PHE C 217 31.28 12.86 -4.07
N VAL C 218 30.82 12.10 -5.06
CA VAL C 218 31.72 11.27 -5.87
C VAL C 218 31.43 11.50 -7.35
N PRO C 219 31.61 12.74 -7.81
CA PRO C 219 31.26 13.10 -9.20
C PRO C 219 32.05 12.29 -10.23
N GLY C 220 33.28 11.91 -9.89
CA GLY C 220 34.09 11.11 -10.79
C GLY C 220 33.47 9.74 -11.02
N LEU C 221 33.08 9.09 -9.93
CA LEU C 221 32.45 7.76 -9.99
C LEU C 221 31.11 7.84 -10.72
N ALA C 222 30.33 8.88 -10.43
CA ALA C 222 29.04 9.06 -11.10
C ALA C 222 29.22 9.27 -12.60
N ASN C 223 30.24 10.04 -12.97
CA ASN C 223 30.55 10.22 -14.39
C ASN C 223 31.01 8.92 -15.04
N GLU C 224 31.79 8.11 -14.31
CA GLU C 224 32.27 6.85 -14.84
C GLU C 224 31.09 5.92 -15.13
N PHE C 225 30.14 5.87 -14.20
CA PHE C 225 28.96 5.04 -14.39
C PHE C 225 28.14 5.53 -15.60
N TYR C 226 27.91 6.83 -15.69
CA TYR C 226 27.11 7.41 -16.77
C TYR C 226 27.75 7.11 -18.13
N ALA C 227 29.07 7.28 -18.21
CA ALA C 227 29.77 7.03 -19.46
C ALA C 227 29.61 5.57 -19.86
N ALA C 228 29.75 4.66 -18.91
CA ALA C 228 29.62 3.24 -19.23
C ALA C 228 28.19 2.90 -19.62
N LEU C 229 27.22 3.50 -18.95
CA LEU C 229 25.81 3.30 -19.30
C LEU C 229 25.55 3.67 -20.75
N ARG C 230 25.97 4.86 -21.16
CA ARG C 230 25.70 5.34 -22.50
C ARG C 230 26.50 4.56 -23.56
N ALA C 231 27.61 3.95 -23.17
CA ALA C 231 28.45 3.17 -24.07
C ALA C 231 28.06 1.70 -24.13
N GLY C 232 27.14 1.28 -23.27
CA GLY C 232 26.73 -0.11 -23.23
C GLY C 232 27.72 -1.03 -22.56
N GLU C 233 28.55 -0.46 -21.70
CA GLU C 233 29.56 -1.25 -20.99
C GLU C 233 28.98 -1.82 -19.70
N ARG C 234 28.22 -2.91 -19.85
CA ARG C 234 27.46 -3.46 -18.75
C ARG C 234 28.34 -3.90 -17.59
N ALA C 235 29.47 -4.53 -17.87
CA ALA C 235 30.32 -5.06 -16.82
C ALA C 235 30.83 -3.93 -15.91
N THR C 236 31.04 -2.76 -16.50
CA THR C 236 31.52 -1.61 -15.74
C THR C 236 30.40 -1.09 -14.84
N CYS C 237 29.21 -0.90 -15.44
CA CYS C 237 28.06 -0.48 -14.65
C CYS C 237 27.81 -1.45 -13.51
N GLU C 238 27.89 -2.74 -13.79
CA GLU C 238 27.57 -3.73 -12.78
C GLU C 238 28.59 -3.67 -11.64
N ARG C 239 29.87 -3.50 -12.00
CA ARG C 239 30.92 -3.43 -10.99
C ARG C 239 30.65 -2.31 -9.99
N ILE C 240 30.29 -1.16 -10.53
CA ILE C 240 30.04 0.03 -9.72
C ILE C 240 28.78 -0.16 -8.87
N LEU C 241 27.74 -0.78 -9.45
CA LEU C 241 26.55 -1.12 -8.66
C LEU C 241 26.91 -2.00 -7.46
N VAL C 242 27.68 -3.06 -7.70
CA VAL C 242 27.94 -4.06 -6.68
C VAL C 242 28.90 -3.50 -5.61
N ASP C 243 29.89 -2.75 -6.07
CA ASP C 243 30.97 -2.30 -5.18
C ASP C 243 30.61 -1.01 -4.46
N PHE C 244 29.80 -0.16 -5.07
CA PHE C 244 29.44 1.13 -4.46
C PHE C 244 27.94 1.34 -4.18
N PHE C 245 27.09 1.17 -5.20
CA PHE C 245 25.69 1.56 -5.05
C PHE C 245 24.86 0.67 -4.12
N TYR C 246 25.01 -0.66 -4.17
CA TYR C 246 24.23 -1.47 -3.24
C TYR C 246 24.72 -1.30 -1.81
N PRO C 247 26.04 -1.16 -1.60
CA PRO C 247 26.48 -0.82 -0.24
C PRO C 247 25.96 0.55 0.23
N PHE C 248 25.89 1.52 -0.67
CA PHE C 248 25.34 2.83 -0.34
C PHE C 248 23.87 2.71 0.05
N MET C 249 23.13 1.93 -0.73
CA MET C 249 21.72 1.67 -0.43
CA MET C 249 21.72 1.66 -0.46
C MET C 249 21.50 1.07 0.94
N ALA C 250 22.42 0.23 1.37
CA ALA C 250 22.31 -0.41 2.67
C ALA C 250 22.38 0.66 3.77
N ILE C 251 23.21 1.67 3.56
CA ILE C 251 23.30 2.78 4.50
C ILE C 251 22.05 3.66 4.39
N ARG C 252 21.69 4.02 3.17
N ARG C 252 21.70 4.03 3.16
CA ARG C 252 20.54 4.89 2.92
CA ARG C 252 20.53 4.87 2.89
C ARG C 252 19.25 4.29 3.48
C ARG C 252 19.27 4.28 3.50
N ASN C 253 19.13 2.96 3.46
CA ASN C 253 17.91 2.31 3.93
C ASN C 253 17.77 2.22 5.46
N ARG C 254 18.75 2.70 6.21
CA ARG C 254 18.72 2.58 7.66
C ARG C 254 17.71 3.52 8.31
N ALA C 255 17.36 4.61 7.63
CA ALA C 255 16.40 5.57 8.15
C ALA C 255 15.69 6.36 7.06
N LYS C 256 14.47 6.80 7.36
N LYS C 256 14.46 6.78 7.36
CA LYS C 256 13.73 7.63 6.43
CA LYS C 256 13.73 7.64 6.43
C LYS C 256 14.47 8.94 6.17
C LYS C 256 14.50 8.93 6.17
N GLY C 257 14.43 9.40 4.93
CA GLY C 257 15.06 10.64 4.53
C GLY C 257 16.55 10.56 4.25
N TYR C 258 17.16 9.40 4.46
CA TYR C 258 18.60 9.26 4.24
C TYR C 258 18.98 9.39 2.78
N ALA C 259 18.03 9.36 1.84
CA ALA C 259 18.38 9.59 0.45
C ALA C 259 18.97 10.99 0.29
N VAL C 260 18.53 11.90 1.17
CA VAL C 260 19.11 13.25 1.25
C VAL C 260 20.21 13.30 2.32
N SER C 261 19.93 12.80 3.51
CA SER C 261 20.89 12.88 4.62
C SER C 261 22.25 12.24 4.33
N ALA C 262 22.26 11.07 3.67
CA ALA C 262 23.51 10.38 3.44
C ALA C 262 24.33 11.09 2.37
N VAL C 263 23.66 11.71 1.40
CA VAL C 263 24.33 12.50 0.40
C VAL C 263 24.99 13.72 1.04
N LYS C 264 24.27 14.41 1.92
CA LYS C 264 24.83 15.60 2.56
C LYS C 264 26.02 15.20 3.44
N ALA C 265 25.93 14.07 4.12
CA ALA C 265 27.04 13.49 4.88
C ALA C 265 28.26 13.23 3.99
N GLY C 266 28.02 12.72 2.78
CA GLY C 266 29.11 12.47 1.85
C GLY C 266 29.82 13.76 1.45
N VAL C 267 29.03 14.80 1.21
CA VAL C 267 29.58 16.10 0.85
C VAL C 267 30.49 16.64 1.99
N ARG C 268 30.03 16.52 3.22
CA ARG C 268 30.81 16.99 4.37
C ARG C 268 32.10 16.15 4.53
N LEU C 269 31.98 14.85 4.34
CA LEU C 269 33.14 13.97 4.37
C LEU C 269 34.20 14.31 3.33
N GLN C 270 33.78 14.91 2.21
CA GLN C 270 34.71 15.24 1.14
C GLN C 270 35.26 16.65 1.32
N GLY C 271 34.89 17.30 2.43
CA GLY C 271 35.48 18.57 2.81
C GLY C 271 34.75 19.82 2.36
N PHE C 272 33.46 19.71 2.11
CA PHE C 272 32.64 20.88 1.83
C PHE C 272 31.69 21.07 2.99
N ASN C 273 31.63 22.30 3.46
CA ASN C 273 31.04 22.60 4.75
C ASN C 273 29.53 22.75 4.64
N ALA C 274 28.85 21.67 4.26
CA ALA C 274 27.44 21.75 3.90
C ALA C 274 26.49 21.90 5.11
N GLY C 275 26.97 21.59 6.30
CA GLY C 275 26.17 21.75 7.50
C GLY C 275 25.16 20.63 7.70
N PRO C 276 24.29 20.78 8.69
CA PRO C 276 23.25 19.79 9.00
C PRO C 276 22.11 19.84 8.01
N VAL C 277 21.33 18.77 7.94
CA VAL C 277 20.04 18.84 7.30
C VAL C 277 19.10 19.61 8.21
N ARG C 278 18.06 20.17 7.62
CA ARG C 278 16.98 20.76 8.39
C ARG C 278 15.95 19.71 8.79
N ALA C 279 15.43 19.83 10.00
CA ALA C 279 14.31 18.99 10.41
C ALA C 279 13.19 19.21 9.39
N PRO C 280 12.38 18.17 9.11
CA PRO C 280 12.35 16.87 9.80
C PRO C 280 13.25 15.78 9.25
N LEU C 281 14.22 16.08 8.40
CA LEU C 281 15.29 15.11 8.18
C LEU C 281 16.13 15.02 9.44
N LYS C 282 16.91 13.94 9.58
CA LYS C 282 17.95 13.86 10.61
C LYS C 282 19.29 13.51 9.97
N ASP C 283 20.39 13.90 10.61
CA ASP C 283 21.69 13.52 10.09
C ASP C 283 22.08 12.09 10.49
N LEU C 284 22.97 11.50 9.71
CA LEU C 284 23.52 10.19 10.03
C LEU C 284 24.20 10.19 11.40
N THR C 285 24.16 9.05 12.06
CA THR C 285 24.91 8.86 13.29
C THR C 285 26.41 8.86 12.96
N ASN C 286 27.25 9.01 13.99
CA ASN C 286 28.69 8.98 13.75
C ASN C 286 29.11 7.62 13.23
N GLU C 287 28.46 6.57 13.72
CA GLU C 287 28.69 5.22 13.21
C GLU C 287 28.37 5.14 11.72
N GLU C 288 27.24 5.72 11.33
CA GLU C 288 26.82 5.67 9.93
C GLU C 288 27.74 6.51 9.06
N ILE C 289 28.18 7.66 9.58
CA ILE C 289 29.12 8.51 8.84
C ILE C 289 30.41 7.72 8.60
N GLY C 290 30.79 6.92 9.58
CA GLY C 290 31.96 6.08 9.48
C GLY C 290 31.81 5.07 8.36
N MET C 291 30.62 4.50 8.25
CA MET C 291 30.34 3.52 7.18
C MET C 291 30.45 4.17 5.82
N LEU C 292 29.94 5.40 5.70
CA LEU C 292 29.99 6.10 4.43
C LEU C 292 31.43 6.50 4.11
N GLU C 293 32.18 6.90 5.14
CA GLU C 293 33.58 7.25 4.91
C GLU C 293 34.38 6.07 4.34
N ALA C 294 34.19 4.88 4.93
CA ALA C 294 34.89 3.69 4.44
C ALA C 294 34.48 3.37 3.00
N LEU C 295 33.19 3.50 2.71
CA LEU C 295 32.68 3.16 1.37
C LEU C 295 33.26 4.11 0.32
N ILE C 296 33.35 5.39 0.65
CA ILE C 296 33.91 6.37 -0.28
C ILE C 296 35.33 5.95 -0.66
N GLY C 297 36.06 5.40 0.31
CA GLY C 297 37.32 4.73 0.07
C GLY C 297 38.27 5.44 -0.87
N THR C 298 38.63 4.77 -1.97
CA THR C 298 39.60 5.32 -2.91
C THR C 298 39.13 6.61 -3.59
N HIS C 299 37.85 6.94 -3.48
CA HIS C 299 37.29 8.15 -4.09
C HIS C 299 37.37 9.37 -3.16
N LYS C 300 38.00 9.20 -2.00
CA LYS C 300 38.20 10.31 -1.07
C LYS C 300 38.87 11.50 -1.75
N ARG C 301 38.35 12.69 -1.50
CA ARG C 301 38.97 13.88 -2.02
C ARG C 301 40.29 14.14 -1.29
N LYS C 302 41.37 14.29 -2.06
CA LYS C 302 42.71 14.38 -1.49
C LYS C 302 43.26 15.78 -1.70
N ALA C 303 44.04 16.25 -0.73
CA ALA C 303 44.65 17.56 -0.83
C ALA C 303 45.62 17.69 -2.00
N TRP C 304 46.19 16.59 -2.46
CA TRP C 304 47.19 16.64 -3.54
C TRP C 304 46.63 16.59 -4.97
N SER C 305 45.31 16.45 -5.11
CA SER C 305 44.71 16.33 -6.43
CA SER C 305 44.69 16.32 -6.42
C SER C 305 44.74 17.63 -7.23
N HIS C 306 44.79 17.48 -8.55
CA HIS C 306 44.72 18.61 -9.47
C HIS C 306 43.24 18.85 -9.83
N PRO C 307 42.79 20.11 -9.81
CA PRO C 307 41.45 20.42 -10.32
C PRO C 307 41.27 20.07 -11.80
N MET D 1 -6.09 33.32 24.34
CA MET D 1 -6.21 32.53 25.61
C MET D 1 -4.99 31.63 25.78
N ASP D 2 -4.82 31.09 26.99
CA ASP D 2 -3.64 30.30 27.27
C ASP D 2 -3.92 28.84 26.88
N PRO D 3 -2.87 28.06 26.69
CA PRO D 3 -3.04 26.66 26.21
C PRO D 3 -4.02 25.83 27.05
N GLU D 4 -4.04 26.02 28.37
CA GLU D 4 -4.97 25.24 29.18
C GLU D 4 -6.42 25.61 28.91
N GLN D 5 -6.67 26.88 28.55
CA GLN D 5 -8.03 27.30 28.18
C GLN D 5 -8.48 26.74 26.81
N ILE D 6 -7.60 26.70 25.83
CA ILE D 6 -7.97 26.09 24.54
C ILE D 6 -8.15 24.58 24.76
N LYS D 7 -7.33 23.99 25.63
CA LYS D 7 -7.46 22.56 25.93
C LYS D 7 -8.86 22.25 26.47
N THR D 8 -9.32 23.06 27.42
CA THR D 8 -10.66 22.87 27.98
C THR D 8 -11.75 23.01 26.92
N ALA D 9 -11.61 24.00 26.04
CA ALA D 9 -12.59 24.21 24.99
C ALA D 9 -12.65 23.03 24.04
N LEU D 10 -11.50 22.43 23.75
CA LEU D 10 -11.46 21.23 22.88
C LEU D 10 -12.27 20.09 23.46
N GLY D 11 -12.42 20.06 24.77
CA GLY D 11 -13.17 19.00 25.42
C GLY D 11 -14.62 19.33 25.70
N SER D 12 -15.11 20.44 25.15
CA SER D 12 -16.44 20.92 25.52
CA SER D 12 -16.42 20.96 25.51
C SER D 12 -17.48 20.76 24.43
N GLY D 13 -17.16 20.04 23.35
CA GLY D 13 -18.16 19.83 22.32
C GLY D 13 -17.63 19.46 20.94
N LEU D 14 -18.46 19.68 19.93
CA LEU D 14 -18.16 19.33 18.54
C LEU D 14 -17.21 20.38 17.93
N LEU D 15 -16.33 19.98 17.02
CA LEU D 15 -15.38 20.91 16.42
C LEU D 15 -15.78 21.30 15.00
N SER D 16 -15.70 22.60 14.71
CA SER D 16 -16.11 23.23 13.46
C SER D 16 -14.87 23.60 12.63
N PHE D 17 -14.85 23.17 11.36
CA PHE D 17 -13.79 23.48 10.38
C PHE D 17 -14.36 24.15 9.14
N PRO D 18 -14.59 25.48 9.20
CA PRO D 18 -15.27 26.10 8.06
C PRO D 18 -14.49 26.07 6.75
N VAL D 19 -15.18 25.92 5.63
CA VAL D 19 -14.56 26.08 4.33
C VAL D 19 -14.12 27.55 4.16
N THR D 20 -13.08 27.75 3.35
CA THR D 20 -12.58 29.10 3.07
C THR D 20 -13.23 29.61 1.81
N HIS D 21 -13.88 30.77 1.90
CA HIS D 21 -14.61 31.34 0.76
C HIS D 21 -13.70 32.11 -0.19
N PHE D 22 -13.88 31.90 -1.49
CA PHE D 22 -13.14 32.64 -2.51
C PHE D 22 -14.09 33.35 -3.44
N ASP D 23 -13.70 34.54 -3.89
CA ASP D 23 -14.51 35.32 -4.84
C ASP D 23 -14.18 34.97 -6.29
N ALA D 24 -14.85 35.65 -7.22
N ALA D 24 -14.85 35.65 -7.22
CA ALA D 24 -14.65 35.40 -8.64
CA ALA D 24 -14.65 35.40 -8.64
C ALA D 24 -13.19 35.57 -9.04
C ALA D 24 -13.19 35.57 -9.04
N GLU D 25 -12.58 36.65 -8.54
CA GLU D 25 -11.18 36.95 -8.83
C GLU D 25 -10.25 35.98 -8.13
N GLY D 26 -10.81 35.12 -7.28
CA GLY D 26 -10.05 34.03 -6.69
C GLY D 26 -9.48 34.36 -5.32
N ARG D 27 -9.72 35.57 -4.86
CA ARG D 27 -9.21 35.99 -3.57
C ARG D 27 -10.13 35.51 -2.45
N PHE D 28 -9.57 35.47 -1.25
CA PHE D 28 -10.39 35.27 -0.06
C PHE D 28 -11.53 36.28 0.03
N ALA D 29 -12.73 35.75 0.22
CA ALA D 29 -13.95 36.56 0.31
C ALA D 29 -14.37 36.71 1.76
N ALA D 30 -13.85 37.75 2.41
CA ALA D 30 -14.03 37.91 3.85
C ALA D 30 -15.47 38.16 4.28
N ASP D 31 -16.21 38.98 3.55
N ASP D 31 -16.19 38.98 3.54
CA ASP D 31 -17.59 39.27 3.95
CA ASP D 31 -17.57 39.29 3.90
C ASP D 31 -18.43 38.00 3.87
C ASP D 31 -18.39 37.99 3.89
N SER D 32 -18.26 37.22 2.82
CA SER D 32 -18.97 35.96 2.67
C SER D 32 -18.59 34.98 3.79
N TYR D 33 -17.29 34.87 4.04
CA TYR D 33 -16.79 34.00 5.13
C TYR D 33 -17.41 34.39 6.46
N ARG D 34 -17.40 35.68 6.78
CA ARG D 34 -17.91 36.13 8.06
C ARG D 34 -19.41 35.84 8.19
N GLU D 35 -20.13 35.98 7.09
CA GLU D 35 -21.56 35.70 7.09
C GLU D 35 -21.80 34.22 7.44
N HIS D 36 -21.03 33.36 6.79
CA HIS D 36 -21.13 31.91 7.04
C HIS D 36 -20.71 31.56 8.49
N VAL D 37 -19.58 32.06 8.95
CA VAL D 37 -19.15 31.83 10.31
C VAL D 37 -20.17 32.34 11.33
N GLU D 38 -20.78 33.50 11.06
CA GLU D 38 -21.77 34.04 11.99
C GLU D 38 -23.00 33.12 12.08
N TRP D 39 -23.39 32.52 10.96
CA TRP D 39 -24.51 31.57 10.96
C TRP D 39 -24.15 30.31 11.77
N LEU D 40 -22.96 29.77 11.52
CA LEU D 40 -22.48 28.60 12.24
C LEU D 40 -22.41 28.84 13.73
N ALA D 41 -22.13 30.09 14.14
CA ALA D 41 -21.99 30.39 15.55
C ALA D 41 -23.29 30.12 16.31
N GLY D 42 -24.41 30.20 15.60
CA GLY D 42 -25.70 29.91 16.19
C GLY D 42 -25.82 28.48 16.66
N TYR D 43 -24.97 27.62 16.12
CA TYR D 43 -25.04 26.19 16.40
C TYR D 43 -24.01 25.73 17.43
N LYS D 44 -23.27 26.69 17.96
CA LYS D 44 -22.62 26.57 19.25
C LYS D 44 -21.46 25.59 19.36
N ALA D 45 -20.72 25.40 18.26
CA ALA D 45 -19.46 24.67 18.40
C ALA D 45 -18.47 25.46 19.27
N PRO D 46 -17.81 24.80 20.24
CA PRO D 46 -16.91 25.55 21.12
C PRO D 46 -15.60 25.98 20.49
N VAL D 47 -15.21 25.32 19.41
CA VAL D 47 -13.95 25.62 18.75
C VAL D 47 -14.15 25.61 17.26
N LEU D 48 -13.56 26.61 16.61
CA LEU D 48 -13.64 26.81 15.20
C LEU D 48 -12.21 26.79 14.69
N PHE D 49 -11.94 25.93 13.71
CA PHE D 49 -10.60 25.79 13.10
C PHE D 49 -10.62 26.49 11.76
N ALA D 50 -9.99 27.67 11.71
CA ALA D 50 -9.92 28.44 10.49
C ALA D 50 -8.74 27.99 9.64
N ALA D 51 -8.96 27.86 8.35
CA ALA D 51 -7.89 27.45 7.44
C ALA D 51 -7.29 26.11 7.86
N GLY D 52 -8.15 25.18 8.26
CA GLY D 52 -7.75 23.78 8.36
C GLY D 52 -7.84 23.07 7.01
N GLY D 53 -7.82 21.74 7.03
CA GLY D 53 -7.92 21.00 5.78
C GLY D 53 -9.20 21.27 5.00
N THR D 54 -10.33 21.22 5.68
CA THR D 54 -11.61 21.50 5.04
C THR D 54 -11.61 22.94 4.53
N GLY D 55 -10.83 23.78 5.20
CA GLY D 55 -10.65 25.18 4.77
C GLY D 55 -9.56 25.37 3.73
N GLU D 56 -9.14 24.27 3.11
CA GLU D 56 -8.16 24.30 2.01
C GLU D 56 -6.83 24.94 2.41
N PHE D 57 -6.39 24.68 3.63
CA PHE D 57 -5.08 25.14 4.10
C PHE D 57 -3.99 24.93 3.06
N PHE D 58 -3.99 23.74 2.49
CA PHE D 58 -2.96 23.29 1.54
C PHE D 58 -2.94 24.06 0.21
N SER D 59 -3.91 24.94 -0.02
CA SER D 59 -3.95 25.78 -1.23
C SER D 59 -3.85 27.27 -0.92
N LEU D 60 -3.58 27.59 0.32
CA LEU D 60 -3.49 29.00 0.74
C LEU D 60 -2.05 29.47 0.77
N LYS D 61 -1.84 30.72 0.36
CA LYS D 61 -0.56 31.39 0.58
C LYS D 61 -0.38 31.63 2.07
N PRO D 62 0.85 31.48 2.59
CA PRO D 62 1.04 31.74 4.02
C PRO D 62 0.49 33.10 4.46
N ASP D 63 0.55 34.13 3.61
N ASP D 63 0.55 34.12 3.60
CA ASP D 63 0.07 35.44 4.03
CA ASP D 63 0.06 35.45 3.97
C ASP D 63 -1.46 35.58 4.01
C ASP D 63 -1.45 35.50 4.11
N GLU D 64 -2.16 34.57 3.48
CA GLU D 64 -3.63 34.58 3.51
C GLU D 64 -4.15 34.10 4.85
N ILE D 65 -3.35 33.32 5.55
CA ILE D 65 -3.87 32.60 6.73
C ILE D 65 -4.26 33.57 7.87
N PRO D 66 -3.39 34.56 8.17
CA PRO D 66 -3.81 35.52 9.20
C PRO D 66 -5.06 36.32 8.83
N THR D 67 -5.23 36.66 7.57
CA THR D 67 -6.44 37.31 7.10
C THR D 67 -7.71 36.51 7.40
N ILE D 68 -7.62 35.19 7.21
CA ILE D 68 -8.77 34.32 7.42
C ILE D 68 -9.06 34.14 8.89
N VAL D 69 -8.01 33.97 9.70
CA VAL D 69 -8.14 33.84 11.14
C VAL D 69 -8.77 35.12 11.67
N ALA D 70 -8.32 36.27 11.17
CA ALA D 70 -8.85 37.54 11.64
C ALA D 70 -10.34 37.70 11.32
N ALA D 71 -10.73 37.29 10.13
CA ALA D 71 -12.14 37.34 9.73
C ALA D 71 -13.00 36.47 10.65
N ALA D 72 -12.53 35.25 10.95
CA ALA D 72 -13.28 34.40 11.85
C ALA D 72 -13.39 35.02 13.24
N LYS D 73 -12.29 35.60 13.71
CA LYS D 73 -12.26 36.21 15.03
C LYS D 73 -13.28 37.33 15.18
N GLU D 74 -13.53 38.06 14.10
CA GLU D 74 -14.47 39.19 14.15
C GLU D 74 -15.86 38.75 14.59
N VAL D 75 -16.29 37.56 14.15
CA VAL D 75 -17.70 37.16 14.26
C VAL D 75 -17.99 35.89 15.05
N ALA D 76 -16.97 35.30 15.64
CA ALA D 76 -17.12 34.00 16.26
C ALA D 76 -17.62 34.07 17.70
N GLY D 77 -17.61 35.25 18.30
CA GLY D 77 -18.11 35.42 19.64
C GLY D 77 -17.21 34.76 20.68
N GLU D 78 -17.88 33.97 21.52
N GLU D 78 -17.74 33.98 21.62
CA GLU D 78 -17.31 33.22 22.64
CA GLU D 78 -16.84 33.47 22.69
C GLU D 78 -16.89 31.86 22.16
C GLU D 78 -16.00 32.27 22.22
N THR D 79 -16.26 31.84 20.99
CA THR D 79 -15.72 30.62 20.43
C THR D 79 -14.21 30.72 20.29
N ALA D 80 -13.53 29.64 20.63
CA ALA D 80 -12.10 29.57 20.46
C ALA D 80 -11.81 29.43 18.96
N ILE D 81 -10.77 30.12 18.51
CA ILE D 81 -10.37 30.08 17.12
C ILE D 81 -8.97 29.48 17.00
N VAL D 82 -8.88 28.30 16.36
CA VAL D 82 -7.61 27.68 16.08
C VAL D 82 -7.27 27.86 14.62
N SER D 83 -6.01 28.19 14.31
CA SER D 83 -5.57 28.34 12.93
C SER D 83 -4.84 27.10 12.44
N GLY D 84 -5.06 26.74 11.18
CA GLY D 84 -4.19 25.81 10.50
C GLY D 84 -2.78 26.33 10.45
N CYS D 85 -1.84 25.41 10.36
CA CYS D 85 -0.42 25.69 10.20
C CYS D 85 0.17 24.45 9.55
N GLY D 86 1.32 24.56 8.91
CA GLY D 86 1.91 23.40 8.28
C GLY D 86 3.14 23.77 7.47
N TYR D 87 3.43 22.90 6.51
CA TYR D 87 4.66 22.94 5.71
C TYR D 87 5.89 22.63 6.55
N GLY D 88 7.06 22.80 5.95
CA GLY D 88 8.31 22.60 6.67
C GLY D 88 8.48 23.63 7.78
N THR D 89 9.50 23.40 8.60
CA THR D 89 9.67 24.12 9.86
C THR D 89 9.76 25.64 9.70
N GLU D 90 10.51 26.11 8.71
CA GLU D 90 10.71 27.55 8.55
C GLU D 90 9.41 28.26 8.20
N ILE D 91 8.65 27.67 7.30
CA ILE D 91 7.37 28.23 6.91
C ILE D 91 6.37 28.12 8.08
N ALA D 92 6.35 26.97 8.75
CA ALA D 92 5.38 26.73 9.80
C ALA D 92 5.55 27.72 10.93
N VAL D 93 6.79 27.94 11.35
CA VAL D 93 7.09 28.91 12.41
C VAL D 93 6.59 30.32 12.02
N ASP D 94 6.86 30.72 10.78
CA ASP D 94 6.39 32.03 10.32
C ASP D 94 4.86 32.12 10.34
N ILE D 95 4.18 31.06 9.89
CA ILE D 95 2.72 31.08 9.95
C ILE D 95 2.23 31.14 11.39
N ALA D 96 2.81 30.30 12.25
CA ALA D 96 2.39 30.19 13.63
C ALA D 96 2.51 31.57 14.31
N ARG D 97 3.64 32.24 14.12
CA ARG D 97 3.81 33.55 14.73
C ARG D 97 2.85 34.58 14.15
N SER D 98 2.57 34.50 12.85
CA SER D 98 1.70 35.47 12.21
C SER D 98 0.26 35.34 12.69
N VAL D 99 -0.19 34.12 12.95
CA VAL D 99 -1.58 33.96 13.38
C VAL D 99 -1.75 34.22 14.89
N GLU D 100 -0.72 33.94 15.67
CA GLU D 100 -0.72 34.33 17.07
C GLU D 100 -0.88 35.86 17.16
N LYS D 101 -0.24 36.59 16.25
CA LYS D 101 -0.31 38.07 16.29
C LYS D 101 -1.73 38.61 16.05
N VAL D 102 -2.51 37.95 15.19
CA VAL D 102 -3.88 38.37 14.91
C VAL D 102 -4.90 37.77 15.87
N GLY D 103 -4.44 37.07 16.91
CA GLY D 103 -5.31 36.60 17.96
C GLY D 103 -5.77 35.14 17.92
N ALA D 104 -5.12 34.30 17.13
CA ALA D 104 -5.48 32.88 17.18
C ALA D 104 -5.33 32.35 18.58
N ASP D 105 -6.25 31.47 18.98
CA ASP D 105 -6.20 30.86 20.30
C ASP D 105 -5.42 29.55 20.31
N GLY D 106 -5.02 29.12 19.13
CA GLY D 106 -4.26 27.89 19.02
C GLY D 106 -3.87 27.63 17.60
N ILE D 107 -2.95 26.69 17.40
N ILE D 107 -3.09 26.56 17.42
CA ILE D 107 -2.69 26.17 16.05
CA ILE D 107 -2.60 26.16 16.12
C ILE D 107 -2.89 24.67 15.97
C ILE D 107 -2.74 24.66 15.92
N LEU D 108 -3.34 24.25 14.79
CA LEU D 108 -3.41 22.84 14.39
C LEU D 108 -2.30 22.62 13.37
N LEU D 109 -1.32 21.80 13.70
CA LEU D 109 -0.16 21.63 12.86
C LEU D 109 -0.34 20.46 11.91
N LEU D 110 -0.62 20.80 10.66
CA LEU D 110 -0.72 19.83 9.58
C LEU D 110 0.67 19.31 9.22
N PRO D 111 0.72 18.19 8.49
CA PRO D 111 2.02 17.61 8.17
C PRO D 111 2.95 18.55 7.44
N HIS D 112 4.22 18.31 7.62
CA HIS D 112 5.22 18.98 6.80
C HIS D 112 5.06 18.55 5.33
N TYR D 113 5.78 19.21 4.46
CA TYR D 113 5.62 19.01 3.00
C TYR D 113 6.49 17.89 2.47
N LEU D 114 5.83 17.02 1.69
CA LEU D 114 6.43 16.05 0.75
C LEU D 114 7.12 14.82 1.35
N ILE D 115 8.11 15.02 2.20
CA ILE D 115 9.02 13.92 2.49
C ILE D 115 8.57 13.02 3.62
N ASP D 116 8.97 11.75 3.57
CA ASP D 116 8.84 10.84 4.69
C ASP D 116 10.01 11.15 5.62
N ALA D 117 9.73 11.18 6.92
CA ALA D 117 10.70 11.60 7.91
C ALA D 117 10.81 10.64 9.09
N PRO D 118 12.01 10.54 9.68
CA PRO D 118 12.22 9.68 10.83
C PRO D 118 11.60 10.31 12.08
N GLN D 119 11.29 9.50 13.09
CA GLN D 119 10.65 10.00 14.30
C GLN D 119 11.43 11.13 14.95
N GLU D 120 12.75 11.01 14.94
CA GLU D 120 13.61 12.02 15.57
C GLU D 120 13.48 13.37 14.85
N GLY D 121 13.25 13.32 13.56
CA GLY D 121 13.06 14.52 12.77
C GLY D 121 11.70 15.13 12.98
N LEU D 122 10.67 14.30 13.10
CA LEU D 122 9.34 14.84 13.42
C LEU D 122 9.38 15.51 14.78
N TYR D 123 10.07 14.89 15.75
CA TYR D 123 10.26 15.46 17.06
C TYR D 123 10.87 16.86 16.95
N ALA D 124 11.97 16.95 16.21
CA ALA D 124 12.69 18.22 16.13
C ALA D 124 11.84 19.31 15.47
N HIS D 125 11.11 18.94 14.41
CA HIS D 125 10.27 19.88 13.66
C HIS D 125 9.13 20.38 14.55
N ILE D 126 8.41 19.45 15.15
CA ILE D 126 7.24 19.84 15.95
C ILE D 126 7.64 20.67 17.20
N LYS D 127 8.74 20.26 17.84
N LYS D 127 8.74 20.27 17.84
CA LYS D 127 9.23 20.97 19.01
CA LYS D 127 9.20 20.99 19.02
C LYS D 127 9.52 22.43 18.65
C LYS D 127 9.54 22.43 18.66
N LYS D 128 10.19 22.65 17.51
CA LYS D 128 10.55 24.00 17.08
C LYS D 128 9.30 24.86 16.84
N VAL D 129 8.29 24.28 16.21
CA VAL D 129 7.05 25.01 16.00
C VAL D 129 6.38 25.31 17.35
N CYS D 130 6.29 24.33 18.25
CA CYS D 130 5.65 24.58 19.53
C CYS D 130 6.35 25.69 20.32
N GLN D 131 7.67 25.68 20.25
CA GLN D 131 8.46 26.63 21.04
C GLN D 131 8.48 28.04 20.44
N SER D 132 7.90 28.20 19.26
CA SER D 132 7.90 29.49 18.56
C SER D 132 6.74 30.40 18.96
N VAL D 133 5.77 29.85 19.69
CA VAL D 133 4.57 30.56 20.09
C VAL D 133 4.17 30.20 21.50
N GLY D 134 3.32 31.02 22.10
CA GLY D 134 2.82 30.74 23.43
C GLY D 134 1.46 30.09 23.46
N ILE D 135 0.76 30.10 22.33
CA ILE D 135 -0.58 29.56 22.29
C ILE D 135 -0.55 28.03 22.18
N GLY D 136 -1.71 27.41 22.39
CA GLY D 136 -1.81 25.95 22.37
C GLY D 136 -1.60 25.38 20.98
N VAL D 137 -1.09 24.15 20.95
CA VAL D 137 -0.85 23.44 19.71
C VAL D 137 -1.52 22.07 19.76
N MET D 138 -2.12 21.74 18.63
CA MET D 138 -2.62 20.38 18.38
C MET D 138 -1.82 19.78 17.24
N VAL D 139 -1.26 18.59 17.44
CA VAL D 139 -0.58 17.84 16.38
C VAL D 139 -1.60 16.98 15.65
N TYR D 140 -1.22 16.53 14.48
CA TYR D 140 -2.16 15.94 13.57
C TYR D 140 -1.45 14.81 12.84
N ASN D 141 -1.76 13.58 13.25
CA ASN D 141 -1.22 12.37 12.64
C ASN D 141 -1.96 12.10 11.35
N ARG D 142 -1.24 12.16 10.22
N ARG D 142 -1.24 12.15 10.24
CA ARG D 142 -1.84 12.08 8.90
CA ARG D 142 -1.79 11.79 8.96
C ARG D 142 -0.75 11.96 7.85
C ARG D 142 -0.69 11.80 7.94
N ASP D 143 -0.96 11.10 6.86
CA ASP D 143 -0.09 11.06 5.68
C ASP D 143 1.38 10.85 6.05
N ASN D 144 2.25 11.81 5.76
CA ASN D 144 3.67 11.67 6.01
C ASN D 144 4.16 12.14 7.39
N SER D 145 3.22 12.42 8.29
CA SER D 145 3.58 12.76 9.66
C SER D 145 2.77 11.94 10.65
N VAL D 146 3.34 10.81 11.06
CA VAL D 146 2.68 9.94 12.02
C VAL D 146 3.60 9.70 13.21
N LEU D 147 3.27 10.34 14.31
CA LEU D 147 3.97 10.16 15.57
C LEU D 147 3.63 8.85 16.24
N GLN D 148 4.67 8.12 16.67
CA GLN D 148 4.50 7.00 17.58
C GLN D 148 4.26 7.50 19.00
N ALA D 149 3.75 6.63 19.86
CA ALA D 149 3.37 7.03 21.22
C ALA D 149 4.56 7.55 22.03
N ASP D 150 5.74 6.94 21.85
CA ASP D 150 6.89 7.36 22.65
C ASP D 150 7.40 8.72 22.21
N THR D 151 7.37 8.99 20.92
CA THR D 151 7.78 10.29 20.38
C THR D 151 6.83 11.40 20.86
N LEU D 152 5.53 11.13 20.81
CA LEU D 152 4.57 12.10 21.29
C LEU D 152 4.74 12.36 22.78
N ALA D 153 5.07 11.33 23.57
CA ALA D 153 5.26 11.51 25.00
C ALA D 153 6.44 12.44 25.26
N ARG D 154 7.50 12.29 24.47
CA ARG D 154 8.66 13.17 24.63
C ARG D 154 8.26 14.61 24.33
N LEU D 155 7.52 14.82 23.25
CA LEU D 155 7.02 16.16 22.90
C LEU D 155 6.18 16.77 24.01
N CYS D 156 5.30 15.98 24.61
CA CYS D 156 4.45 16.45 25.67
C CYS D 156 5.24 16.86 26.91
N ASP D 157 6.30 16.11 27.18
CA ASP D 157 7.13 16.42 28.35
C ASP D 157 7.90 17.73 28.14
N GLU D 158 8.26 18.00 26.89
N GLU D 158 8.23 18.05 26.91
CA GLU D 158 9.12 19.15 26.53
CA GLU D 158 9.12 19.18 26.64
C GLU D 158 8.32 20.42 26.27
C GLU D 158 8.40 20.41 26.07
N CYS D 159 7.11 20.25 25.72
CA CYS D 159 6.30 21.36 25.21
C CYS D 159 4.95 21.47 25.92
N PRO D 160 4.87 22.29 26.97
CA PRO D 160 3.64 22.37 27.75
C PRO D 160 2.45 22.86 26.97
N ASN D 161 2.66 23.63 25.91
CA ASN D 161 1.57 24.20 25.13
C ASN D 161 0.98 23.21 24.10
N LEU D 162 1.63 22.07 23.95
N LEU D 162 1.61 22.06 23.94
CA LEU D 162 1.10 20.99 23.11
CA LEU D 162 1.09 21.01 23.06
C LEU D 162 0.01 20.34 23.92
C LEU D 162 0.01 20.33 23.89
N VAL D 163 -1.23 20.52 23.49
CA VAL D 163 -2.38 20.09 24.30
C VAL D 163 -3.39 19.20 23.58
N GLY D 164 -3.25 19.02 22.26
CA GLY D 164 -4.23 18.28 21.48
C GLY D 164 -3.56 17.34 20.49
N PHE D 165 -4.30 16.28 20.16
CA PHE D 165 -3.84 15.27 19.20
C PHE D 165 -5.01 14.94 18.30
N LYS D 166 -4.86 15.19 17.00
CA LYS D 166 -5.88 14.90 16.02
CA LYS D 166 -5.89 14.90 16.00
C LYS D 166 -5.42 13.72 15.17
N ASP D 167 -6.30 12.73 14.98
CA ASP D 167 -5.96 11.58 14.12
C ASP D 167 -6.68 11.59 12.78
N GLY D 168 -5.88 11.52 11.72
CA GLY D 168 -6.38 11.28 10.39
C GLY D 168 -5.86 9.99 9.74
N THR D 169 -5.27 9.08 10.52
CA THR D 169 -4.76 7.79 9.97
C THR D 169 -5.81 6.70 9.95
N GLY D 170 -6.74 6.72 10.89
CA GLY D 170 -7.66 5.60 11.03
C GLY D 170 -7.03 4.36 11.64
N ASP D 171 -5.80 4.49 12.12
CA ASP D 171 -5.06 3.39 12.74
C ASP D 171 -5.47 3.28 14.21
N ILE D 172 -6.51 2.47 14.43
N ILE D 172 -6.53 2.50 14.48
CA ILE D 172 -7.13 2.33 15.74
CA ILE D 172 -7.07 2.43 15.84
C ILE D 172 -6.16 1.73 16.76
C ILE D 172 -6.11 1.74 16.81
N GLY D 173 -5.31 0.80 16.31
CA GLY D 173 -4.32 0.19 17.14
C GLY D 173 -3.38 1.24 17.73
N LEU D 174 -2.86 2.09 16.85
CA LEU D 174 -1.94 3.15 17.28
C LEU D 174 -2.60 4.19 18.16
N VAL D 175 -3.79 4.67 17.77
CA VAL D 175 -4.40 5.74 18.56
C VAL D 175 -4.79 5.27 19.97
N ARG D 176 -5.18 4.01 20.12
CA ARG D 176 -5.48 3.51 21.46
C ARG D 176 -4.23 3.46 22.32
N GLN D 177 -3.09 3.15 21.72
CA GLN D 177 -1.83 3.11 22.45
C GLN D 177 -1.45 4.52 22.91
N ILE D 178 -1.72 5.50 22.04
CA ILE D 178 -1.44 6.90 22.35
C ILE D 178 -2.29 7.37 23.52
N THR D 179 -3.59 7.09 23.49
CA THR D 179 -4.44 7.54 24.60
C THR D 179 -4.08 6.80 25.91
N ALA D 180 -3.70 5.53 25.83
CA ALA D 180 -3.24 4.82 27.03
C ALA D 180 -1.97 5.42 27.61
N LYS D 181 -1.07 5.88 26.74
CA LYS D 181 0.20 6.42 27.18
C LYS D 181 0.06 7.82 27.77
N MET D 182 -0.70 8.69 27.12
CA MET D 182 -0.76 10.09 27.54
C MET D 182 -1.90 10.39 28.50
N GLY D 183 -2.99 9.63 28.44
CA GLY D 183 -4.14 9.93 29.28
C GLY D 183 -4.65 11.35 29.12
N ASP D 184 -4.94 11.99 30.24
CA ASP D 184 -5.56 13.31 30.16
C ASP D 184 -4.57 14.45 29.86
N ARG D 185 -3.31 14.12 29.59
CA ARG D 185 -2.31 15.10 29.17
C ARG D 185 -2.71 15.79 27.86
N LEU D 186 -3.42 15.06 26.99
CA LEU D 186 -3.90 15.59 25.72
C LEU D 186 -5.39 15.43 25.55
N MET D 187 -5.99 16.32 24.75
CA MET D 187 -7.36 16.16 24.24
C MET D 187 -7.27 15.46 22.89
N TYR D 188 -8.10 14.45 22.70
CA TYR D 188 -8.03 13.59 21.52
C TYR D 188 -9.15 13.93 20.56
N LEU D 189 -8.76 14.27 19.32
CA LEU D 189 -9.69 14.77 18.33
C LEU D 189 -9.77 13.84 17.10
N GLY D 190 -10.94 13.30 16.83
CA GLY D 190 -11.10 12.49 15.63
C GLY D 190 -10.97 13.35 14.38
N GLY D 191 -10.24 12.87 13.38
CA GLY D 191 -9.97 13.67 12.20
C GLY D 191 -10.05 12.97 10.88
N MET D 192 -10.75 11.85 10.83
CA MET D 192 -10.97 11.19 9.56
C MET D 192 -11.88 12.07 8.70
N PRO D 193 -11.80 11.87 7.38
N PRO D 193 -11.75 12.02 7.36
CA PRO D 193 -12.80 12.43 6.47
CA PRO D 193 -12.38 13.14 6.61
C PRO D 193 -14.19 11.91 6.84
C PRO D 193 -13.91 13.33 6.81
N THR D 194 -15.14 12.81 6.98
N THR D 194 -14.66 12.25 6.96
CA THR D 194 -16.50 12.45 7.39
CA THR D 194 -16.06 12.31 7.32
C THR D 194 -16.43 11.65 8.71
C THR D 194 -16.19 11.58 8.66
N ALA D 195 -15.92 12.30 9.74
CA ALA D 195 -15.56 11.66 10.98
C ALA D 195 -16.71 10.96 11.70
N GLU D 196 -17.95 11.32 11.39
CA GLU D 196 -19.08 10.62 12.01
C GLU D 196 -19.07 9.13 11.70
N LEU D 197 -18.49 8.75 10.56
CA LEU D 197 -18.40 7.35 10.16
C LEU D 197 -17.50 6.53 11.12
N PHE D 198 -16.69 7.24 11.89
CA PHE D 198 -15.71 6.63 12.80
C PHE D 198 -15.98 6.91 14.28
N ALA D 199 -16.93 7.79 14.56
CA ALA D 199 -17.05 8.37 15.91
C ALA D 199 -17.37 7.36 17.00
N GLU D 200 -18.27 6.42 16.72
CA GLU D 200 -18.64 5.46 17.75
C GLU D 200 -17.46 4.56 18.10
N ALA D 201 -16.72 4.10 17.08
CA ALA D 201 -15.51 3.32 17.33
C ALA D 201 -14.45 4.12 18.06
N TYR D 202 -14.33 5.38 17.69
CA TYR D 202 -13.30 6.21 18.32
C TYR D 202 -13.58 6.51 19.79
N LEU D 203 -14.84 6.44 20.22
CA LEU D 203 -15.15 6.56 21.65
C LEU D 203 -14.33 5.55 22.43
N GLY D 204 -14.37 4.30 21.99
CA GLY D 204 -13.65 3.26 22.69
C GLY D 204 -12.15 3.44 22.68
N ALA D 205 -11.64 4.06 21.63
CA ALA D 205 -10.22 4.40 21.54
C ALA D 205 -9.82 5.54 22.49
N GLY D 206 -10.82 6.27 22.98
CA GLY D 206 -10.60 7.36 23.93
C GLY D 206 -10.89 8.77 23.43
N PHE D 207 -11.58 8.88 22.30
CA PHE D 207 -11.87 10.16 21.65
C PHE D 207 -13.37 10.47 21.76
N THR D 208 -13.72 11.63 22.33
CA THR D 208 -15.13 11.99 22.48
C THR D 208 -15.53 13.21 21.65
N THR D 209 -14.65 13.65 20.77
CA THR D 209 -15.01 14.66 19.80
C THR D 209 -14.24 14.46 18.54
N TYR D 210 -14.58 15.25 17.52
CA TYR D 210 -14.02 15.14 16.20
C TYR D 210 -14.38 16.39 15.39
N SER D 211 -13.67 16.57 14.30
CA SER D 211 -14.06 17.58 13.32
CA SER D 211 -14.05 17.56 13.30
C SER D 211 -15.27 17.06 12.56
N SER D 212 -16.35 17.84 12.54
CA SER D 212 -17.49 17.51 11.69
C SER D 212 -17.47 18.42 10.47
N ALA D 213 -16.92 17.95 9.36
CA ALA D 213 -16.88 18.76 8.15
C ALA D 213 -18.30 19.10 7.70
N VAL D 214 -19.24 18.18 7.85
CA VAL D 214 -20.59 18.47 7.34
C VAL D 214 -21.33 19.52 8.18
N PHE D 215 -20.83 19.81 9.39
CA PHE D 215 -21.37 20.89 10.23
C PHE D 215 -21.36 22.21 9.42
N ASN D 216 -20.44 22.32 8.45
CA ASN D 216 -20.44 23.47 7.52
C ASN D 216 -21.80 23.77 6.91
N PHE D 217 -22.58 22.74 6.60
CA PHE D 217 -23.81 22.96 5.85
C PHE D 217 -25.05 22.32 6.44
N VAL D 218 -24.88 21.30 7.29
CA VAL D 218 -25.98 20.76 8.07
C VAL D 218 -25.60 20.71 9.55
N PRO D 219 -25.33 21.88 10.13
CA PRO D 219 -24.91 21.92 11.52
C PRO D 219 -25.92 21.32 12.50
N GLY D 220 -27.22 21.43 12.19
CA GLY D 220 -28.23 20.92 13.09
C GLY D 220 -28.18 19.39 13.14
N LEU D 221 -27.99 18.78 11.98
CA LEU D 221 -27.91 17.31 11.87
C LEU D 221 -26.64 16.82 12.54
N ALA D 222 -25.55 17.54 12.33
CA ALA D 222 -24.27 17.20 12.95
C ALA D 222 -24.38 17.25 14.46
N ASN D 223 -25.04 18.29 14.98
CA ASN D 223 -25.29 18.39 16.41
C ASN D 223 -26.16 17.24 16.91
N GLU D 224 -27.13 16.84 16.11
CA GLU D 224 -28.05 15.76 16.50
C GLU D 224 -27.30 14.45 16.64
N PHE D 225 -26.45 14.16 15.67
CA PHE D 225 -25.61 12.97 15.74
C PHE D 225 -24.70 13.01 16.96
N TYR D 226 -24.02 14.14 17.18
CA TYR D 226 -23.10 14.28 18.30
C TYR D 226 -23.78 14.08 19.65
N ALA D 227 -24.94 14.69 19.83
CA ALA D 227 -25.68 14.54 21.09
C ALA D 227 -26.05 13.08 21.31
N ALA D 228 -26.48 12.40 20.25
CA ALA D 228 -26.83 10.98 20.36
C ALA D 228 -25.60 10.13 20.69
N LEU D 229 -24.48 10.44 20.04
CA LEU D 229 -23.22 9.76 20.33
C LEU D 229 -22.88 9.82 21.83
N ARG D 230 -22.89 11.04 22.37
CA ARG D 230 -22.48 11.23 23.75
C ARG D 230 -23.51 10.65 24.73
N ALA D 231 -24.75 10.56 24.29
CA ALA D 231 -25.82 10.01 25.12
C ALA D 231 -25.91 8.47 25.02
N GLY D 232 -25.16 7.86 24.11
CA GLY D 232 -25.23 6.41 23.93
C GLY D 232 -26.46 5.91 23.20
N GLU D 233 -27.10 6.82 22.46
CA GLU D 233 -28.29 6.51 21.67
CA GLU D 233 -28.28 6.51 21.68
C GLU D 233 -27.91 5.94 20.31
N ARG D 234 -27.56 4.66 20.30
CA ARG D 234 -27.02 4.01 19.12
C ARG D 234 -27.98 3.98 17.94
N ALA D 235 -29.27 3.75 18.19
CA ALA D 235 -30.23 3.66 17.11
C ALA D 235 -30.36 5.01 16.38
N THR D 236 -30.24 6.10 17.12
CA THR D 236 -30.25 7.42 16.50
C THR D 236 -29.00 7.66 15.67
N CYS D 237 -27.82 7.37 16.24
CA CYS D 237 -26.61 7.48 15.43
C CYS D 237 -26.71 6.65 14.15
N GLU D 238 -27.18 5.42 14.29
CA GLU D 238 -27.26 4.51 13.18
C GLU D 238 -28.25 4.98 12.10
N ARG D 239 -29.39 5.51 12.52
CA ARG D 239 -30.35 6.08 11.57
C ARG D 239 -29.68 7.18 10.74
N ILE D 240 -28.96 8.06 11.42
CA ILE D 240 -28.34 9.19 10.72
C ILE D 240 -27.23 8.69 9.78
N LEU D 241 -26.47 7.69 10.22
CA LEU D 241 -25.46 7.08 9.36
C LEU D 241 -26.11 6.51 8.10
N VAL D 242 -27.18 5.73 8.29
CA VAL D 242 -27.81 5.07 7.16
C VAL D 242 -28.51 6.06 6.23
N ASP D 243 -29.18 7.05 6.81
CA ASP D 243 -30.00 7.98 6.02
C ASP D 243 -29.22 9.17 5.44
N PHE D 244 -28.11 9.56 6.08
CA PHE D 244 -27.33 10.71 5.60
C PHE D 244 -25.86 10.37 5.29
N PHE D 245 -25.14 9.83 6.26
CA PHE D 245 -23.70 9.73 6.06
C PHE D 245 -23.23 8.74 5.01
N TYR D 246 -23.78 7.52 4.97
CA TYR D 246 -23.36 6.62 3.89
C TYR D 246 -23.77 7.12 2.48
N PRO D 247 -24.99 7.65 2.34
CA PRO D 247 -25.28 8.31 1.06
C PRO D 247 -24.33 9.48 0.75
N PHE D 248 -23.95 10.27 1.75
CA PHE D 248 -22.97 11.34 1.52
C PHE D 248 -21.63 10.75 1.07
N MET D 249 -21.21 9.69 1.75
CA MET D 249 -19.98 8.99 1.43
CA MET D 249 -19.98 9.02 1.43
C MET D 249 -19.97 8.51 -0.02
N ALA D 250 -21.14 8.05 -0.49
CA ALA D 250 -21.24 7.57 -1.86
C ALA D 250 -20.96 8.70 -2.88
N ILE D 251 -21.40 9.92 -2.56
CA ILE D 251 -21.14 11.08 -3.41
C ILE D 251 -19.67 11.45 -3.29
N ARG D 252 -19.19 11.53 -2.06
CA ARG D 252 -17.81 11.87 -1.76
CA ARG D 252 -17.81 11.88 -1.76
C ARG D 252 -16.82 10.96 -2.47
N ASN D 253 -17.16 9.68 -2.57
CA ASN D 253 -16.21 8.74 -3.13
C ASN D 253 -16.14 8.74 -4.67
N ARG D 254 -16.96 9.56 -5.32
CA ARG D 254 -16.95 9.64 -6.78
C ARG D 254 -15.66 10.24 -7.39
N ALA D 255 -14.92 11.05 -6.63
CA ALA D 255 -13.67 11.62 -7.11
C ALA D 255 -12.73 12.01 -5.97
N LYS D 256 -11.45 12.02 -6.29
CA LYS D 256 -10.45 12.43 -5.32
C LYS D 256 -10.71 13.88 -4.91
N GLY D 257 -10.49 14.14 -3.63
CA GLY D 257 -10.65 15.47 -3.09
C GLY D 257 -12.06 15.89 -2.71
N TYR D 258 -13.06 15.07 -2.99
CA TYR D 258 -14.45 15.45 -2.69
C TYR D 258 -14.77 15.54 -1.20
N ALA D 259 -13.89 15.04 -0.33
CA ALA D 259 -14.10 15.24 1.10
C ALA D 259 -14.16 16.73 1.41
N VAL D 260 -13.46 17.51 0.58
CA VAL D 260 -13.51 18.98 0.68
C VAL D 260 -14.52 19.53 -0.32
N SER D 261 -14.42 19.12 -1.59
CA SER D 261 -15.29 19.69 -2.63
C SER D 261 -16.77 19.51 -2.35
N ALA D 262 -17.17 18.35 -1.82
CA ALA D 262 -18.59 18.13 -1.57
C ALA D 262 -19.12 18.98 -0.43
N VAL D 263 -18.28 19.22 0.56
CA VAL D 263 -18.65 20.04 1.69
C VAL D 263 -18.83 21.47 1.20
N LYS D 264 -17.92 21.94 0.35
CA LYS D 264 -18.03 23.30 -0.15
C LYS D 264 -19.29 23.45 -1.01
N ALA D 265 -19.58 22.42 -1.80
CA ALA D 265 -20.82 22.38 -2.57
C ALA D 265 -22.04 22.50 -1.66
N GLY D 266 -22.01 21.81 -0.52
CA GLY D 266 -23.10 21.90 0.43
C GLY D 266 -23.29 23.30 0.97
N VAL D 267 -22.18 23.98 1.22
CA VAL D 267 -22.22 25.33 1.76
C VAL D 267 -22.88 26.26 0.75
N ARG D 268 -22.53 26.12 -0.52
CA ARG D 268 -23.12 26.96 -1.57
C ARG D 268 -24.63 26.68 -1.72
N LEU D 269 -25.01 25.41 -1.57
CA LEU D 269 -26.42 25.03 -1.63
C LEU D 269 -27.26 25.66 -0.52
N GLN D 270 -26.63 26.01 0.59
N GLN D 270 -26.62 26.02 0.58
CA GLN D 270 -27.33 26.65 1.71
CA GLN D 270 -27.29 26.67 1.72
C GLN D 270 -27.29 28.17 1.59
C GLN D 270 -27.37 28.17 1.55
N GLY D 271 -26.88 28.68 0.43
CA GLY D 271 -26.94 30.10 0.12
C GLY D 271 -25.76 30.97 0.54
N PHE D 272 -24.64 30.34 0.88
CA PHE D 272 -23.41 31.08 1.12
C PHE D 272 -22.51 31.10 -0.11
N ASN D 273 -21.96 32.27 -0.40
N ASN D 273 -21.94 32.26 -0.44
CA ASN D 273 -21.12 32.47 -1.56
CA ASN D 273 -21.17 32.38 -1.68
C ASN D 273 -19.69 32.00 -1.30
C ASN D 273 -19.72 31.93 -1.52
N ALA D 274 -19.54 30.69 -1.09
CA ALA D 274 -18.22 30.16 -0.80
C ALA D 274 -17.30 30.06 -2.00
N GLY D 275 -17.85 30.07 -3.21
CA GLY D 275 -17.05 30.04 -4.41
C GLY D 275 -16.50 28.65 -4.73
N PRO D 276 -15.63 28.58 -5.72
CA PRO D 276 -15.03 27.32 -6.15
C PRO D 276 -13.92 26.86 -5.23
N VAL D 277 -13.58 25.58 -5.31
CA VAL D 277 -12.34 25.11 -4.73
C VAL D 277 -11.18 25.58 -5.61
N ARG D 278 -10.00 25.69 -5.00
CA ARG D 278 -8.77 25.94 -5.74
C ARG D 278 -8.19 24.64 -6.27
N ALA D 279 -7.68 24.71 -7.50
CA ALA D 279 -6.92 23.60 -8.06
C ALA D 279 -5.78 23.29 -7.09
N PRO D 280 -5.36 22.02 -6.99
CA PRO D 280 -5.79 20.87 -7.82
C PRO D 280 -7.06 20.13 -7.35
N LEU D 281 -7.81 20.62 -6.38
CA LEU D 281 -9.17 20.13 -6.20
C LEU D 281 -10.05 20.52 -7.40
N LYS D 282 -11.14 19.77 -7.59
N LYS D 282 -11.13 19.77 -7.61
CA LYS D 282 -12.17 20.09 -8.58
CA LYS D 282 -12.16 20.15 -8.58
C LYS D 282 -13.55 20.12 -7.93
C LYS D 282 -13.54 20.13 -7.94
N ASP D 283 -14.42 20.99 -8.42
CA ASP D 283 -15.77 21.08 -7.88
C ASP D 283 -16.66 19.94 -8.37
N LEU D 284 -17.72 19.66 -7.63
CA LEU D 284 -18.73 18.69 -8.06
C LEU D 284 -19.35 19.11 -9.39
N THR D 285 -19.78 18.14 -10.18
CA THR D 285 -20.56 18.41 -11.38
C THR D 285 -21.96 18.86 -10.99
N ASN D 286 -22.70 19.46 -11.93
CA ASN D 286 -24.07 19.84 -11.64
C ASN D 286 -24.92 18.63 -11.21
N GLU D 287 -24.67 17.48 -11.84
CA GLU D 287 -25.38 16.26 -11.49
C GLU D 287 -25.15 15.91 -10.01
N GLU D 288 -23.88 15.95 -9.62
CA GLU D 288 -23.48 15.64 -8.25
C GLU D 288 -24.03 16.65 -7.24
N ILE D 289 -24.00 17.93 -7.60
CA ILE D 289 -24.61 18.96 -6.78
C ILE D 289 -26.08 18.65 -6.55
N GLY D 290 -26.77 18.21 -7.61
CA GLY D 290 -28.18 17.85 -7.49
C GLY D 290 -28.43 16.70 -6.52
N MET D 291 -27.57 15.69 -6.59
CA MET D 291 -27.63 14.57 -5.66
C MET D 291 -27.45 15.05 -4.22
N LEU D 292 -26.47 15.92 -3.99
CA LEU D 292 -26.25 16.44 -2.65
C LEU D 292 -27.45 17.26 -2.15
N GLU D 293 -28.02 18.08 -3.04
CA GLU D 293 -29.17 18.89 -2.67
C GLU D 293 -30.35 18.01 -2.24
N ALA D 294 -30.58 16.94 -3.01
CA ALA D 294 -31.65 16.00 -2.68
C ALA D 294 -31.38 15.33 -1.34
N LEU D 295 -30.13 14.99 -1.08
CA LEU D 295 -29.75 14.37 0.20
C LEU D 295 -29.93 15.32 1.38
N ILE D 296 -29.54 16.57 1.20
CA ILE D 296 -29.74 17.57 2.24
C ILE D 296 -31.23 17.69 2.58
N GLY D 297 -32.08 17.57 1.58
CA GLY D 297 -33.53 17.63 1.79
C GLY D 297 -34.04 18.70 2.74
N THR D 298 -34.78 18.29 3.76
CA THR D 298 -35.45 19.20 4.69
C THR D 298 -34.51 19.93 5.65
N HIS D 299 -33.20 19.75 5.45
CA HIS D 299 -32.20 20.53 6.17
C HIS D 299 -31.80 21.80 5.41
N LYS D 300 -32.45 22.04 4.27
CA LYS D 300 -32.21 23.24 3.48
C LYS D 300 -32.46 24.48 4.35
N ARG D 301 -31.66 25.52 4.16
CA ARG D 301 -31.79 26.74 4.96
C ARG D 301 -32.80 27.70 4.35
C PYR E . -7.50 -16.63 12.88
O PYR E . -7.99 -17.45 12.02
OXT PYR E . -6.40 -16.97 13.53
CA PYR E . -8.19 -15.44 13.12
CB PYR E . -7.59 -14.39 14.02
HB1 PYR E . -8.01 -13.42 13.77
HB2 PYR E . -6.51 -14.37 13.87
HB3 PYR E . -7.82 -14.63 15.06
C1 GOL F . -22.65 -8.32 18.97
O1 GOL F . -22.88 -8.43 20.37
C2 GOL F . -22.40 -9.69 18.37
O2 GOL F . -22.45 -9.57 16.95
C3 GOL F . -21.06 -10.29 18.78
O3 GOL F . -20.02 -9.38 18.48
H11 GOL F . -21.79 -7.68 18.78
H12 GOL F . -23.53 -7.86 18.49
HO1 GOL F . -22.97 -7.53 20.75
H2 GOL F . -23.19 -10.36 18.70
HO2 GOL F . -21.70 -9.00 16.65
H31 GOL F . -20.90 -11.23 18.25
H32 GOL F . -21.06 -10.50 19.85
HO3 GOL F . -19.16 -9.81 18.66
C1 GOL G . -15.64 -15.57 28.39
O1 GOL G . -15.72 -16.59 27.43
C2 GOL G . -16.25 -15.97 29.73
O2 GOL G . -17.55 -16.48 29.55
C3 GOL G . -15.39 -17.00 30.45
O3 GOL G . -15.56 -16.88 31.86
H11 GOL G . -14.58 -15.31 28.54
H12 GOL G . -16.14 -14.68 28.01
HO1 GOL G . -15.38 -16.27 26.58
H2 GOL G . -16.31 -15.08 30.36
HO2 GOL G . -17.50 -17.30 29.02
H31 GOL G . -15.67 -18.00 30.14
H32 GOL G . -14.34 -16.85 30.19
HO3 GOL G . -15.05 -16.10 32.18
C1 GOL H . -7.72 7.40 27.94
C1 GOL H . -7.17 7.19 27.93
O1 GOL H . -8.68 7.11 26.94
O1 GOL H . -8.15 6.82 26.99
C2 GOL H . -8.35 7.20 29.31
C2 GOL H . -7.77 7.12 29.32
O2 GOL H . -8.47 5.81 29.57
O2 GOL H . -8.18 5.78 29.54
C3 GOL H . -7.50 7.88 30.38
C3 GOL H . -6.79 7.57 30.39
O3 GOL H . -7.38 9.26 30.10
O3 GOL H . -5.52 6.98 30.19
H11 GOL H . -7.37 8.43 27.84
H11 GOL H . -6.84 8.22 27.73
H12 GOL H . -6.86 6.73 27.83
H12 GOL H . -6.30 6.54 27.86
HO1 GOL H . -8.30 7.30 26.06
HO1 GOL H . -7.80 6.92 26.08
H2 GOL H . -9.34 7.66 29.31
H2 GOL H . -8.65 7.76 29.36
HO2 GOL H . -7.58 5.40 29.58
HO2 GOL H . -7.38 5.20 29.53
H31 GOL H . -6.50 7.42 30.39
H31 GOL H . -7.16 7.29 31.37
H32 GOL H . -7.96 7.73 31.35
H32 GOL H . -6.69 8.65 30.35
HO3 GOL H . -8.11 9.53 29.50
HO3 GOL H . -5.23 6.54 31.01
C1 GOL I . -1.88 -19.32 33.87
C1 GOL I . -1.99 -19.35 33.98
O1 GOL I . -1.22 -18.83 35.02
O1 GOL I . -2.81 -20.10 34.84
C2 GOL I . -2.50 -18.18 33.04
C2 GOL I . -2.79 -18.41 33.08
O2 GOL I . -3.76 -18.55 32.53
O2 GOL I . -4.05 -18.95 32.73
C3 GOL I . -2.66 -16.88 33.82
C3 GOL I . -2.90 -17.01 33.68
O3 GOL I . -3.41 -15.96 33.05
O3 GOL I . -3.68 -16.98 34.86
H11 GOL I . -2.67 -20.01 34.18
H11 GOL I . -1.41 -20.03 33.36
H12 GOL I . -1.17 -19.87 33.25
H12 GOL I . -1.27 -18.77 34.57
HO1 GOL I . -0.90 -19.59 35.56
HO1 GOL I . -2.26 -20.74 35.36
H2 GOL I . -1.83 -17.99 32.20
H2 GOL I . -2.22 -18.31 32.15
HO2 GOL I . -4.39 -18.66 33.28
HO2 GOL I . -4.61 -18.99 33.53
H31 GOL I . -1.67 -16.46 34.04
H31 GOL I . -3.34 -16.34 32.94
H32 GOL I . -3.15 -17.07 34.76
H32 GOL I . -1.90 -16.65 33.91
HO3 GOL I . -3.62 -15.18 33.61
HO3 GOL I . -4.03 -16.07 35.00
C FMT J . -2.27 -15.55 10.38
O1 FMT J . -1.96 -14.52 9.76
O2 FMT J . -3.41 -15.78 10.78
H FMT J . -1.50 -16.30 10.58
HO2 FMT J . -4.12 -15.13 10.62
C1 GOL K . -24.31 -11.16 21.14
O1 GOL K . -25.31 -10.47 20.40
C2 GOL K . -24.60 -11.01 22.61
O2 GOL K . -25.02 -12.27 23.08
C3 GOL K . -23.36 -10.57 23.38
O3 GOL K . -23.66 -10.01 24.63
H11 GOL K . -23.33 -10.73 20.91
H12 GOL K . -24.29 -12.21 20.85
HO1 GOL K . -25.10 -10.50 19.44
H2 GOL K . -25.38 -10.27 22.75
HO2 GOL K . -24.31 -12.92 22.97
H31 GOL K . -22.81 -9.84 22.79
H32 GOL K . -22.70 -11.42 23.52
HO3 GOL K . -23.14 -10.47 25.33
C PYR L . 1.94 -16.85 -14.62
O PYR L . 0.84 -16.70 -15.34
OXT PYR L . 2.08 -17.82 -13.77
CA PYR L . 3.01 -15.97 -14.76
CB PYR L . 2.80 -14.71 -15.56
HB1 PYR L . 3.57 -13.99 -15.30
HB2 PYR L . 1.82 -14.30 -15.35
HB3 PYR L . 2.88 -14.95 -16.63
C1 GOL M . -3.83 -15.35 -35.56
O1 GOL M . -3.22 -16.14 -36.58
C2 GOL M . -2.80 -14.58 -34.74
O2 GOL M . -1.81 -15.45 -34.21
C3 GOL M . -2.08 -13.50 -35.53
O3 GOL M . -1.34 -12.68 -34.61
H11 GOL M . -4.40 -16.01 -34.90
H12 GOL M . -4.53 -14.66 -36.03
HO1 GOL M . -3.90 -16.68 -37.05
H2 GOL M . -3.33 -14.10 -33.92
HO2 GOL M . -1.29 -15.84 -34.94
H31 GOL M . -2.80 -12.89 -36.07
H32 GOL M . -1.40 -13.95 -36.25
HO3 GOL M . -0.58 -12.26 -35.07
C1 GOL N . 16.95 -14.81 -19.93
O1 GOL N . 16.30 -13.61 -19.56
C2 GOL N . 18.40 -14.78 -19.46
O2 GOL N . 18.39 -14.81 -18.05
C3 GOL N . 19.16 -13.53 -19.90
O3 GOL N . 19.36 -13.54 -21.32
H11 GOL N . 16.92 -14.93 -21.02
H12 GOL N . 16.43 -15.66 -19.48
HO1 GOL N . 15.39 -13.61 -19.92
H2 GOL N . 18.92 -15.67 -19.84
HO2 GOL N . 19.32 -14.82 -17.72
H31 GOL N . 20.12 -13.49 -19.40
H32 GOL N . 18.59 -12.65 -19.62
HO3 GOL N . 19.05 -14.40 -21.69
C1 GOL O . 9.84 7.99 -29.45
C1 GOL O . 10.77 7.94 -29.28
O1 GOL O . 8.45 7.76 -29.39
O1 GOL O . 11.26 9.16 -28.75
C2 GOL O . 10.59 7.10 -28.44
C2 GOL O . 11.14 6.74 -28.41
O2 GOL O . 10.35 5.73 -28.69
O2 GOL O . 10.68 5.55 -29.01
C3 GOL O . 10.16 7.42 -27.03
C3 GOL O . 10.54 6.90 -27.02
O3 GOL O . 10.87 6.59 -26.13
O3 GOL O . 11.37 6.21 -26.10
H11 GOL O . 10.05 9.03 -29.22
H11 GOL O . 11.19 7.79 -30.28
H12 GOL O . 10.21 7.79 -30.46
H12 GOL O . 9.69 7.99 -29.38
HO1 GOL O . 7.99 8.39 -29.98
HO1 GOL O . 11.05 9.89 -29.37
H2 GOL O . 11.66 7.31 -28.54
H2 GOL O . 12.22 6.71 -28.31
HO2 GOL O . 10.85 5.19 -28.05
HO2 GOL O . 10.94 4.79 -28.44
H31 GOL O . 9.09 7.24 -26.91
H31 GOL O . 9.53 6.48 -27.00
H32 GOL O . 10.36 8.46 -26.80
H32 GOL O . 10.48 7.95 -26.74
HO3 GOL O . 11.74 7.00 -25.93
HO3 GOL O . 12.31 6.45 -26.26
C FMT P . -2.47 -14.63 -12.08
O1 FMT P . -1.32 -14.92 -12.42
O2 FMT P . -2.74 -13.56 -11.50
H FMT P . -3.30 -15.32 -12.27
C PYR Q . 15.21 15.74 -6.81
O PYR Q . 14.48 16.82 -6.86
OXT PYR Q . 16.12 15.59 -5.88
CA PYR Q . 15.00 14.75 -7.77
CB PYR Q . 15.62 13.40 -7.57
HB1 PYR Q . 15.06 12.67 -8.13
HB2 PYR Q . 15.59 13.15 -6.51
HB3 PYR Q . 16.65 13.42 -7.91
C1 GOL R . 16.03 10.61 -24.40
O1 GOL R . 17.35 10.44 -24.87
C2 GOL R . 15.82 11.95 -23.72
O2 GOL R . 14.44 12.09 -23.47
C3 GOL R . 16.63 12.09 -22.44
O3 GOL R . 16.41 10.99 -21.58
H11 GOL R . 15.79 9.81 -23.71
H12 GOL R . 15.34 10.53 -25.25
HO1 GOL R . 17.45 9.55 -25.25
H2 GOL R . 16.15 12.73 -24.40
HO2 GOL R . 14.16 11.41 -22.82
H31 GOL R . 16.33 13.01 -21.93
H32 GOL R . 17.68 12.16 -22.68
HO3 GOL R . 16.94 11.09 -20.76
C FMT S . 13.81 13.71 -1.39
O1 FMT S . 13.74 14.29 -2.48
O2 FMT S . 12.94 12.92 -0.99
H FMT S . 14.68 13.91 -0.77
C PYR T . -9.01 19.10 8.92
O PYR T . -9.95 19.44 8.06
OXT PYR T . -7.89 19.77 9.01
CA PYR T . -9.19 18.02 9.76
CB PYR T . -10.34 17.08 9.51
HB1 PYR T . -10.23 16.19 10.14
HB2 PYR T . -10.34 16.78 8.46
HB3 PYR T . -11.28 17.58 9.74
C1 GOL U . -26.88 -2.45 16.30
O1 GOL U . -26.51 -1.12 16.04
C2 GOL U . -26.50 -3.24 15.08
O2 GOL U . -27.46 -2.95 14.07
C3 GOL U . -25.11 -2.84 14.60
O3 GOL U . -24.12 -2.78 15.63
H11 GOL U . -26.34 -2.83 17.18
H12 GOL U . -27.95 -2.52 16.48
HO1 GOL U . -26.80 -0.55 16.79
H2 GOL U . -26.50 -4.30 15.32
HO2 GOL U . -27.45 -1.99 13.86
H31 GOL U . -24.78 -3.54 13.84
H32 GOL U . -25.17 -1.85 14.12
HO3 GOL U . -24.40 -2.14 16.31
C1 GOL V . -15.60 15.02 27.88
O1 GOL V . -16.53 15.74 27.12
C2 GOL V . -14.27 15.76 27.92
O2 GOL V . -14.46 17.08 28.38
C3 GOL V . -13.36 15.03 28.91
O3 GOL V . -12.04 15.51 28.83
H11 GOL V . -15.97 14.89 28.90
H12 GOL V . -15.45 14.03 27.46
HO1 GOL V . -17.36 15.22 27.04
H2 GOL V . -13.81 15.75 26.94
HO2 GOL V . -14.87 17.08 29.27
H31 GOL V . -13.74 15.15 29.93
H32 GOL V . -13.37 13.96 28.69
HO3 GOL V . -11.42 14.78 28.96
C1 GOL W . -11.58 12.76 25.96
O1 GOL W . -12.92 12.99 26.36
C2 GOL W . -10.96 14.01 25.33
O2 GOL W . -9.63 13.75 24.96
C3 GOL W . -11.72 14.50 24.12
O3 GOL W . -11.83 13.51 23.12
H11 GOL W . -11.55 11.93 25.25
H12 GOL W . -10.99 12.47 26.83
HO1 GOL W . -13.31 12.15 26.70
H2 GOL W . -10.97 14.80 26.08
HO2 GOL W . -9.61 13.08 24.25
H31 GOL W . -11.21 15.38 23.71
H32 GOL W . -12.72 14.82 24.43
HO3 GOL W . -12.26 13.89 22.33
C FMT X . -8.25 17.56 3.39
O1 FMT X . -7.86 16.51 2.85
O2 FMT X . -8.16 17.72 4.61
H FMT X . -8.68 18.37 2.79
#